data_2BEE
# 
_entry.id   2BEE 
# 
_audit_conform.dict_name       mmcif_pdbx.dic 
_audit_conform.dict_version    5.387 
_audit_conform.dict_location   http://mmcif.pdb.org/dictionaries/ascii/mmcif_pdbx.dic 
# 
loop_
_database_2.database_id 
_database_2.database_code 
_database_2.pdbx_database_accession 
_database_2.pdbx_DOI 
PDB   2BEE         pdb_00002bee 10.2210/pdb2bee/pdb 
NDB   DR0020       ?            ?                   
RCSB  RCSB034996   ?            ?                   
WWPDB D_1000034996 ?            ?                   
# 
loop_
_pdbx_audit_revision_history.ordinal 
_pdbx_audit_revision_history.data_content_type 
_pdbx_audit_revision_history.major_revision 
_pdbx_audit_revision_history.minor_revision 
_pdbx_audit_revision_history.revision_date 
1 'Structure model' 1 0 2005-12-20 
2 'Structure model' 1 1 2008-05-01 
3 'Structure model' 1 2 2011-07-13 
4 'Structure model' 1 3 2022-03-09 
5 'Structure model' 1 4 2023-08-23 
6 'Structure model' 1 5 2024-03-13 
# 
_pdbx_audit_revision_details.ordinal             1 
_pdbx_audit_revision_details.revision_ordinal    1 
_pdbx_audit_revision_details.data_content_type   'Structure model' 
_pdbx_audit_revision_details.provider            repository 
_pdbx_audit_revision_details.type                'Initial release' 
_pdbx_audit_revision_details.description         ? 
_pdbx_audit_revision_details.details             ? 
# 
loop_
_pdbx_audit_revision_group.ordinal 
_pdbx_audit_revision_group.revision_ordinal 
_pdbx_audit_revision_group.data_content_type 
_pdbx_audit_revision_group.group 
1 2 'Structure model' 'Version format compliance' 
2 3 'Structure model' 'Version format compliance' 
3 4 'Structure model' 'Database references'       
4 4 'Structure model' 'Derived calculations'      
5 4 'Structure model' 'Structure summary'         
6 5 'Structure model' 'Data collection'           
7 5 'Structure model' 'Refinement description'    
8 6 'Structure model' 'Source and taxonomy'       
# 
loop_
_pdbx_audit_revision_category.ordinal 
_pdbx_audit_revision_category.revision_ordinal 
_pdbx_audit_revision_category.data_content_type 
_pdbx_audit_revision_category.category 
1  4 'Structure model' chem_comp                     
2  4 'Structure model' database_2                    
3  4 'Structure model' entity                        
4  4 'Structure model' pdbx_entity_nonpoly           
5  4 'Structure model' pdbx_molecule_features        
6  4 'Structure model' struct_site                   
7  5 'Structure model' chem_comp_atom                
8  5 'Structure model' chem_comp_bond                
9  5 'Structure model' pdbx_initial_refinement_model 
10 6 'Structure model' pdbx_entity_src_syn           
# 
loop_
_pdbx_audit_revision_item.ordinal 
_pdbx_audit_revision_item.revision_ordinal 
_pdbx_audit_revision_item.data_content_type 
_pdbx_audit_revision_item.item 
1  4 'Structure model' '_chem_comp.name'                     
2  4 'Structure model' '_chem_comp.pdbx_synonyms'            
3  4 'Structure model' '_database_2.pdbx_DOI'                
4  4 'Structure model' '_database_2.pdbx_database_accession' 
5  4 'Structure model' '_entity.pdbx_description'            
6  4 'Structure model' '_pdbx_entity_nonpoly.name'           
7  4 'Structure model' '_struct_site.pdbx_auth_asym_id'      
8  4 'Structure model' '_struct_site.pdbx_auth_comp_id'      
9  4 'Structure model' '_struct_site.pdbx_auth_seq_id'       
10 6 'Structure model' '_pdbx_entity_src_syn.entity_id'      
# 
_pdbx_database_status.status_code                     REL 
_pdbx_database_status.entry_id                        2BEE 
_pdbx_database_status.recvd_initial_deposition_date   2005-10-24 
_pdbx_database_status.deposit_site                    RCSB 
_pdbx_database_status.process_site                    RCSB 
_pdbx_database_status.status_code_sf                  REL 
_pdbx_database_status.status_code_mr                  ? 
_pdbx_database_status.SG_entry                        ? 
_pdbx_database_status.status_code_cs                  ? 
_pdbx_database_status.methods_development_category    ? 
_pdbx_database_status.pdb_format_compatible           Y 
_pdbx_database_status.status_code_nmr_data            ? 
# 
loop_
_pdbx_database_related.db_name 
_pdbx_database_related.db_id 
_pdbx_database_related.details 
_pdbx_database_related.content_type 
PDB 1J7T 'Complex between natural Paromomycin amd the 16S-Rrna A Site'                    unspecified 
PDB 2ESI 'Crystal structure of the complex between Kanamycin A and the 16S-Rrna A Site'   unspecified 
PDB 2BE0 'Complex Between Paromomycin Derivative JS5-39 and the 16S-Rrna A-Site'          unspecified 
PDB 2ESJ 'Crystal structure of the complex between Lividomycin A and the 16S-Rrna A Site' unspecified 
# 
loop_
_audit_author.name 
_audit_author.pdbx_ordinal 
'Francois, B.' 1 
'Westhof, E.'  2 
# 
_citation.id                        primary 
_citation.title                     
'Antibacterial aminoglycosides with a modified mode of binding to the ribosomal-RNA decoding site' 
_citation.journal_abbrev            ANGEW.CHEM.INT.ED.ENGL. 
_citation.journal_volume            43 
_citation.page_first                6735 
_citation.page_last                 6738 
_citation.year                      2004 
_citation.journal_id_ASTM           ACIEAY 
_citation.country                   GE 
_citation.journal_id_ISSN           0570-0833 
_citation.journal_id_CSD            0179 
_citation.book_publisher            ? 
_citation.pdbx_database_id_PubMed   15593140 
_citation.pdbx_database_id_DOI      10.1002/anie.200462092 
# 
loop_
_citation_author.citation_id 
_citation_author.name 
_citation_author.ordinal 
_citation_author.identifier_ORCID 
primary 'Francois, B.'   1 ? 
primary 'Szychowski, J.' 2 ? 
primary 'Adhikari, S.S.' 3 ? 
primary 'Pachamuthu, K.' 4 ? 
primary 'Swayze, E.E.'   5 ? 
primary 'Griffey, R.H.'  6 ? 
primary 'Migawa, M.T.'   7 ? 
primary 'Westhof, E.'    8 ? 
primary 'Hanessian, S.'  9 ? 
# 
loop_
_entity.id 
_entity.type 
_entity.src_method 
_entity.pdbx_description 
_entity.formula_weight 
_entity.pdbx_number_of_molecules 
_entity.pdbx_ec 
_entity.pdbx_mutation 
_entity.pdbx_fragment 
_entity.details 
1 polymer     syn "5'-R(*CP*GP*CP*GP*UP*CP*AP*CP*AP*CP*CP*GP*GP*UP*GP*AP*AP*GP*UP*CP*GP*C)-3'" 7048.259 2  ? ? ? 
'Eubacterial 16S Rrna A Site' 
2 non-polymer syn 
;(2S,3S,4R,5R,6R)-5-AMINO-2-(AMINOMETHYL)-6-((2R,3R,4R,5S)-4-(2-(3-AMINOPROPYLAMINO)ETHOXY)-5-((1R,2R,3S,5R,6S)-3,5-DIAM INO-2-((2S,3R,4R,5S,6R)-3-AMINO-4,5-DIHYDROXY-6-(HYDROXYMETHYL)-TETRAHYDRO-2H-PYRAN-2-YLOXY)-6-HYDROXYCYCLOHEXYLOXY)-2-( HYDROXYMETHYL)-TETRAHYDROFURAN-3-YLOXY)-TETRAHYDRO-2H-PYRAN-3,4-DIOL
;
715.791  2  ? ? ? ?                             
3 water       nat water 18.015   63 ? ? ? ?                             
# 
_entity_poly.entity_id                      1 
_entity_poly.type                           polyribonucleotide 
_entity_poly.nstd_linkage                   no 
_entity_poly.nstd_monomer                   no 
_entity_poly.pdbx_seq_one_letter_code       CGCGUCACACCGGUGAAGUCGC 
_entity_poly.pdbx_seq_one_letter_code_can   CGCGUCACACCGGUGAAGUCGC 
_entity_poly.pdbx_strand_id                 A,B 
_entity_poly.pdbx_target_identifier         ? 
# 
loop_
_pdbx_entity_nonpoly.entity_id 
_pdbx_entity_nonpoly.name 
_pdbx_entity_nonpoly.comp_id 
2 
;(2S,3S,4R,5R,6R)-5-AMINO-2-(AMINOMETHYL)-6-((2R,3R,4R,5S)-4-(2-(3-AMINOPROPYLAMINO)ETHOXY)-5-((1R,2R,3S,5R,6S)-3,5-DIAM INO-2-((2S,3R,4R,5S,6R)-3-AMINO-4,5-DIHYDROXY-6-(HYDROXYMETHYL)-TETRAHYDRO-2H-PYRAN-2-YLOXY)-6-HYDROXYCYCLOHEXYLOXY)-2-( HYDROXYMETHYL)-TETRAHYDROFURAN-3-YLOXY)-TETRAHYDRO-2H-PYRAN-3,4-DIOL
;
JS4 
3 water HOH 
# 
loop_
_entity_poly_seq.entity_id 
_entity_poly_seq.num 
_entity_poly_seq.mon_id 
_entity_poly_seq.hetero 
1 1  C n 
1 2  G n 
1 3  C n 
1 4  G n 
1 5  U n 
1 6  C n 
1 7  A n 
1 8  C n 
1 9  A n 
1 10 C n 
1 11 C n 
1 12 G n 
1 13 G n 
1 14 U n 
1 15 G n 
1 16 A n 
1 17 A n 
1 18 G n 
1 19 U n 
1 20 C n 
1 21 G n 
1 22 C n 
# 
_pdbx_entity_src_syn.entity_id              1 
_pdbx_entity_src_syn.pdbx_src_id            1 
_pdbx_entity_src_syn.pdbx_alt_source_flag   sample 
_pdbx_entity_src_syn.pdbx_beg_seq_num       ? 
_pdbx_entity_src_syn.pdbx_end_seq_num       ? 
_pdbx_entity_src_syn.organism_scientific    'Streptomyces rimosus subsp. paromomycinus' 
_pdbx_entity_src_syn.organism_common_name   ? 
_pdbx_entity_src_syn.ncbi_taxonomy_id       92743 
_pdbx_entity_src_syn.details                ? 
# 
loop_
_chem_comp.id 
_chem_comp.type 
_chem_comp.mon_nstd_flag 
_chem_comp.name 
_chem_comp.pdbx_synonyms 
_chem_comp.formula 
_chem_comp.formula_weight 
A   'RNA linking' y "ADENOSINE-5'-MONOPHOSPHATE" ? 'C10 H14 N5 O7 P' 347.221 
C   'RNA linking' y "CYTIDINE-5'-MONOPHOSPHATE" ? 'C9 H14 N3 O8 P'  323.197 
G   'RNA linking' y "GUANOSINE-5'-MONOPHOSPHATE" ? 'C10 H14 N5 O8 P' 363.221 
HOH non-polymer   . WATER ? 'H2 O'            18.015  
JS4 non-polymer   . 
;(2S,3S,4R,5R,6R)-5-AMINO-2-(AMINOMETHYL)-6-((2R,3R,4R,5S)-4-(2-(3-AMINOPROPYLAMINO)ETHOXY)-5-((1R,2R,3S,5R,6S)-3,5-DIAM INO-2-((2S,3R,4R,5S,6R)-3-AMINO-4,5-DIHYDROXY-6-(HYDROXYMETHYL)-TETRAHYDRO-2H-PYRAN-2-YLOXY)-6-HYDROXYCYCLOHEXYLOXY)-2-( HYDROXYMETHYL)-TETRAHYDROFURAN-3-YLOXY)-TETRAHYDRO-2H-PYRAN-3,4-DIOL
;
;2"-O-[N-(3-(AMINOPROPYL)2-AMINOETHYL]PAROMOMYCIN; O-2-AMINO-2-DEOXY-ALPHA-D-GLUCOPYRANOSYL-(1,4)-O-[O-2,6-DIAMINO-2,6-DIDEOXY-BETA-L-IDOPYRANOSYL-(1,3)-BETA-D-2-O-(2-(1,3 -DIAMINOPROPYL)-ETHYL)-RIBOFURANOSYL-(1,5)-2-DEOXY-D-STREPTAMINE
;
'C28 H57 N7 O14'  715.791 
U   'RNA linking' y "URIDINE-5'-MONOPHOSPHATE" ? 'C9 H13 N2 O9 P'  324.181 
# 
loop_
_pdbx_poly_seq_scheme.asym_id 
_pdbx_poly_seq_scheme.entity_id 
_pdbx_poly_seq_scheme.seq_id 
_pdbx_poly_seq_scheme.mon_id 
_pdbx_poly_seq_scheme.ndb_seq_num 
_pdbx_poly_seq_scheme.pdb_seq_num 
_pdbx_poly_seq_scheme.auth_seq_num 
_pdbx_poly_seq_scheme.pdb_mon_id 
_pdbx_poly_seq_scheme.auth_mon_id 
_pdbx_poly_seq_scheme.pdb_strand_id 
_pdbx_poly_seq_scheme.pdb_ins_code 
_pdbx_poly_seq_scheme.hetero 
A 1 1  C 1  0  ?  ? ? A . n 
A 1 2  G 2  1  1  G G A . n 
A 1 3  C 3  2  2  C C A . n 
A 1 4  G 4  3  3  G G A . n 
A 1 5  U 5  4  4  U U A . n 
A 1 6  C 6  5  5  C C A . n 
A 1 7  A 7  6  6  A A A . n 
A 1 8  C 8  7  7  C C A . n 
A 1 9  A 9  8  8  A A A . n 
A 1 10 C 10 9  9  C C A . n 
A 1 11 C 11 10 10 C C A . n 
A 1 12 G 12 11 11 G G A . n 
A 1 13 G 13 12 12 G G A . n 
A 1 14 U 14 13 13 U U A . n 
A 1 15 G 15 14 14 G G A . n 
A 1 16 A 16 15 15 A A A . n 
A 1 17 A 17 16 16 A A A . n 
A 1 18 G 18 17 17 G G A . n 
A 1 19 U 19 18 18 U U A . n 
A 1 20 C 20 19 19 C C A . n 
A 1 21 G 21 20 20 G G A . n 
A 1 22 C 22 21 21 C C A . n 
B 1 1  C 1  21 ?  ? ? B . n 
B 1 2  G 2  22 22 G G B . n 
B 1 3  C 3  23 23 C C B . n 
B 1 4  G 4  24 24 G G B . n 
B 1 5  U 5  25 25 U U B . n 
B 1 6  C 6  26 26 C C B . n 
B 1 7  A 7  27 27 A A B . n 
B 1 8  C 8  28 28 C C B . n 
B 1 9  A 9  29 29 A A B . n 
B 1 10 C 10 30 30 C C B . n 
B 1 11 C 11 31 31 C C B . n 
B 1 12 G 12 32 32 G G B . n 
B 1 13 G 13 33 33 G G B . n 
B 1 14 U 14 34 34 U U B . n 
B 1 15 G 15 35 35 G G B . n 
B 1 16 A 16 36 36 A A B . n 
B 1 17 A 17 37 37 A A B . n 
B 1 18 G 18 38 38 G G B . n 
B 1 19 U 19 39 39 U U B . n 
B 1 20 C 20 40 40 C C B . n 
B 1 21 G 21 41 41 G G B . n 
B 1 22 C 22 42 42 C C B . n 
# 
loop_
_pdbx_nonpoly_scheme.asym_id 
_pdbx_nonpoly_scheme.entity_id 
_pdbx_nonpoly_scheme.mon_id 
_pdbx_nonpoly_scheme.ndb_seq_num 
_pdbx_nonpoly_scheme.pdb_seq_num 
_pdbx_nonpoly_scheme.auth_seq_num 
_pdbx_nonpoly_scheme.pdb_mon_id 
_pdbx_nonpoly_scheme.auth_mon_id 
_pdbx_nonpoly_scheme.pdb_strand_id 
_pdbx_nonpoly_scheme.pdb_ins_code 
C 2 JS4 1  50  50  JS4 JS4 A . 
D 2 JS4 1  51  51  JS4 JS4 B . 
E 3 HOH 1  100 100 HOH HOH A . 
E 3 HOH 2  102 102 HOH HOH A . 
E 3 HOH 3  103 103 HOH HOH A . 
E 3 HOH 4  106 106 HOH HOH A . 
E 3 HOH 5  109 109 HOH HOH A . 
E 3 HOH 6  112 112 HOH HOH A . 
E 3 HOH 7  113 113 HOH HOH A . 
E 3 HOH 8  117 117 HOH HOH A . 
E 3 HOH 9  119 119 HOH HOH A . 
E 3 HOH 10 122 122 HOH HOH A . 
E 3 HOH 11 123 123 HOH HOH A . 
E 3 HOH 12 125 125 HOH HOH A . 
E 3 HOH 13 127 127 HOH HOH A . 
E 3 HOH 14 128 128 HOH HOH A . 
E 3 HOH 15 129 129 HOH HOH A . 
E 3 HOH 16 131 131 HOH HOH A . 
E 3 HOH 17 132 132 HOH HOH A . 
E 3 HOH 18 133 133 HOH HOH A . 
E 3 HOH 19 134 134 HOH HOH A . 
E 3 HOH 20 136 136 HOH HOH A . 
E 3 HOH 21 137 137 HOH HOH A . 
E 3 HOH 22 140 140 HOH HOH A . 
E 3 HOH 23 144 144 HOH HOH A . 
E 3 HOH 24 145 145 HOH HOH A . 
E 3 HOH 25 146 146 HOH HOH A . 
E 3 HOH 26 147 147 HOH HOH A . 
E 3 HOH 27 148 148 HOH HOH A . 
E 3 HOH 28 150 150 HOH HOH A . 
E 3 HOH 29 151 151 HOH HOH A . 
E 3 HOH 30 154 154 HOH HOH A . 
E 3 HOH 31 157 157 HOH HOH A . 
E 3 HOH 32 158 158 HOH HOH A . 
E 3 HOH 33 160 160 HOH HOH A . 
F 3 HOH 1  101 101 HOH HOH B . 
F 3 HOH 2  104 104 HOH HOH B . 
F 3 HOH 3  105 105 HOH HOH B . 
F 3 HOH 4  107 107 HOH HOH B . 
F 3 HOH 5  108 108 HOH HOH B . 
F 3 HOH 6  110 110 HOH HOH B . 
F 3 HOH 7  111 111 HOH HOH B . 
F 3 HOH 8  114 114 HOH HOH B . 
F 3 HOH 9  115 115 HOH HOH B . 
F 3 HOH 10 116 116 HOH HOH B . 
F 3 HOH 11 118 118 HOH HOH B . 
F 3 HOH 12 120 120 HOH HOH B . 
F 3 HOH 13 121 121 HOH HOH B . 
F 3 HOH 14 124 124 HOH HOH B . 
F 3 HOH 15 126 126 HOH HOH B . 
F 3 HOH 16 130 130 HOH HOH B . 
F 3 HOH 17 135 135 HOH HOH B . 
F 3 HOH 18 138 138 HOH HOH B . 
F 3 HOH 19 139 139 HOH HOH B . 
F 3 HOH 20 141 141 HOH HOH B . 
F 3 HOH 21 142 142 HOH HOH B . 
F 3 HOH 22 143 143 HOH HOH B . 
F 3 HOH 23 149 149 HOH HOH B . 
F 3 HOH 24 152 152 HOH HOH B . 
F 3 HOH 25 153 153 HOH HOH B . 
F 3 HOH 26 155 155 HOH HOH B . 
F 3 HOH 27 156 156 HOH HOH B . 
F 3 HOH 28 159 159 HOH HOH B . 
F 3 HOH 29 161 161 HOH HOH B . 
F 3 HOH 30 162 162 HOH HOH B . 
# 
loop_
_software.name 
_software.classification 
_software.version 
_software.citation_id 
_software.pdbx_ordinal 
DENZO     'data reduction' .   ? 1 
SCALEPACK 'data scaling'   .   ? 2 
AMoRE     phasing          .   ? 3 
CNS       refinement       1.1 ? 4 
# 
_cell.entry_id           2BEE 
_cell.length_a           39.171 
_cell.length_b           39.171 
_cell.length_c           99.027 
_cell.angle_alpha        90.00 
_cell.angle_beta         90.00 
_cell.angle_gamma        90.00 
_cell.Z_PDB              8 
_cell.pdbx_unique_axis   ? 
_cell.length_a_esd       ? 
_cell.length_b_esd       ? 
_cell.length_c_esd       ? 
_cell.angle_alpha_esd    ? 
_cell.angle_beta_esd     ? 
_cell.angle_gamma_esd    ? 
# 
_symmetry.entry_id                         2BEE 
_symmetry.space_group_name_H-M             'P 41' 
_symmetry.pdbx_full_space_group_name_H-M   ? 
_symmetry.cell_setting                     ? 
_symmetry.Int_Tables_number                76 
_symmetry.space_group_name_Hall            ? 
# 
_exptl.entry_id          2BEE 
_exptl.method            'X-RAY DIFFRACTION' 
_exptl.crystals_number   1 
# 
_exptl_crystal.id                    1 
_exptl_crystal.density_meas          ? 
_exptl_crystal.density_Matthews      2.69 
_exptl_crystal.density_percent_sol   54.35 
_exptl_crystal.description           ? 
_exptl_crystal.F_000                 ? 
_exptl_crystal.preparation           ? 
# 
_exptl_crystal_grow.crystal_id      1 
_exptl_crystal_grow.method          'VAPOR DIFFUSION, HANGING DROP' 
_exptl_crystal_grow.temp            310 
_exptl_crystal_grow.temp_details    ? 
_exptl_crystal_grow.pH              6.4 
_exptl_crystal_grow.pdbx_details    
'MPD, KCl, MGSO4, GLYCEROL, Na Cacodylate, pH 6.4, VAPOR DIFFUSION, HANGING DROP, temperature 310K' 
_exptl_crystal_grow.pdbx_pH_range   . 
# 
loop_
_exptl_crystal_grow_comp.crystal_id 
_exptl_crystal_grow_comp.id 
_exptl_crystal_grow_comp.sol_id 
_exptl_crystal_grow_comp.name 
_exptl_crystal_grow_comp.volume 
_exptl_crystal_grow_comp.conc 
_exptl_crystal_grow_comp.details 
1 1  1 MPD             ? ? ? 
1 2  1 KCl             ? ? ? 
1 3  1 MGSO4           ? ? ? 
1 4  1 GLYCEROL        ? ? ? 
1 5  1 'Na Cacodylate' ? ? ? 
1 6  1 H2O             ? ? ? 
1 7  2 MPD             ? ? ? 
1 8  2 KCl             ? ? ? 
1 9  2 MGSO4           ? ? ? 
1 10 2 'Na Cacodylate' ? ? ? 
1 11 2 H2O             ? ? ? 
# 
_diffrn.id                     1 
_diffrn.ambient_temp           110 
_diffrn.ambient_temp_details   ? 
_diffrn.crystal_id             1 
# 
_diffrn_detector.diffrn_id              1 
_diffrn_detector.detector               CCD 
_diffrn_detector.type                   'ADSC QUANTUM 4' 
_diffrn_detector.pdbx_collection_date   2003-09-15 
_diffrn_detector.details                ? 
# 
_diffrn_radiation.diffrn_id                        1 
_diffrn_radiation.wavelength_id                    1 
_diffrn_radiation.pdbx_monochromatic_or_laue_m_l   M 
_diffrn_radiation.monochromator                    ? 
_diffrn_radiation.pdbx_diffrn_protocol             'SINGLE WAVELENGTH' 
_diffrn_radiation.pdbx_scattering_type             x-ray 
# 
_diffrn_radiation_wavelength.id           1 
_diffrn_radiation_wavelength.wavelength   0.9999 
_diffrn_radiation_wavelength.wt           1.0 
# 
_diffrn_source.diffrn_id                   1 
_diffrn_source.source                      SYNCHROTRON 
_diffrn_source.type                        'ESRF BEAMLINE ID14-4' 
_diffrn_source.pdbx_synchrotron_site       ESRF 
_diffrn_source.pdbx_synchrotron_beamline   ID14-4 
_diffrn_source.pdbx_wavelength             ? 
_diffrn_source.pdbx_wavelength_list        0.9999 
# 
_reflns.entry_id                     2BEE 
_reflns.observed_criterion_sigma_I   5 
_reflns.observed_criterion_sigma_F   5 
_reflns.d_resolution_low             50 
_reflns.d_resolution_high            2.54 
_reflns.number_obs                   34100 
_reflns.number_all                   34644 
_reflns.percent_possible_obs         98.0 
_reflns.pdbx_Rmerge_I_obs            ? 
_reflns.pdbx_Rsym_value              ? 
_reflns.pdbx_netI_over_sigmaI        ? 
_reflns.B_iso_Wilson_estimate        ? 
_reflns.pdbx_redundancy              7 
_reflns.R_free_details               ? 
_reflns.pdbx_chi_squared             ? 
_reflns.pdbx_scaling_rejects         ? 
_reflns.pdbx_diffrn_id               1 
_reflns.pdbx_ordinal                 1 
# 
_reflns_shell.d_res_high             2.6 
_reflns_shell.d_res_low              2.69 
_reflns_shell.percent_possible_all   100 
_reflns_shell.Rmerge_I_obs           ? 
_reflns_shell.pdbx_Rsym_value        ? 
_reflns_shell.meanI_over_sigI_obs    ? 
_reflns_shell.pdbx_redundancy        ? 
_reflns_shell.percent_possible_obs   ? 
_reflns_shell.number_unique_all      ? 
_reflns_shell.number_measured_all    ? 
_reflns_shell.number_measured_obs    ? 
_reflns_shell.number_unique_obs      ? 
_reflns_shell.pdbx_chi_squared       ? 
_reflns_shell.pdbx_diffrn_id         ? 
_reflns_shell.pdbx_ordinal           1 
# 
_refine.entry_id                                 2BEE 
_refine.ls_number_reflns_obs                     4433 
_refine.ls_number_reflns_all                     4609 
_refine.pdbx_ls_sigma_I                          ? 
_refine.pdbx_ls_sigma_F                          2 
_refine.pdbx_data_cutoff_high_absF               ? 
_refine.pdbx_data_cutoff_low_absF                ? 
_refine.pdbx_data_cutoff_high_rms_absF           ? 
_refine.ls_d_res_low                             30 
_refine.ls_d_res_high                            2.6 
_refine.ls_percent_reflns_obs                    ? 
_refine.ls_R_factor_obs                          ? 
_refine.ls_R_factor_all                          0.22 
_refine.ls_R_factor_R_work                       0.22 
_refine.ls_R_factor_R_free                       0.26 
_refine.ls_R_factor_R_free_error                 ? 
_refine.ls_R_factor_R_free_error_details         ? 
_refine.ls_percent_reflns_R_free                 ? 
_refine.ls_number_reflns_R_free                  471 
_refine.ls_number_parameters                     ? 
_refine.ls_number_restraints                     ? 
_refine.occupancy_min                            ? 
_refine.occupancy_max                            ? 
_refine.correlation_coeff_Fo_to_Fc               ? 
_refine.correlation_coeff_Fo_to_Fc_free          ? 
_refine.B_iso_mean                               ? 
_refine.aniso_B[1][1]                            ? 
_refine.aniso_B[2][2]                            ? 
_refine.aniso_B[3][3]                            ? 
_refine.aniso_B[1][2]                            ? 
_refine.aniso_B[1][3]                            ? 
_refine.aniso_B[2][3]                            ? 
_refine.solvent_model_details                    ? 
_refine.solvent_model_param_ksol                 ? 
_refine.solvent_model_param_bsol                 ? 
_refine.pdbx_solvent_vdw_probe_radii             ? 
_refine.pdbx_solvent_ion_probe_radii             ? 
_refine.pdbx_solvent_shrinkage_radii             ? 
_refine.pdbx_ls_cross_valid_method               ? 
_refine.details                                  ? 
_refine.pdbx_starting_model                      'PDB ENTRY 1J7T' 
_refine.pdbx_method_to_determine_struct          'MOLECULAR REPLACEMENT' 
_refine.pdbx_isotropic_thermal_model             ? 
_refine.pdbx_stereochemistry_target_values       
;G. PARKINSON, J. VOJTECHOVSKY, L. CLOWNEY,A.T. BRUNGER, H.M. BERMAN, NEW PARAMETERSFOR THE REFINEMENT OF NUCLEIC ACID CONTAINING STRUCTURES, ACTA CRYST. D, 52,57-64 (1996)
;
_refine.pdbx_stereochem_target_val_spec_case     ? 
_refine.pdbx_R_Free_selection_details            RANDOM 
_refine.pdbx_overall_ESU_R                       ? 
_refine.pdbx_overall_ESU_R_Free                  ? 
_refine.overall_SU_ML                            ? 
_refine.overall_SU_B                             ? 
_refine.ls_redundancy_reflns_obs                 ? 
_refine.overall_SU_R_Cruickshank_DPI             ? 
_refine.overall_SU_R_free                        ? 
_refine.ls_wR_factor_R_free                      ? 
_refine.ls_wR_factor_R_work                      ? 
_refine.overall_FOM_free_R_set                   ? 
_refine.overall_FOM_work_R_set                   ? 
_refine.pdbx_refine_id                           'X-RAY DIFFRACTION' 
_refine.pdbx_overall_phase_error                 ? 
_refine.pdbx_diffrn_id                           1 
_refine.pdbx_TLS_residual_ADP_flag               ? 
_refine.pdbx_overall_SU_R_free_Cruickshank_DPI   ? 
_refine.pdbx_overall_SU_R_Blow_DPI               ? 
_refine.pdbx_overall_SU_R_free_Blow_DPI          ? 
# 
_refine_analyze.entry_id                        2BEE 
_refine_analyze.Luzzati_coordinate_error_obs    0.43 
_refine_analyze.Luzzati_sigma_a_obs             0.55 
_refine_analyze.Luzzati_d_res_low_obs           5 
_refine_analyze.Luzzati_coordinate_error_free   0.53 
_refine_analyze.Luzzati_sigma_a_free            0.6 
_refine_analyze.Luzzati_d_res_low_free          ? 
_refine_analyze.number_disordered_residues      ? 
_refine_analyze.occupancy_sum_hydrogen          ? 
_refine_analyze.occupancy_sum_non_hydrogen      ? 
_refine_analyze.pdbx_refine_id                  'X-RAY DIFFRACTION' 
# 
_refine_hist.pdbx_refine_id                   'X-RAY DIFFRACTION' 
_refine_hist.cycle_id                         LAST 
_refine_hist.pdbx_number_atoms_protein        0 
_refine_hist.pdbx_number_atoms_nucleic_acid   898 
_refine_hist.pdbx_number_atoms_ligand         98 
_refine_hist.number_atoms_solvent             63 
_refine_hist.number_atoms_total               1059 
_refine_hist.d_res_high                       2.6 
_refine_hist.d_res_low                        30 
# 
loop_
_refine_ls_restr.type 
_refine_ls_restr.dev_ideal 
_refine_ls_restr.dev_ideal_target 
_refine_ls_restr.weight 
_refine_ls_restr.number 
_refine_ls_restr.pdbx_refine_id 
_refine_ls_restr.pdbx_restraint_function 
c_bond_d           0.006  ? ? ? 'X-RAY DIFFRACTION' ? 
c_angle_d          0.966  ? ? ? 'X-RAY DIFFRACTION' ? 
c_dihedral_angle_d 10.202 ? ? ? 'X-RAY DIFFRACTION' ? 
c_improper_angle_d 1.249  ? ? ? 'X-RAY DIFFRACTION' ? 
# 
_refine_ls_shell.pdbx_total_number_of_bins_used   ? 
_refine_ls_shell.d_res_high                       2.6 
_refine_ls_shell.d_res_low                        2.69 
_refine_ls_shell.number_reflns_R_work             ? 
_refine_ls_shell.R_factor_R_work                  ? 
_refine_ls_shell.percent_reflns_obs               100 
_refine_ls_shell.R_factor_R_free                  ? 
_refine_ls_shell.R_factor_R_free_error            ? 
_refine_ls_shell.percent_reflns_R_free            ? 
_refine_ls_shell.number_reflns_R_free             ? 
_refine_ls_shell.number_reflns_obs                ? 
_refine_ls_shell.redundancy_reflns_obs            ? 
_refine_ls_shell.number_reflns_all                ? 
_refine_ls_shell.R_factor_all                     ? 
_refine_ls_shell.pdbx_refine_id                   'X-RAY DIFFRACTION' 
# 
_struct.entry_id                  2BEE 
_struct.title                     'Complex Between Paromomycin derivative JS4 and the 16S-Rrna A Site' 
_struct.pdbx_model_details        ? 
_struct.pdbx_CASP_flag            ? 
_struct.pdbx_model_type_details   ? 
# 
_struct_keywords.entry_id        2BEE 
_struct_keywords.pdbx_keywords   RNA/antibiotic 
_struct_keywords.text            'RNA-AMINOGLYCOSIDE INTERACTIONS, A SITE, UOU PAIRS, AA BULGES, RNA-antibiotic complex' 
# 
loop_
_struct_asym.id 
_struct_asym.pdbx_blank_PDB_chainid_flag 
_struct_asym.pdbx_modified 
_struct_asym.entity_id 
_struct_asym.details 
A N N 1 ? 
B N N 1 ? 
C N N 2 ? 
D N N 2 ? 
E N N 3 ? 
F N N 3 ? 
# 
_struct_ref.id                         1 
_struct_ref.entity_id                  1 
_struct_ref.db_name                    PDB 
_struct_ref.db_code                    2BEE 
_struct_ref.pdbx_db_accession          2BEE 
_struct_ref.pdbx_align_begin           ? 
_struct_ref.pdbx_seq_one_letter_code   ? 
_struct_ref.pdbx_db_isoform            ? 
# 
loop_
_struct_ref_seq.align_id 
_struct_ref_seq.ref_id 
_struct_ref_seq.pdbx_PDB_id_code 
_struct_ref_seq.pdbx_strand_id 
_struct_ref_seq.seq_align_beg 
_struct_ref_seq.pdbx_seq_align_beg_ins_code 
_struct_ref_seq.seq_align_end 
_struct_ref_seq.pdbx_seq_align_end_ins_code 
_struct_ref_seq.pdbx_db_accession 
_struct_ref_seq.db_align_beg 
_struct_ref_seq.pdbx_db_align_beg_ins_code 
_struct_ref_seq.db_align_end 
_struct_ref_seq.pdbx_db_align_end_ins_code 
_struct_ref_seq.pdbx_auth_seq_align_beg 
_struct_ref_seq.pdbx_auth_seq_align_end 
1 1 2BEE A 1 ? 22 ? 2BEE 0  ? 21 ? 0  21 
2 1 2BEE B 1 ? 22 ? 2BEE 21 ? 42 ? 21 42 
# 
_pdbx_struct_assembly.id                   1 
_pdbx_struct_assembly.details              author_defined_assembly 
_pdbx_struct_assembly.method_details       ? 
_pdbx_struct_assembly.oligomeric_details   dimeric 
_pdbx_struct_assembly.oligomeric_count     2 
# 
_pdbx_struct_assembly_gen.assembly_id       1 
_pdbx_struct_assembly_gen.oper_expression   1 
_pdbx_struct_assembly_gen.asym_id_list      A,B,C,D,E,F 
# 
_pdbx_struct_oper_list.id                   1 
_pdbx_struct_oper_list.type                 'identity operation' 
_pdbx_struct_oper_list.name                 1_555 
_pdbx_struct_oper_list.symmetry_operation   x,y,z 
_pdbx_struct_oper_list.matrix[1][1]         1.0000000000 
_pdbx_struct_oper_list.matrix[1][2]         0.0000000000 
_pdbx_struct_oper_list.matrix[1][3]         0.0000000000 
_pdbx_struct_oper_list.vector[1]            0.0000000000 
_pdbx_struct_oper_list.matrix[2][1]         0.0000000000 
_pdbx_struct_oper_list.matrix[2][2]         1.0000000000 
_pdbx_struct_oper_list.matrix[2][3]         0.0000000000 
_pdbx_struct_oper_list.vector[2]            0.0000000000 
_pdbx_struct_oper_list.matrix[3][1]         0.0000000000 
_pdbx_struct_oper_list.matrix[3][2]         0.0000000000 
_pdbx_struct_oper_list.matrix[3][3]         1.0000000000 
_pdbx_struct_oper_list.vector[3]            0.0000000000 
# 
loop_
_struct_conn.id 
_struct_conn.conn_type_id 
_struct_conn.pdbx_leaving_atom_flag 
_struct_conn.pdbx_PDB_id 
_struct_conn.ptnr1_label_asym_id 
_struct_conn.ptnr1_label_comp_id 
_struct_conn.ptnr1_label_seq_id 
_struct_conn.ptnr1_label_atom_id 
_struct_conn.pdbx_ptnr1_label_alt_id 
_struct_conn.pdbx_ptnr1_PDB_ins_code 
_struct_conn.pdbx_ptnr1_standard_comp_id 
_struct_conn.ptnr1_symmetry 
_struct_conn.ptnr2_label_asym_id 
_struct_conn.ptnr2_label_comp_id 
_struct_conn.ptnr2_label_seq_id 
_struct_conn.ptnr2_label_atom_id 
_struct_conn.pdbx_ptnr2_label_alt_id 
_struct_conn.pdbx_ptnr2_PDB_ins_code 
_struct_conn.ptnr1_auth_asym_id 
_struct_conn.ptnr1_auth_comp_id 
_struct_conn.ptnr1_auth_seq_id 
_struct_conn.ptnr2_auth_asym_id 
_struct_conn.ptnr2_auth_comp_id 
_struct_conn.ptnr2_auth_seq_id 
_struct_conn.ptnr2_symmetry 
_struct_conn.pdbx_ptnr3_label_atom_id 
_struct_conn.pdbx_ptnr3_label_seq_id 
_struct_conn.pdbx_ptnr3_label_comp_id 
_struct_conn.pdbx_ptnr3_label_asym_id 
_struct_conn.pdbx_ptnr3_label_alt_id 
_struct_conn.pdbx_ptnr3_PDB_ins_code 
_struct_conn.details 
_struct_conn.pdbx_dist_value 
_struct_conn.pdbx_value_order 
_struct_conn.pdbx_role 
hydrog1  hydrog ? ? A G 2  N1 ? ? ? 1_555 B C 22 N3 ? ? A G 1  B C 42 1_555 ? ? ? ? ? ? WATSON-CRICK ? ? ? 
hydrog2  hydrog ? ? A G 2  N2 ? ? ? 1_555 B C 22 O2 ? ? A G 1  B C 42 1_555 ? ? ? ? ? ? WATSON-CRICK ? ? ? 
hydrog3  hydrog ? ? A G 2  O6 ? ? ? 1_555 B C 22 N4 ? ? A G 1  B C 42 1_555 ? ? ? ? ? ? WATSON-CRICK ? ? ? 
hydrog4  hydrog ? ? A C 3  N3 ? ? ? 1_555 B G 21 N1 ? ? A C 2  B G 41 1_555 ? ? ? ? ? ? WATSON-CRICK ? ? ? 
hydrog5  hydrog ? ? A C 3  N4 ? ? ? 1_555 B G 21 O6 ? ? A C 2  B G 41 1_555 ? ? ? ? ? ? WATSON-CRICK ? ? ? 
hydrog6  hydrog ? ? A C 3  O2 ? ? ? 1_555 B G 21 N2 ? ? A C 2  B G 41 1_555 ? ? ? ? ? ? WATSON-CRICK ? ? ? 
hydrog7  hydrog ? ? A G 4  N1 ? ? ? 1_555 B C 20 N3 ? ? A G 3  B C 40 1_555 ? ? ? ? ? ? WATSON-CRICK ? ? ? 
hydrog8  hydrog ? ? A G 4  N2 ? ? ? 1_555 B C 20 O2 ? ? A G 3  B C 40 1_555 ? ? ? ? ? ? WATSON-CRICK ? ? ? 
hydrog9  hydrog ? ? A G 4  O6 ? ? ? 1_555 B C 20 N4 ? ? A G 3  B C 40 1_555 ? ? ? ? ? ? WATSON-CRICK ? ? ? 
hydrog10 hydrog ? ? A U 5  N3 ? ? ? 1_555 B U 19 O4 ? ? A U 4  B U 39 1_555 ? ? ? ? ? ? TYPE_16_PAIR ? ? ? 
hydrog11 hydrog ? ? A U 5  O2 ? ? ? 1_555 B U 19 N3 ? ? A U 4  B U 39 1_555 ? ? ? ? ? ? TYPE_16_PAIR ? ? ? 
hydrog12 hydrog ? ? A C 6  N3 ? ? ? 1_555 B G 18 N1 ? ? A C 5  B G 38 1_555 ? ? ? ? ? ? WATSON-CRICK ? ? ? 
hydrog13 hydrog ? ? A C 6  N4 ? ? ? 1_555 B G 18 O6 ? ? A C 5  B G 38 1_555 ? ? ? ? ? ? WATSON-CRICK ? ? ? 
hydrog14 hydrog ? ? A C 6  O2 ? ? ? 1_555 B G 18 N2 ? ? A C 5  B G 38 1_555 ? ? ? ? ? ? WATSON-CRICK ? ? ? 
hydrog15 hydrog ? ? A C 8  N3 ? ? ? 1_555 B G 15 N1 ? ? A C 7  B G 35 1_555 ? ? ? ? ? ? WATSON-CRICK ? ? ? 
hydrog16 hydrog ? ? A C 8  N4 ? ? ? 1_555 B G 15 O6 ? ? A C 7  B G 35 1_555 ? ? ? ? ? ? WATSON-CRICK ? ? ? 
hydrog17 hydrog ? ? A C 8  O2 ? ? ? 1_555 B G 15 N2 ? ? A C 7  B G 35 1_555 ? ? ? ? ? ? WATSON-CRICK ? ? ? 
hydrog18 hydrog ? ? A A 9  N1 ? ? ? 1_555 B U 14 N3 ? ? A A 8  B U 34 1_555 ? ? ? ? ? ? WATSON-CRICK ? ? ? 
hydrog19 hydrog ? ? A A 9  N6 ? ? ? 1_555 B U 14 O4 ? ? A A 8  B U 34 1_555 ? ? ? ? ? ? WATSON-CRICK ? ? ? 
hydrog20 hydrog ? ? A C 10 N3 ? ? ? 1_555 B G 13 N1 ? ? A C 9  B G 33 1_555 ? ? ? ? ? ? WATSON-CRICK ? ? ? 
hydrog21 hydrog ? ? A C 10 N4 ? ? ? 1_555 B G 13 O6 ? ? A C 9  B G 33 1_555 ? ? ? ? ? ? WATSON-CRICK ? ? ? 
hydrog22 hydrog ? ? A C 10 O2 ? ? ? 1_555 B G 13 N2 ? ? A C 9  B G 33 1_555 ? ? ? ? ? ? WATSON-CRICK ? ? ? 
hydrog23 hydrog ? ? A C 11 N3 ? ? ? 1_555 B G 12 N1 ? ? A C 10 B G 32 1_555 ? ? ? ? ? ? WATSON-CRICK ? ? ? 
hydrog24 hydrog ? ? A C 11 N4 ? ? ? 1_555 B G 12 O6 ? ? A C 10 B G 32 1_555 ? ? ? ? ? ? WATSON-CRICK ? ? ? 
hydrog25 hydrog ? ? A C 11 O2 ? ? ? 1_555 B G 12 N2 ? ? A C 10 B G 32 1_555 ? ? ? ? ? ? WATSON-CRICK ? ? ? 
hydrog26 hydrog ? ? A G 12 N1 ? ? ? 1_555 B C 11 N3 ? ? A G 11 B C 31 1_555 ? ? ? ? ? ? WATSON-CRICK ? ? ? 
hydrog27 hydrog ? ? A G 12 N2 ? ? ? 1_555 B C 11 O2 ? ? A G 11 B C 31 1_555 ? ? ? ? ? ? WATSON-CRICK ? ? ? 
hydrog28 hydrog ? ? A G 12 O6 ? ? ? 1_555 B C 11 N4 ? ? A G 11 B C 31 1_555 ? ? ? ? ? ? WATSON-CRICK ? ? ? 
hydrog29 hydrog ? ? A G 13 N1 ? ? ? 1_555 B C 10 N3 ? ? A G 12 B C 30 1_555 ? ? ? ? ? ? WATSON-CRICK ? ? ? 
hydrog30 hydrog ? ? A G 13 N2 ? ? ? 1_555 B C 10 O2 ? ? A G 12 B C 30 1_555 ? ? ? ? ? ? WATSON-CRICK ? ? ? 
hydrog31 hydrog ? ? A G 13 O6 ? ? ? 1_555 B C 10 N4 ? ? A G 12 B C 30 1_555 ? ? ? ? ? ? WATSON-CRICK ? ? ? 
hydrog32 hydrog ? ? A U 14 N3 ? ? ? 1_555 B A 9  N1 ? ? A U 13 B A 29 1_555 ? ? ? ? ? ? WATSON-CRICK ? ? ? 
hydrog33 hydrog ? ? A U 14 O4 ? ? ? 1_555 B A 9  N6 ? ? A U 13 B A 29 1_555 ? ? ? ? ? ? WATSON-CRICK ? ? ? 
hydrog34 hydrog ? ? A G 15 N1 ? ? ? 1_555 B C 8  N3 ? ? A G 14 B C 28 1_555 ? ? ? ? ? ? WATSON-CRICK ? ? ? 
hydrog35 hydrog ? ? A G 15 N2 ? ? ? 1_555 B C 8  O2 ? ? A G 14 B C 28 1_555 ? ? ? ? ? ? WATSON-CRICK ? ? ? 
hydrog36 hydrog ? ? A G 15 O6 ? ? ? 1_555 B C 8  N4 ? ? A G 14 B C 28 1_555 ? ? ? ? ? ? WATSON-CRICK ? ? ? 
hydrog37 hydrog ? ? A G 18 N1 ? ? ? 1_555 B C 6  N3 ? ? A G 17 B C 26 1_555 ? ? ? ? ? ? WATSON-CRICK ? ? ? 
hydrog38 hydrog ? ? A G 18 N2 ? ? ? 1_555 B C 6  O2 ? ? A G 17 B C 26 1_555 ? ? ? ? ? ? WATSON-CRICK ? ? ? 
hydrog39 hydrog ? ? A G 18 O6 ? ? ? 1_555 B C 6  N4 ? ? A G 17 B C 26 1_555 ? ? ? ? ? ? WATSON-CRICK ? ? ? 
hydrog40 hydrog ? ? A U 19 N3 ? ? ? 1_555 B U 5  O2 ? ? A U 18 B U 25 1_555 ? ? ? ? ? ? TYPE_16_PAIR ? ? ? 
hydrog41 hydrog ? ? A U 19 O4 ? ? ? 1_555 B U 5  N3 ? ? A U 18 B U 25 1_555 ? ? ? ? ? ? TYPE_16_PAIR ? ? ? 
hydrog42 hydrog ? ? A C 20 N3 ? ? ? 1_555 B G 4  N1 ? ? A C 19 B G 24 1_555 ? ? ? ? ? ? WATSON-CRICK ? ? ? 
hydrog43 hydrog ? ? A C 20 N4 ? ? ? 1_555 B G 4  O6 ? ? A C 19 B G 24 1_555 ? ? ? ? ? ? WATSON-CRICK ? ? ? 
hydrog44 hydrog ? ? A C 20 O2 ? ? ? 1_555 B G 4  N2 ? ? A C 19 B G 24 1_555 ? ? ? ? ? ? WATSON-CRICK ? ? ? 
hydrog45 hydrog ? ? A G 21 N1 ? ? ? 1_555 B C 3  N3 ? ? A G 20 B C 23 1_555 ? ? ? ? ? ? WATSON-CRICK ? ? ? 
hydrog46 hydrog ? ? A G 21 N2 ? ? ? 1_555 B C 3  O2 ? ? A G 20 B C 23 1_555 ? ? ? ? ? ? WATSON-CRICK ? ? ? 
hydrog47 hydrog ? ? A G 21 O6 ? ? ? 1_555 B C 3  N4 ? ? A G 20 B C 23 1_555 ? ? ? ? ? ? WATSON-CRICK ? ? ? 
hydrog48 hydrog ? ? A C 22 N3 ? ? ? 1_555 B G 2  N1 ? ? A C 21 B G 22 1_555 ? ? ? ? ? ? WATSON-CRICK ? ? ? 
hydrog49 hydrog ? ? A C 22 N4 ? ? ? 1_555 B G 2  O6 ? ? A C 21 B G 22 1_555 ? ? ? ? ? ? WATSON-CRICK ? ? ? 
hydrog50 hydrog ? ? A C 22 O2 ? ? ? 1_555 B G 2  N2 ? ? A C 21 B G 22 1_555 ? ? ? ? ? ? WATSON-CRICK ? ? ? 
# 
_struct_conn_type.id          hydrog 
_struct_conn_type.criteria    ? 
_struct_conn_type.reference   ? 
# 
loop_
_struct_site.id 
_struct_site.pdbx_evidence_code 
_struct_site.pdbx_auth_asym_id 
_struct_site.pdbx_auth_comp_id 
_struct_site.pdbx_auth_seq_id 
_struct_site.pdbx_auth_ins_code 
_struct_site.pdbx_num_residues 
_struct_site.details 
AC1 Software A JS4 50 ? 16 'BINDING SITE FOR RESIDUE JS4 A 50' 
AC2 Software B JS4 51 ? 13 'BINDING SITE FOR RESIDUE JS4 B 51' 
1   ?        ? ?   ?  ? ?  ?                                   
# 
loop_
_struct_site_gen.id 
_struct_site_gen.site_id 
_struct_site_gen.pdbx_num_res 
_struct_site_gen.label_comp_id 
_struct_site_gen.label_asym_id 
_struct_site_gen.label_seq_id 
_struct_site_gen.pdbx_auth_ins_code 
_struct_site_gen.auth_comp_id 
_struct_site_gen.auth_asym_id 
_struct_site_gen.auth_seq_id 
_struct_site_gen.label_atom_id 
_struct_site_gen.label_alt_id 
_struct_site_gen.symmetry 
_struct_site_gen.details 
1  AC1 16 U   A 14 ? U   A 13  . ? 1_555 ? 
2  AC1 16 G   A 15 ? G   A 14  . ? 1_555 ? 
3  AC1 16 A   A 16 ? A   A 15  . ? 1_555 ? 
4  AC1 16 A   A 17 ? A   A 16  . ? 1_555 ? 
5  AC1 16 G   A 18 ? G   A 17  . ? 1_555 ? 
6  AC1 16 U   A 19 ? U   A 18  . ? 1_555 ? 
7  AC1 16 HOH E .  ? HOH A 100 . ? 1_555 ? 
8  AC1 16 HOH E .  ? HOH A 109 . ? 1_555 ? 
9  AC1 16 HOH E .  ? HOH A 127 . ? 1_555 ? 
10 AC1 16 HOH E .  ? HOH A 129 . ? 1_555 ? 
11 AC1 16 HOH E .  ? HOH A 133 . ? 1_555 ? 
12 AC1 16 HOH E .  ? HOH A 148 . ? 1_555 ? 
13 AC1 16 U   B 5  ? U   B 25  . ? 1_555 ? 
14 AC1 16 C   B 6  ? C   B 26  . ? 1_555 ? 
15 AC1 16 A   B 7  ? A   B 27  . ? 1_555 ? 
16 AC1 16 A   B 9  ? A   B 29  . ? 1_555 ? 
17 AC2 13 U   A 5  ? U   A 4   . ? 1_555 ? 
18 AC2 13 C   A 6  ? C   A 5   . ? 1_555 ? 
19 AC2 13 A   A 7  ? A   A 6   . ? 1_555 ? 
20 AC2 13 A   A 9  ? A   A 8   . ? 1_555 ? 
21 AC2 13 U   B 14 ? U   B 34  . ? 1_555 ? 
22 AC2 13 G   B 15 ? G   B 35  . ? 1_555 ? 
23 AC2 13 A   B 16 ? A   B 36  . ? 1_555 ? 
24 AC2 13 A   B 17 ? A   B 37  . ? 1_555 ? 
25 AC2 13 G   B 18 ? G   B 38  . ? 1_555 ? 
26 AC2 13 U   B 19 ? U   B 39  . ? 1_555 ? 
27 AC2 13 HOH F .  ? HOH B 107 . ? 1_555 ? 
28 AC2 13 HOH F .  ? HOH B 120 . ? 1_555 ? 
29 AC2 13 HOH F .  ? HOH B 152 . ? 1_555 ? 
# 
loop_
_pdbx_validate_chiral.id 
_pdbx_validate_chiral.PDB_model_num 
_pdbx_validate_chiral.auth_atom_id 
_pdbx_validate_chiral.label_alt_id 
_pdbx_validate_chiral.auth_asym_id 
_pdbx_validate_chiral.auth_comp_id 
_pdbx_validate_chiral.auth_seq_id 
_pdbx_validate_chiral.PDB_ins_code 
_pdbx_validate_chiral.details 
_pdbx_validate_chiral.omega 
1 1 C33 ? A JS4 50 ? PLANAR . 
2 1 C33 ? B JS4 51 ? PLANAR . 
# 
_struct_site_keywords.site_id   1 
_struct_site_keywords.text      BIS-INTERCALATION 
# 
loop_
_pdbx_unobs_or_zero_occ_residues.id 
_pdbx_unobs_or_zero_occ_residues.PDB_model_num 
_pdbx_unobs_or_zero_occ_residues.polymer_flag 
_pdbx_unobs_or_zero_occ_residues.occupancy_flag 
_pdbx_unobs_or_zero_occ_residues.auth_asym_id 
_pdbx_unobs_or_zero_occ_residues.auth_comp_id 
_pdbx_unobs_or_zero_occ_residues.auth_seq_id 
_pdbx_unobs_or_zero_occ_residues.PDB_ins_code 
_pdbx_unobs_or_zero_occ_residues.label_asym_id 
_pdbx_unobs_or_zero_occ_residues.label_comp_id 
_pdbx_unobs_or_zero_occ_residues.label_seq_id 
1 1 Y 1 A C 0  ? A C 1 
2 1 Y 1 B C 21 ? B C 1 
# 
loop_
_chem_comp_atom.comp_id 
_chem_comp_atom.atom_id 
_chem_comp_atom.type_symbol 
_chem_comp_atom.pdbx_aromatic_flag 
_chem_comp_atom.pdbx_stereo_config 
_chem_comp_atom.pdbx_ordinal 
A   OP3    O N N 1   
A   P      P N N 2   
A   OP1    O N N 3   
A   OP2    O N N 4   
A   "O5'"  O N N 5   
A   "C5'"  C N N 6   
A   "C4'"  C N R 7   
A   "O4'"  O N N 8   
A   "C3'"  C N S 9   
A   "O3'"  O N N 10  
A   "C2'"  C N R 11  
A   "O2'"  O N N 12  
A   "C1'"  C N R 13  
A   N9     N Y N 14  
A   C8     C Y N 15  
A   N7     N Y N 16  
A   C5     C Y N 17  
A   C6     C Y N 18  
A   N6     N N N 19  
A   N1     N Y N 20  
A   C2     C Y N 21  
A   N3     N Y N 22  
A   C4     C Y N 23  
A   HOP3   H N N 24  
A   HOP2   H N N 25  
A   "H5'"  H N N 26  
A   "H5''" H N N 27  
A   "H4'"  H N N 28  
A   "H3'"  H N N 29  
A   "HO3'" H N N 30  
A   "H2'"  H N N 31  
A   "HO2'" H N N 32  
A   "H1'"  H N N 33  
A   H8     H N N 34  
A   H61    H N N 35  
A   H62    H N N 36  
A   H2     H N N 37  
C   OP3    O N N 38  
C   P      P N N 39  
C   OP1    O N N 40  
C   OP2    O N N 41  
C   "O5'"  O N N 42  
C   "C5'"  C N N 43  
C   "C4'"  C N R 44  
C   "O4'"  O N N 45  
C   "C3'"  C N S 46  
C   "O3'"  O N N 47  
C   "C2'"  C N R 48  
C   "O2'"  O N N 49  
C   "C1'"  C N R 50  
C   N1     N N N 51  
C   C2     C N N 52  
C   O2     O N N 53  
C   N3     N N N 54  
C   C4     C N N 55  
C   N4     N N N 56  
C   C5     C N N 57  
C   C6     C N N 58  
C   HOP3   H N N 59  
C   HOP2   H N N 60  
C   "H5'"  H N N 61  
C   "H5''" H N N 62  
C   "H4'"  H N N 63  
C   "H3'"  H N N 64  
C   "HO3'" H N N 65  
C   "H2'"  H N N 66  
C   "HO2'" H N N 67  
C   "H1'"  H N N 68  
C   H41    H N N 69  
C   H42    H N N 70  
C   H5     H N N 71  
C   H6     H N N 72  
G   OP3    O N N 73  
G   P      P N N 74  
G   OP1    O N N 75  
G   OP2    O N N 76  
G   "O5'"  O N N 77  
G   "C5'"  C N N 78  
G   "C4'"  C N R 79  
G   "O4'"  O N N 80  
G   "C3'"  C N S 81  
G   "O3'"  O N N 82  
G   "C2'"  C N R 83  
G   "O2'"  O N N 84  
G   "C1'"  C N R 85  
G   N9     N Y N 86  
G   C8     C Y N 87  
G   N7     N Y N 88  
G   C5     C Y N 89  
G   C6     C N N 90  
G   O6     O N N 91  
G   N1     N N N 92  
G   C2     C N N 93  
G   N2     N N N 94  
G   N3     N N N 95  
G   C4     C Y N 96  
G   HOP3   H N N 97  
G   HOP2   H N N 98  
G   "H5'"  H N N 99  
G   "H5''" H N N 100 
G   "H4'"  H N N 101 
G   "H3'"  H N N 102 
G   "HO3'" H N N 103 
G   "H2'"  H N N 104 
G   "HO2'" H N N 105 
G   "H1'"  H N N 106 
G   H8     H N N 107 
G   H1     H N N 108 
G   H21    H N N 109 
G   H22    H N N 110 
HOH O      O N N 111 
HOH H1     H N N 112 
HOH H2     H N N 113 
JS4 C11    C N S 114 
JS4 O11    O N N 115 
JS4 C21    C N R 116 
JS4 N21    N N N 117 
JS4 C31    C N R 118 
JS4 O31    O N N 119 
JS4 C41    C N S 120 
JS4 O41    O N N 121 
JS4 C51    C N R 122 
JS4 O51    O N N 123 
JS4 C61    C N N 124 
JS4 O61    O N N 125 
JS4 C12    C N R 126 
JS4 N12    N N N 127 
JS4 C22    C N N 128 
JS4 C32    C N S 129 
JS4 N32    N N N 130 
JS4 C42    C N R 131 
JS4 C52    C N R 132 
JS4 O52    O N N 133 
JS4 C62    C N S 134 
JS4 O62    O N N 135 
JS4 C13    C N S 136 
JS4 C23    C N R 137 
JS4 O23    O N N 138 
JS4 C33    C N R 139 
JS4 C43    C N R 140 
JS4 O43    O N N 141 
JS4 C53    C N N 142 
JS4 O33    O N N 143 
JS4 O53    O N N 144 
JS4 C63    C N N 145 
JS4 C73    C N N 146 
JS4 N73    N N N 147 
JS4 C83    C N N 148 
JS4 C15    C N N 149 
JS4 C25    C N N 150 
JS4 N25    N N N 151 
JS4 C14    C N R 152 
JS4 C24    C N R 153 
JS4 N24    N N N 154 
JS4 C34    C N R 155 
JS4 O34    O N N 156 
JS4 C44    C N S 157 
JS4 O44    O N N 158 
JS4 C54    C N S 159 
JS4 O54    O N N 160 
JS4 C64    C N N 161 
JS4 N64    N N N 162 
JS4 H11    H N N 163 
JS4 H21    H N N 164 
JS4 H211   H N N 165 
JS4 H212   H N N 166 
JS4 H31    H N N 167 
JS4 H5     H N N 168 
JS4 H41    H N N 169 
JS4 H4     H N N 170 
JS4 H51    H N N 171 
JS4 H611   H N N 172 
JS4 H612   H N N 173 
JS4 H61    H N N 174 
JS4 H12    H N N 175 
JS4 H121   H N N 176 
JS4 H122   H N N 177 
JS4 H221   H N N 178 
JS4 H222   H N N 179 
JS4 H32    H N N 180 
JS4 H321   H N N 181 
JS4 H322   H N N 182 
JS4 H42    H N N 183 
JS4 H52    H N N 184 
JS4 H62    H N N 185 
JS4 H3     H N N 186 
JS4 H13    H N N 187 
JS4 H23    H N N 188 
JS4 H33    H N N 189 
JS4 H43    H N N 190 
JS4 H531   H N N 191 
JS4 H532   H N N 192 
JS4 H53    H N N 193 
JS4 H631   H N N 194 
JS4 H632   H N N 195 
JS4 H731   H N N 196 
JS4 H732   H N N 197 
JS4 H73    H N N 198 
JS4 H831   H N N 199 
JS4 H832   H N N 200 
JS4 H151   H N N 201 
JS4 H152   H N N 202 
JS4 H11A   H N N 203 
JS4 H12A   H N N 204 
JS4 H251   H N N 205 
JS4 H252   H N N 206 
JS4 H14    H N N 207 
JS4 H24    H N N 208 
JS4 H241   H N N 209 
JS4 H242   H N N 210 
JS4 H34    H N N 211 
JS4 H2     H N N 212 
JS4 H44    H N N 213 
JS4 H1     H N N 214 
JS4 H54    H N N 215 
JS4 H641   H N N 216 
JS4 H642   H N N 217 
JS4 H21A   H N N 218 
JS4 H22    H N N 219 
U   OP3    O N N 220 
U   P      P N N 221 
U   OP1    O N N 222 
U   OP2    O N N 223 
U   "O5'"  O N N 224 
U   "C5'"  C N N 225 
U   "C4'"  C N R 226 
U   "O4'"  O N N 227 
U   "C3'"  C N S 228 
U   "O3'"  O N N 229 
U   "C2'"  C N R 230 
U   "O2'"  O N N 231 
U   "C1'"  C N R 232 
U   N1     N N N 233 
U   C2     C N N 234 
U   O2     O N N 235 
U   N3     N N N 236 
U   C4     C N N 237 
U   O4     O N N 238 
U   C5     C N N 239 
U   C6     C N N 240 
U   HOP3   H N N 241 
U   HOP2   H N N 242 
U   "H5'"  H N N 243 
U   "H5''" H N N 244 
U   "H4'"  H N N 245 
U   "H3'"  H N N 246 
U   "HO3'" H N N 247 
U   "H2'"  H N N 248 
U   "HO2'" H N N 249 
U   "H1'"  H N N 250 
U   H3     H N N 251 
U   H5     H N N 252 
U   H6     H N N 253 
# 
loop_
_chem_comp_bond.comp_id 
_chem_comp_bond.atom_id_1 
_chem_comp_bond.atom_id_2 
_chem_comp_bond.value_order 
_chem_comp_bond.pdbx_aromatic_flag 
_chem_comp_bond.pdbx_stereo_config 
_chem_comp_bond.pdbx_ordinal 
A   OP3   P      sing N N 1   
A   OP3   HOP3   sing N N 2   
A   P     OP1    doub N N 3   
A   P     OP2    sing N N 4   
A   P     "O5'"  sing N N 5   
A   OP2   HOP2   sing N N 6   
A   "O5'" "C5'"  sing N N 7   
A   "C5'" "C4'"  sing N N 8   
A   "C5'" "H5'"  sing N N 9   
A   "C5'" "H5''" sing N N 10  
A   "C4'" "O4'"  sing N N 11  
A   "C4'" "C3'"  sing N N 12  
A   "C4'" "H4'"  sing N N 13  
A   "O4'" "C1'"  sing N N 14  
A   "C3'" "O3'"  sing N N 15  
A   "C3'" "C2'"  sing N N 16  
A   "C3'" "H3'"  sing N N 17  
A   "O3'" "HO3'" sing N N 18  
A   "C2'" "O2'"  sing N N 19  
A   "C2'" "C1'"  sing N N 20  
A   "C2'" "H2'"  sing N N 21  
A   "O2'" "HO2'" sing N N 22  
A   "C1'" N9     sing N N 23  
A   "C1'" "H1'"  sing N N 24  
A   N9    C8     sing Y N 25  
A   N9    C4     sing Y N 26  
A   C8    N7     doub Y N 27  
A   C8    H8     sing N N 28  
A   N7    C5     sing Y N 29  
A   C5    C6     sing Y N 30  
A   C5    C4     doub Y N 31  
A   C6    N6     sing N N 32  
A   C6    N1     doub Y N 33  
A   N6    H61    sing N N 34  
A   N6    H62    sing N N 35  
A   N1    C2     sing Y N 36  
A   C2    N3     doub Y N 37  
A   C2    H2     sing N N 38  
A   N3    C4     sing Y N 39  
C   OP3   P      sing N N 40  
C   OP3   HOP3   sing N N 41  
C   P     OP1    doub N N 42  
C   P     OP2    sing N N 43  
C   P     "O5'"  sing N N 44  
C   OP2   HOP2   sing N N 45  
C   "O5'" "C5'"  sing N N 46  
C   "C5'" "C4'"  sing N N 47  
C   "C5'" "H5'"  sing N N 48  
C   "C5'" "H5''" sing N N 49  
C   "C4'" "O4'"  sing N N 50  
C   "C4'" "C3'"  sing N N 51  
C   "C4'" "H4'"  sing N N 52  
C   "O4'" "C1'"  sing N N 53  
C   "C3'" "O3'"  sing N N 54  
C   "C3'" "C2'"  sing N N 55  
C   "C3'" "H3'"  sing N N 56  
C   "O3'" "HO3'" sing N N 57  
C   "C2'" "O2'"  sing N N 58  
C   "C2'" "C1'"  sing N N 59  
C   "C2'" "H2'"  sing N N 60  
C   "O2'" "HO2'" sing N N 61  
C   "C1'" N1     sing N N 62  
C   "C1'" "H1'"  sing N N 63  
C   N1    C2     sing N N 64  
C   N1    C6     sing N N 65  
C   C2    O2     doub N N 66  
C   C2    N3     sing N N 67  
C   N3    C4     doub N N 68  
C   C4    N4     sing N N 69  
C   C4    C5     sing N N 70  
C   N4    H41    sing N N 71  
C   N4    H42    sing N N 72  
C   C5    C6     doub N N 73  
C   C5    H5     sing N N 74  
C   C6    H6     sing N N 75  
G   OP3   P      sing N N 76  
G   OP3   HOP3   sing N N 77  
G   P     OP1    doub N N 78  
G   P     OP2    sing N N 79  
G   P     "O5'"  sing N N 80  
G   OP2   HOP2   sing N N 81  
G   "O5'" "C5'"  sing N N 82  
G   "C5'" "C4'"  sing N N 83  
G   "C5'" "H5'"  sing N N 84  
G   "C5'" "H5''" sing N N 85  
G   "C4'" "O4'"  sing N N 86  
G   "C4'" "C3'"  sing N N 87  
G   "C4'" "H4'"  sing N N 88  
G   "O4'" "C1'"  sing N N 89  
G   "C3'" "O3'"  sing N N 90  
G   "C3'" "C2'"  sing N N 91  
G   "C3'" "H3'"  sing N N 92  
G   "O3'" "HO3'" sing N N 93  
G   "C2'" "O2'"  sing N N 94  
G   "C2'" "C1'"  sing N N 95  
G   "C2'" "H2'"  sing N N 96  
G   "O2'" "HO2'" sing N N 97  
G   "C1'" N9     sing N N 98  
G   "C1'" "H1'"  sing N N 99  
G   N9    C8     sing Y N 100 
G   N9    C4     sing Y N 101 
G   C8    N7     doub Y N 102 
G   C8    H8     sing N N 103 
G   N7    C5     sing Y N 104 
G   C5    C6     sing N N 105 
G   C5    C4     doub Y N 106 
G   C6    O6     doub N N 107 
G   C6    N1     sing N N 108 
G   N1    C2     sing N N 109 
G   N1    H1     sing N N 110 
G   C2    N2     sing N N 111 
G   C2    N3     doub N N 112 
G   N2    H21    sing N N 113 
G   N2    H22    sing N N 114 
G   N3    C4     sing N N 115 
HOH O     H1     sing N N 116 
HOH O     H2     sing N N 117 
JS4 C11   O11    sing N N 118 
JS4 C11   C21    sing N N 119 
JS4 C11   O51    sing N N 120 
JS4 C11   H11    sing N N 121 
JS4 O11   C42    sing N N 122 
JS4 C21   N21    sing N N 123 
JS4 C21   C31    sing N N 124 
JS4 C21   H21    sing N N 125 
JS4 N21   H211   sing N N 126 
JS4 N21   H212   sing N N 127 
JS4 C31   O31    sing N N 128 
JS4 C31   C41    sing N N 129 
JS4 C31   H31    sing N N 130 
JS4 O31   H5     sing N N 131 
JS4 C41   O41    sing N N 132 
JS4 C41   C51    sing N N 133 
JS4 C41   H41    sing N N 134 
JS4 O41   H4     sing N N 135 
JS4 C51   O51    sing N N 136 
JS4 C51   C61    sing N N 137 
JS4 C51   H51    sing N N 138 
JS4 C61   O61    sing N N 139 
JS4 C61   H611   sing N N 140 
JS4 C61   H612   sing N N 141 
JS4 O61   H61    sing N N 142 
JS4 C12   N12    sing N N 143 
JS4 C12   C22    sing N N 144 
JS4 C12   C62    sing N N 145 
JS4 C12   H12    sing N N 146 
JS4 N12   H121   sing N N 147 
JS4 N12   H122   sing N N 148 
JS4 C22   C32    sing N N 149 
JS4 C22   H221   sing N N 150 
JS4 C22   H222   sing N N 151 
JS4 C32   N32    sing N N 152 
JS4 C32   C42    sing N N 153 
JS4 C32   H32    sing N N 154 
JS4 N32   H321   sing N N 155 
JS4 N32   H322   sing N N 156 
JS4 C42   C52    sing N N 157 
JS4 C42   H42    sing N N 158 
JS4 C52   O52    sing N N 159 
JS4 C52   C62    sing N N 160 
JS4 C52   H52    sing N N 161 
JS4 O52   C13    sing N N 162 
JS4 C62   O62    sing N N 163 
JS4 C62   H62    sing N N 164 
JS4 O62   H3     sing N N 165 
JS4 C13   C23    sing N N 166 
JS4 C13   O43    sing N N 167 
JS4 C13   H13    sing N N 168 
JS4 C23   O23    sing N N 169 
JS4 C23   C33    sing N N 170 
JS4 C23   H23    sing N N 171 
JS4 O23   C63    sing N N 172 
JS4 C33   C43    sing N N 173 
JS4 C33   O33    sing N N 174 
JS4 C33   H33    sing N N 175 
JS4 C43   O43    sing N N 176 
JS4 C43   C53    sing N N 177 
JS4 C43   H43    sing N N 178 
JS4 C53   O53    sing N N 179 
JS4 C53   H531   sing N N 180 
JS4 C53   H532   sing N N 181 
JS4 O33   C14    sing N N 182 
JS4 O53   H53    sing N N 183 
JS4 C63   C73    sing N N 184 
JS4 C63   H631   sing N N 185 
JS4 C63   H632   sing N N 186 
JS4 C73   N73    sing N N 187 
JS4 C73   H731   sing N N 188 
JS4 C73   H732   sing N N 189 
JS4 N73   C83    sing N N 190 
JS4 N73   H73    sing N N 191 
JS4 C83   C15    sing N N 192 
JS4 C83   H831   sing N N 193 
JS4 C83   H832   sing N N 194 
JS4 C15   C25    sing N N 195 
JS4 C15   H151   sing N N 196 
JS4 C15   H152   sing N N 197 
JS4 C25   N25    sing N N 198 
JS4 C25   H11A   sing N N 199 
JS4 C25   H12A   sing N N 200 
JS4 N25   H251   sing N N 201 
JS4 N25   H252   sing N N 202 
JS4 C14   C24    sing N N 203 
JS4 C14   O54    sing N N 204 
JS4 C14   H14    sing N N 205 
JS4 C24   N24    sing N N 206 
JS4 C24   C34    sing N N 207 
JS4 C24   H24    sing N N 208 
JS4 N24   H241   sing N N 209 
JS4 N24   H242   sing N N 210 
JS4 C34   O34    sing N N 211 
JS4 C34   C44    sing N N 212 
JS4 C34   H34    sing N N 213 
JS4 O34   H2     sing N N 214 
JS4 C44   O44    sing N N 215 
JS4 C44   C54    sing N N 216 
JS4 C44   H44    sing N N 217 
JS4 O44   H1     sing N N 218 
JS4 C54   O54    sing N N 219 
JS4 C54   C64    sing N N 220 
JS4 C54   H54    sing N N 221 
JS4 C64   N64    sing N N 222 
JS4 C64   H641   sing N N 223 
JS4 C64   H642   sing N N 224 
JS4 N64   H21A   sing N N 225 
JS4 N64   H22    sing N N 226 
U   OP3   P      sing N N 227 
U   OP3   HOP3   sing N N 228 
U   P     OP1    doub N N 229 
U   P     OP2    sing N N 230 
U   P     "O5'"  sing N N 231 
U   OP2   HOP2   sing N N 232 
U   "O5'" "C5'"  sing N N 233 
U   "C5'" "C4'"  sing N N 234 
U   "C5'" "H5'"  sing N N 235 
U   "C5'" "H5''" sing N N 236 
U   "C4'" "O4'"  sing N N 237 
U   "C4'" "C3'"  sing N N 238 
U   "C4'" "H4'"  sing N N 239 
U   "O4'" "C1'"  sing N N 240 
U   "C3'" "O3'"  sing N N 241 
U   "C3'" "C2'"  sing N N 242 
U   "C3'" "H3'"  sing N N 243 
U   "O3'" "HO3'" sing N N 244 
U   "C2'" "O2'"  sing N N 245 
U   "C2'" "C1'"  sing N N 246 
U   "C2'" "H2'"  sing N N 247 
U   "O2'" "HO2'" sing N N 248 
U   "C1'" N1     sing N N 249 
U   "C1'" "H1'"  sing N N 250 
U   N1    C2     sing N N 251 
U   N1    C6     sing N N 252 
U   C2    O2     doub N N 253 
U   C2    N3     sing N N 254 
U   N3    C4     sing N N 255 
U   N3    H3     sing N N 256 
U   C4    O4     doub N N 257 
U   C4    C5     sing N N 258 
U   C5    C6     doub N N 259 
U   C5    H5     sing N N 260 
U   C6    H6     sing N N 261 
# 
loop_
_ndb_struct_conf_na.entry_id 
_ndb_struct_conf_na.feature 
2BEE 'double helix'         
2BEE 'a-form double helix'  
2BEE 'mismatched base pair' 
2BEE 'internal loop'        
# 
loop_
_ndb_struct_na_base_pair.model_number 
_ndb_struct_na_base_pair.i_label_asym_id 
_ndb_struct_na_base_pair.i_label_comp_id 
_ndb_struct_na_base_pair.i_label_seq_id 
_ndb_struct_na_base_pair.i_symmetry 
_ndb_struct_na_base_pair.j_label_asym_id 
_ndb_struct_na_base_pair.j_label_comp_id 
_ndb_struct_na_base_pair.j_label_seq_id 
_ndb_struct_na_base_pair.j_symmetry 
_ndb_struct_na_base_pair.shear 
_ndb_struct_na_base_pair.stretch 
_ndb_struct_na_base_pair.stagger 
_ndb_struct_na_base_pair.buckle 
_ndb_struct_na_base_pair.propeller 
_ndb_struct_na_base_pair.opening 
_ndb_struct_na_base_pair.pair_number 
_ndb_struct_na_base_pair.pair_name 
_ndb_struct_na_base_pair.i_auth_asym_id 
_ndb_struct_na_base_pair.i_auth_seq_id 
_ndb_struct_na_base_pair.i_PDB_ins_code 
_ndb_struct_na_base_pair.j_auth_asym_id 
_ndb_struct_na_base_pair.j_auth_seq_id 
_ndb_struct_na_base_pair.j_PDB_ins_code 
_ndb_struct_na_base_pair.hbond_type_28 
_ndb_struct_na_base_pair.hbond_type_12 
1 A G 2  1_555 B C 22 1_555 0.374  -0.362 -0.075 -4.436 -2.387  -4.172 1  A_G1:C42_B  A 1  ? B 42 ? 19 1 
1 A C 3  1_555 B G 21 1_555 -0.059 -0.215 0.071  -0.420 -4.791  -1.906 2  A_C2:G41_B  A 2  ? B 41 ? 19 1 
1 A G 4  1_555 B C 20 1_555 0.371  0.208  -0.053 -9.568 -11.164 5.853  3  A_G3:C40_B  A 3  ? B 40 ? 19 1 
1 A U 5  1_555 B U 19 1_555 2.274  -1.732 0.252  2.753  -6.158  7.956  4  A_U4:U39_B  A 4  ? B 39 ? 16 1 
1 A C 6  1_555 B G 18 1_555 0.110  -0.072 -0.176 -4.637 -7.169  2.024  5  A_C5:G38_B  A 5  ? B 38 ? 19 1 
1 A C 8  1_555 B G 15 1_555 0.595  -0.109 -0.014 9.959  -19.502 3.833  6  A_C7:G35_B  A 7  ? B 35 ? 19 1 
1 A A 9  1_555 B U 14 1_555 0.136  -0.271 0.234  2.509  -10.190 1.566  7  A_A8:U34_B  A 8  ? B 34 ? 20 1 
1 A C 10 1_555 B G 13 1_555 0.421  -0.213 0.213  2.358  -13.481 2.080  8  A_C9:G33_B  A 9  ? B 33 ? 19 1 
1 A C 11 1_555 B G 12 1_555 0.334  0.151  0.073  -0.886 -8.638  6.285  9  A_C10:G32_B A 10 ? B 32 ? 19 1 
1 A G 12 1_555 B C 11 1_555 -0.181 0.032  0.047  -1.553 -8.680  5.541  10 A_G11:C31_B A 11 ? B 31 ? 19 1 
1 A G 13 1_555 B C 10 1_555 -0.538 -0.071 0.282  -2.594 -15.085 4.072  11 A_G12:C30_B A 12 ? B 30 ? 19 1 
1 A U 14 1_555 B A 9  1_555 0.031  -0.220 0.306  -3.153 -11.202 7.078  12 A_U13:A29_B A 13 ? B 29 ? 20 1 
1 A G 15 1_555 B C 8  1_555 -0.819 -0.093 0.204  -6.740 -19.082 1.775  13 A_G14:C28_B A 14 ? B 28 ? 19 1 
1 A G 18 1_555 B C 6  1_555 -0.354 -0.025 -0.385 3.797  -6.352  -0.233 14 A_G17:C26_B A 17 ? B 26 ? 19 1 
1 A U 19 1_555 B U 5  1_555 -2.399 -1.763 0.189  -2.642 -4.482  4.899  15 A_U18:U25_B A 18 ? B 25 ? 16 1 
1 A C 20 1_555 B G 4  1_555 -0.283 -0.135 0.120  4.501  -7.682  2.978  16 A_C19:G24_B A 19 ? B 24 ? 19 1 
1 A G 21 1_555 B C 3  1_555 0.334  -0.282 -0.022 -0.813 -3.350  -4.576 17 A_G20:C23_B A 20 ? B 23 ? 19 1 
1 A C 22 1_555 B G 2  1_555 0.346  -0.473 0.079  1.434  -2.832  -2.828 18 A_C21:G22_B A 21 ? B 22 ? 19 1 
# 
loop_
_ndb_struct_na_base_pair_step.model_number 
_ndb_struct_na_base_pair_step.i_label_asym_id_1 
_ndb_struct_na_base_pair_step.i_label_comp_id_1 
_ndb_struct_na_base_pair_step.i_label_seq_id_1 
_ndb_struct_na_base_pair_step.i_symmetry_1 
_ndb_struct_na_base_pair_step.j_label_asym_id_1 
_ndb_struct_na_base_pair_step.j_label_comp_id_1 
_ndb_struct_na_base_pair_step.j_label_seq_id_1 
_ndb_struct_na_base_pair_step.j_symmetry_1 
_ndb_struct_na_base_pair_step.i_label_asym_id_2 
_ndb_struct_na_base_pair_step.i_label_comp_id_2 
_ndb_struct_na_base_pair_step.i_label_seq_id_2 
_ndb_struct_na_base_pair_step.i_symmetry_2 
_ndb_struct_na_base_pair_step.j_label_asym_id_2 
_ndb_struct_na_base_pair_step.j_label_comp_id_2 
_ndb_struct_na_base_pair_step.j_label_seq_id_2 
_ndb_struct_na_base_pair_step.j_symmetry_2 
_ndb_struct_na_base_pair_step.shift 
_ndb_struct_na_base_pair_step.slide 
_ndb_struct_na_base_pair_step.rise 
_ndb_struct_na_base_pair_step.tilt 
_ndb_struct_na_base_pair_step.roll 
_ndb_struct_na_base_pair_step.twist 
_ndb_struct_na_base_pair_step.x_displacement 
_ndb_struct_na_base_pair_step.y_displacement 
_ndb_struct_na_base_pair_step.helical_rise 
_ndb_struct_na_base_pair_step.inclination 
_ndb_struct_na_base_pair_step.tip 
_ndb_struct_na_base_pair_step.helical_twist 
_ndb_struct_na_base_pair_step.step_number 
_ndb_struct_na_base_pair_step.step_name 
_ndb_struct_na_base_pair_step.i_auth_asym_id_1 
_ndb_struct_na_base_pair_step.i_auth_seq_id_1 
_ndb_struct_na_base_pair_step.i_PDB_ins_code_1 
_ndb_struct_na_base_pair_step.j_auth_asym_id_1 
_ndb_struct_na_base_pair_step.j_auth_seq_id_1 
_ndb_struct_na_base_pair_step.j_PDB_ins_code_1 
_ndb_struct_na_base_pair_step.i_auth_asym_id_2 
_ndb_struct_na_base_pair_step.i_auth_seq_id_2 
_ndb_struct_na_base_pair_step.i_PDB_ins_code_2 
_ndb_struct_na_base_pair_step.j_auth_asym_id_2 
_ndb_struct_na_base_pair_step.j_auth_seq_id_2 
_ndb_struct_na_base_pair_step.j_PDB_ins_code_2 
1 A G 2  1_555 B C 22 1_555 A C 3  1_555 B G 21 1_555 -0.212 -1.829 3.268 -1.702  0.480  25.976 -4.192 0.006  3.241 1.067  3.782   
26.035 1  AA_G1C2:G41C42_BB   A 1  ? B 42 ? A 2  ? B 41 ? 
1 A C 3  1_555 B G 21 1_555 A G 4  1_555 B C 20 1_555 0.833  -1.909 3.352 1.634   11.906 33.950 -4.683 -1.131 2.594 19.641 -2.695  
35.955 2  AA_C2G3:C40G41_BB   A 2  ? B 41 ? A 3  ? B 40 ? 
1 A G 4  1_555 B C 20 1_555 A U 5  1_555 B U 19 1_555 0.410  -1.295 3.011 -2.571  -2.731 39.666 -1.606 -0.878 3.059 -4.013 3.779   
39.835 3  AA_G3U4:U39C40_BB   A 3  ? B 40 ? A 4  ? B 39 ? 
1 A U 5  1_555 B U 19 1_555 A C 6  1_555 B G 18 1_555 -0.464 -2.723 3.302 6.239   2.409  25.522 -6.585 2.609  2.845 5.337  -13.822 
26.369 4  AA_U4C5:G38U39_BB   A 4  ? B 39 ? A 5  ? B 38 ? 
1 A C 6  1_555 B G 18 1_555 A C 8  1_555 B G 15 1_555 1.550  -3.469 6.072 -12.062 22.382 77.551 -3.667 -1.730 4.855 17.439 9.398   
80.984 5  AA_C5C7:G35G38_BB   A 5  ? B 38 ? A 7  ? B 35 ? 
1 A C 8  1_555 B G 15 1_555 A A 9  1_555 B U 14 1_555 0.003  -1.709 3.200 -3.740  13.324 31.788 -4.681 -0.513 2.305 23.010 6.459   
34.599 6  AA_C7A8:U34G35_BB   A 7  ? B 35 ? A 8  ? B 34 ? 
1 A A 9  1_555 B U 14 1_555 A C 10 1_555 B G 13 1_555 -0.140 -1.549 3.101 0.770   6.134  35.208 -3.329 0.329  2.797 10.045 -1.261  
35.730 7  AA_A8C9:G33U34_BB   A 8  ? B 34 ? A 9  ? B 33 ? 
1 A C 10 1_555 B G 13 1_555 A C 11 1_555 B G 12 1_555 -0.146 -1.452 3.253 1.719   5.116  32.161 -3.441 0.547  2.981 9.154  -3.076  
32.599 8  AA_C9C10:G32G33_BB  A 9  ? B 33 ? A 10 ? B 32 ? 
1 A C 11 1_555 B G 12 1_555 A G 12 1_555 B C 11 1_555 -0.103 -1.827 3.238 0.272   5.768  23.931 -5.926 0.319  2.727 13.658 -0.644  
24.608 9  AA_C10G11:C31G32_BB A 10 ? B 32 ? A 11 ? B 31 ? 
1 A G 12 1_555 B C 11 1_555 A G 13 1_555 B C 10 1_555 0.224  -1.456 3.268 -1.825  4.032  31.731 -3.344 -0.725 3.047 7.329  3.317   
32.031 10 AA_G11G12:C30C31_BB A 11 ? B 31 ? A 12 ? B 30 ? 
1 A G 13 1_555 B C 10 1_555 A U 14 1_555 B A 9  1_555 0.391  -1.472 3.145 -0.988  6.466  35.845 -3.182 -0.753 2.834 10.399 1.590   
36.418 11 AA_G12U13:A29C30_BB A 12 ? B 30 ? A 13 ? B 29 ? 
1 A U 14 1_555 B A 9  1_555 A G 15 1_555 B C 8  1_555 -0.248 -1.780 2.967 2.278   12.684 29.767 -4.979 0.765  2.035 23.361 -4.196  
32.379 12 AA_U13G14:C28A29_BB A 13 ? B 29 ? A 14 ? B 28 ? 
1 A G 15 1_555 B C 8  1_555 A G 18 1_555 B C 6  1_555 -1.507 -3.559 6.159 13.557  23.567 78.053 -3.748 1.744  4.847 18.211 -10.475 
81.934 13 AA_G14G17:C26C28_BB A 14 ? B 28 ? A 17 ? B 26 ? 
1 A G 18 1_555 B C 6  1_555 A U 19 1_555 B U 5  1_555 0.474  -2.762 3.355 -7.327  1.833  26.328 -6.282 -2.780 2.923 3.923  15.680  
27.371 14 AA_G17U18:U25C26_BB A 17 ? B 26 ? A 18 ? B 25 ? 
1 A U 19 1_555 B U 5  1_555 A C 20 1_555 B G 4  1_555 -0.386 -1.329 3.135 0.028   -2.845 40.271 -1.615 0.563  3.218 -4.125 -0.041  
40.367 15 AA_U18C19:G24U25_BB A 18 ? B 25 ? A 19 ? B 24 ? 
1 A C 20 1_555 B G 4  1_555 A G 21 1_555 B C 3  1_555 -0.761 -2.098 3.229 0.835   11.136 34.061 -4.836 1.345  2.427 18.407 -1.381  
35.793 16 AA_C19G20:C23G24_BB A 19 ? B 24 ? A 20 ? B 23 ? 
1 A G 21 1_555 B C 3  1_555 A C 22 1_555 B G 2  1_555 0.459  -1.787 3.250 -0.518  0.411  28.104 -3.775 -1.065 3.215 0.846  1.067   
28.111 17 AA_G20C21:G22C23_BB A 20 ? B 23 ? A 21 ? B 22 ? 
# 
_pdbx_initial_refinement_model.id               1 
_pdbx_initial_refinement_model.entity_id_list   ? 
_pdbx_initial_refinement_model.type             'experimental model' 
_pdbx_initial_refinement_model.source_name      PDB 
_pdbx_initial_refinement_model.accession_code   1J7T 
_pdbx_initial_refinement_model.details          'PDB ENTRY 1J7T' 
# 
_atom_sites.entry_id                    2BEE 
_atom_sites.fract_transf_matrix[1][1]   0.00962890 
_atom_sites.fract_transf_matrix[1][2]   0.00289091 
_atom_sites.fract_transf_matrix[1][3]   0.02346608 
_atom_sites.fract_transf_matrix[2][1]   0.00702483 
_atom_sites.fract_transf_matrix[2][2]   -0.02454306 
_atom_sites.fract_transf_matrix[2][3]   0.00014107 
_atom_sites.fract_transf_matrix[3][1]   0.00892985 
_atom_sites.fract_transf_matrix[3][2]   0.00253309 
_atom_sites.fract_transf_matrix[3][3]   -0.00397628 
_atom_sites.fract_transf_vector[1]      0.915723 
_atom_sites.fract_transf_vector[2]      0.423350 
_atom_sites.fract_transf_vector[3]      0.001147 
# 
loop_
_atom_type.symbol 
C 
N 
O 
P 
# 
loop_
_atom_site.group_PDB 
_atom_site.id 
_atom_site.type_symbol 
_atom_site.label_atom_id 
_atom_site.label_alt_id 
_atom_site.label_comp_id 
_atom_site.label_asym_id 
_atom_site.label_entity_id 
_atom_site.label_seq_id 
_atom_site.pdbx_PDB_ins_code 
_atom_site.Cartn_x 
_atom_site.Cartn_y 
_atom_site.Cartn_z 
_atom_site.occupancy 
_atom_site.B_iso_or_equiv 
_atom_site.pdbx_formal_charge 
_atom_site.auth_seq_id 
_atom_site.auth_comp_id 
_atom_site.auth_asym_id 
_atom_site.auth_atom_id 
_atom_site.pdbx_PDB_model_num 
ATOM   1    P P     . G   A 1 2  ? -8.575  20.763  14.429  1.00 81.68 ? 1   G   A P     1 
ATOM   2    O OP1   . G   A 1 2  ? -9.781  21.528  14.987  1.00 81.66 ? 1   G   A OP1   1 
ATOM   3    O OP2   . G   A 1 2  ? -8.804  20.161  13.040  1.00 81.34 ? 1   G   A OP2   1 
ATOM   4    O "O5'" . G   A 1 2  ? -7.426  21.898  14.213  1.00 81.68 ? 1   G   A "O5'" 1 
ATOM   5    C "C5'" . G   A 1 2  ? -7.644  23.001  13.314  1.00 81.36 ? 1   G   A "C5'" 1 
ATOM   6    C "C4'" . G   A 1 2  ? -6.358  23.359  12.610  1.00 80.27 ? 1   G   A "C4'" 1 
ATOM   7    O "O4'" . G   A 1 2  ? -5.365  23.786  13.582  1.00 78.50 ? 1   G   A "O4'" 1 
ATOM   8    C "C3'" . G   A 1 2  ? -5.683  22.213  11.883  1.00 79.89 ? 1   G   A "C3'" 1 
ATOM   9    O "O3'" . G   A 1 2  ? -6.269  22.020  10.602  1.00 80.50 ? 1   G   A "O3'" 1 
ATOM   10   C "C2'" . G   A 1 2  ? -4.247  22.706  11.790  1.00 78.34 ? 1   G   A "C2'" 1 
ATOM   11   O "O2'" . G   A 1 2  ? -4.081  23.653  10.757  1.00 79.13 ? 1   G   A "O2'" 1 
ATOM   12   C "C1'" . G   A 1 2  ? -4.076  23.399  13.145  1.00 76.43 ? 1   G   A "C1'" 1 
ATOM   13   N N9    . G   A 1 2  ? -3.484  22.534  14.161  1.00 74.02 ? 1   G   A N9    1 
ATOM   14   C C8    . G   A 1 2  ? -4.146  21.766  15.087  1.00 73.36 ? 1   G   A C8    1 
ATOM   15   N N7    . G   A 1 2  ? -3.341  21.082  15.854  1.00 72.19 ? 1   G   A N7    1 
ATOM   16   C C5    . G   A 1 2  ? -2.071  21.419  15.409  1.00 70.74 ? 1   G   A C5    1 
ATOM   17   C C6    . G   A 1 2  ? -0.792  20.979  15.848  1.00 70.38 ? 1   G   A C6    1 
ATOM   18   O O6    . G   A 1 2  ? -0.517  20.182  16.754  1.00 68.94 ? 1   G   A O6    1 
ATOM   19   N N1    . G   A 1 2  ? 0.229   21.567  15.113  1.00 69.52 ? 1   G   A N1    1 
ATOM   20   C C2    . G   A 1 2  ? 0.049   22.467  14.093  1.00 70.51 ? 1   G   A C2    1 
ATOM   21   N N2    . G   A 1 2  ? 1.163   22.929  13.513  1.00 70.41 ? 1   G   A N2    1 
ATOM   22   N N3    . G   A 1 2  ? -1.133  22.884  13.676  1.00 71.71 ? 1   G   A N3    1 
ATOM   23   C C4    . G   A 1 2  ? -2.141  22.319  14.370  1.00 72.34 ? 1   G   A C4    1 
ATOM   24   P P     . C   A 1 3  ? -5.672  20.905  9.615   1.00 81.66 ? 2   C   A P     1 
ATOM   25   O OP1   . C   A 1 3  ? -6.527  20.825  8.405   1.00 81.62 ? 2   C   A OP1   1 
ATOM   26   O OP2   . C   A 1 3  ? -5.377  19.673  10.396  1.00 81.14 ? 2   C   A OP2   1 
ATOM   27   O "O5'" . C   A 1 3  ? -4.303  21.543  9.136   1.00 79.77 ? 2   C   A "O5'" 1 
ATOM   28   C "C5'" . C   A 1 3  ? -3.354  20.750  8.469   1.00 77.30 ? 2   C   A "C5'" 1 
ATOM   29   C "C4'" . C   A 1 3  ? -2.034  21.463  8.400   1.00 75.84 ? 2   C   A "C4'" 1 
ATOM   30   O "O4'" . C   A 1 3  ? -1.677  22.025  9.690   1.00 75.37 ? 2   C   A "O4'" 1 
ATOM   31   C "C3'" . C   A 1 3  ? -0.926  20.491  8.085   1.00 75.28 ? 2   C   A "C3'" 1 
ATOM   32   O "O3'" . C   A 1 3  ? -0.882  20.272  6.695   1.00 74.01 ? 2   C   A "O3'" 1 
ATOM   33   C "C2'" . C   A 1 3  ? 0.286   21.160  8.704   1.00 75.21 ? 2   C   A "C2'" 1 
ATOM   34   O "O2'" . C   A 1 3  ? 0.781   22.220  7.912   1.00 75.43 ? 2   C   A "O2'" 1 
ATOM   35   C "C1'" . C   A 1 3  ? -0.332  21.694  9.995   1.00 74.87 ? 2   C   A "C1'" 1 
ATOM   36   N N1    . C   A 1 3  ? -0.369  20.697  11.075  1.00 74.06 ? 2   C   A N1    1 
ATOM   37   C C2    . C   A 1 3  ? 0.829   20.212  11.600  1.00 74.23 ? 2   C   A C2    1 
ATOM   38   O O2    . C   A 1 3  ? 1.902   20.607  11.118  1.00 76.04 ? 2   C   A O2    1 
ATOM   39   N N3    . C   A 1 3  ? 0.789   19.319  12.614  1.00 73.58 ? 2   C   A N3    1 
ATOM   40   C C4    . C   A 1 3  ? -0.384  18.907  13.094  1.00 72.63 ? 2   C   A C4    1 
ATOM   41   N N4    . C   A 1 3  ? -0.376  18.037  14.103  1.00 72.66 ? 2   C   A N4    1 
ATOM   42   C C5    . C   A 1 3  ? -1.618  19.371  12.563  1.00 72.76 ? 2   C   A C5    1 
ATOM   43   C C6    . C   A 1 3  ? -1.565  20.257  11.565  1.00 73.81 ? 2   C   A C6    1 
ATOM   44   P P     . G   A 1 4  ? -1.185  18.807  6.147   1.00 73.20 ? 3   G   A P     1 
ATOM   45   O OP1   . G   A 1 4  ? -1.535  18.930  4.712   1.00 73.72 ? 3   G   A OP1   1 
ATOM   46   O OP2   . G   A 1 4  ? -2.159  18.207  7.090   1.00 74.76 ? 3   G   A OP2   1 
ATOM   47   O "O5'" . G   A 1 4  ? 0.217   18.072  6.339   1.00 71.98 ? 3   G   A "O5'" 1 
ATOM   48   C "C5'" . G   A 1 4  ? 1.422   18.697  5.898   1.00 66.40 ? 3   G   A "C5'" 1 
ATOM   49   C "C4'" . G   A 1 4  ? 2.613   18.205  6.690   1.00 62.82 ? 3   G   A "C4'" 1 
ATOM   50   O "O4'" . G   A 1 4  ? 2.544   18.671  8.063   1.00 62.10 ? 3   G   A "O4'" 1 
ATOM   51   C "C3'" . G   A 1 4  ? 2.761   16.710  6.853   1.00 62.57 ? 3   G   A "C3'" 1 
ATOM   52   O "O3'" . G   A 1 4  ? 3.256   16.091  5.680   1.00 63.13 ? 3   G   A "O3'" 1 
ATOM   53   C "C2'" . G   A 1 4  ? 3.745   16.634  8.011   1.00 60.88 ? 3   G   A "C2'" 1 
ATOM   54   O "O2'" . G   A 1 4  ? 5.066   16.944  7.647   1.00 60.94 ? 3   G   A "O2'" 1 
ATOM   55   C "C1'" . G   A 1 4  ? 3.224   17.752  8.909   1.00 59.44 ? 3   G   A "C1'" 1 
ATOM   56   N N9    . G   A 1 4  ? 2.277   17.211  9.872   1.00 56.46 ? 3   G   A N9    1 
ATOM   57   C C8    . G   A 1 4  ? 0.920   17.403  9.901   1.00 55.80 ? 3   G   A C8    1 
ATOM   58   N N7    . G   A 1 4  ? 0.335   16.753  10.866  1.00 55.74 ? 3   G   A N7    1 
ATOM   59   C C5    . G   A 1 4  ? 1.369   16.092  11.514  1.00 54.70 ? 3   G   A C5    1 
ATOM   60   C C6    . G   A 1 4  ? 1.345   15.211  12.633  1.00 55.28 ? 3   G   A C6    1 
ATOM   61   O O6    . G   A 1 4  ? 0.361   14.817  13.299  1.00 56.30 ? 3   G   A O6    1 
ATOM   62   N N1    . G   A 1 4  ? 2.624   14.775  12.961  1.00 54.02 ? 3   G   A N1    1 
ATOM   63   C C2    . G   A 1 4  ? 3.769   15.134  12.305  1.00 52.55 ? 3   G   A C2    1 
ATOM   64   N N2    . G   A 1 4  ? 4.901   14.628  12.792  1.00 50.50 ? 3   G   A N2    1 
ATOM   65   N N3    . G   A 1 4  ? 3.801   15.933  11.258  1.00 52.16 ? 3   G   A N3    1 
ATOM   66   C C4    . G   A 1 4  ? 2.574   16.375  10.921  1.00 53.93 ? 3   G   A C4    1 
ATOM   67   P P     . U   A 1 5  ? 2.842   14.572  5.355   1.00 64.01 ? 4   U   A P     1 
ATOM   68   O OP1   . U   A 1 5  ? 3.485   14.189  4.080   1.00 63.51 ? 4   U   A OP1   1 
ATOM   69   O OP2   . U   A 1 5  ? 1.372   14.486  5.468   1.00 63.19 ? 4   U   A OP2   1 
ATOM   70   O "O5'" . U   A 1 5  ? 3.529   13.749  6.535   1.00 59.92 ? 4   U   A "O5'" 1 
ATOM   71   C "C5'" . U   A 1 5  ? 4.938   13.787  6.707   1.00 57.97 ? 4   U   A "C5'" 1 
ATOM   72   C "C4'" . U   A 1 5  ? 5.355   12.954  7.894   1.00 58.80 ? 4   U   A "C4'" 1 
ATOM   73   O "O4'" . U   A 1 5  ? 4.825   13.532  9.118   1.00 59.49 ? 4   U   A "O4'" 1 
ATOM   74   C "C3'" . U   A 1 5  ? 4.854   11.524  7.915   1.00 58.94 ? 4   U   A "C3'" 1 
ATOM   75   O "O3'" . U   A 1 5  ? 5.673   10.685  7.111   1.00 60.11 ? 4   U   A "O3'" 1 
ATOM   76   C "C2'" . U   A 1 5  ? 4.946   11.176  9.398   1.00 59.18 ? 4   U   A "C2'" 1 
ATOM   77   O "O2'" . U   A 1 5  ? 6.234   10.799  9.825   1.00 59.86 ? 4   U   A "O2'" 1 
ATOM   78   C "C1'" . U   A 1 5  ? 4.540   12.501  10.053  1.00 58.50 ? 4   U   A "C1'" 1 
ATOM   79   N N1    . U   A 1 5  ? 3.101   12.539  10.355  1.00 57.51 ? 4   U   A N1    1 
ATOM   80   C C2    . U   A 1 5  ? 2.656   11.903  11.501  1.00 57.73 ? 4   U   A C2    1 
ATOM   81   O O2    . U   A 1 5  ? 3.407   11.353  12.286  1.00 57.77 ? 4   U   A O2    1 
ATOM   82   N N3    . U   A 1 5  ? 1.296   11.934  11.689  1.00 58.91 ? 4   U   A N3    1 
ATOM   83   C C4    . U   A 1 5  ? 0.356   12.531  10.865  1.00 59.05 ? 4   U   A C4    1 
ATOM   84   O O4    . U   A 1 5  ? -0.837  12.430  11.134  1.00 61.03 ? 4   U   A O4    1 
ATOM   85   C C5    . U   A 1 5  ? 0.901   13.189  9.716   1.00 58.74 ? 4   U   A C5    1 
ATOM   86   C C6    . U   A 1 5  ? 2.220   13.172  9.508   1.00 57.23 ? 4   U   A C6    1 
ATOM   87   P P     . C   A 1 6  ? 5.164   9.212   6.717   1.00 60.78 ? 5   C   A P     1 
ATOM   88   O OP1   . C   A 1 6  ? 6.152   8.609   5.794   1.00 61.02 ? 5   C   A OP1   1 
ATOM   89   O OP2   . C   A 1 6  ? 3.750   9.300   6.298   1.00 61.83 ? 5   C   A OP2   1 
ATOM   90   O "O5'" . C   A 1 6  ? 5.305   8.407   8.073   1.00 58.35 ? 5   C   A "O5'" 1 
ATOM   91   C "C5'" . C   A 1 6  ? 6.588   8.016   8.496   1.00 57.09 ? 5   C   A "C5'" 1 
ATOM   92   C "C4'" . C   A 1 6  ? 6.521   7.326   9.818   1.00 56.80 ? 5   C   A "C4'" 1 
ATOM   93   O "O4'" . C   A 1 6  ? 5.909   8.207   10.791  1.00 56.29 ? 5   C   A "O4'" 1 
ATOM   94   C "C3'" . C   A 1 6  ? 5.642   6.105   9.866   1.00 56.71 ? 5   C   A "C3'" 1 
ATOM   95   O "O3'" . C   A 1 6  ? 6.293   4.980   9.330   1.00 58.10 ? 5   C   A "O3'" 1 
ATOM   96   C "C2'" . C   A 1 6  ? 5.430   5.979   11.359  1.00 56.47 ? 5   C   A "C2'" 1 
ATOM   97   O "O2'" . C   A 1 6  ? 6.603   5.554   12.009  1.00 56.35 ? 5   C   A "O2'" 1 
ATOM   98   C "C1'" . C   A 1 6  ? 5.162   7.436   11.717  1.00 54.63 ? 5   C   A "C1'" 1 
ATOM   99   N N1    . C   A 1 6  ? 3.735   7.763   11.547  1.00 50.44 ? 5   C   A N1    1 
ATOM   100  C C2    . C   A 1 6  ? 2.838   7.360   12.536  1.00 47.68 ? 5   C   A C2    1 
ATOM   101  O O2    . C   A 1 6  ? 3.269   6.706   13.500  1.00 45.64 ? 5   C   A O2    1 
ATOM   102  N N3    . C   A 1 6  ? 1.531   7.680   12.409  1.00 45.76 ? 5   C   A N3    1 
ATOM   103  C C4    . C   A 1 6  ? 1.113   8.358   11.339  1.00 47.93 ? 5   C   A C4    1 
ATOM   104  N N4    . C   A 1 6  ? -0.173  8.659   11.260  1.00 49.10 ? 5   C   A N4    1 
ATOM   105  C C5    . C   A 1 6  ? 2.002   8.759   10.302  1.00 48.45 ? 5   C   A C5    1 
ATOM   106  C C6    . C   A 1 6  ? 3.292   8.447   10.446  1.00 48.14 ? 5   C   A C6    1 
ATOM   107  P P     . A   A 1 7  ? 5.425   3.843   8.618   1.00 61.84 ? 6   A   A P     1 
ATOM   108  O OP1   . A   A 1 7  ? 6.359   2.817   8.118   1.00 62.27 ? 6   A   A OP1   1 
ATOM   109  O OP2   . A   A 1 7  ? 4.500   4.524   7.674   1.00 59.98 ? 6   A   A OP2   1 
ATOM   110  O "O5'" . A   A 1 7  ? 4.608   3.182   9.819   1.00 60.24 ? 6   A   A "O5'" 1 
ATOM   111  C "C5'" . A   A 1 7  ? 5.293   2.517   10.871  1.00 60.95 ? 6   A   A "C5'" 1 
ATOM   112  C "C4'" . A   A 1 7  ? 4.320   2.009   11.907  1.00 61.98 ? 6   A   A "C4'" 1 
ATOM   113  O "O4'" . A   A 1 7  ? 3.655   3.124   12.559  1.00 62.52 ? 6   A   A "O4'" 1 
ATOM   114  C "C3'" . A   A 1 7  ? 3.169   1.160   11.400  1.00 61.32 ? 6   A   A "C3'" 1 
ATOM   115  O "O3'" . A   A 1 7  ? 3.554   -0.186  11.205  1.00 61.31 ? 6   A   A "O3'" 1 
ATOM   116  C "C2'" . A   A 1 7  ? 2.193   1.261   12.554  1.00 59.98 ? 6   A   A "C2'" 1 
ATOM   117  O "O2'" . A   A 1 7  ? 2.602   0.443   13.629  1.00 58.54 ? 6   A   A "O2'" 1 
ATOM   118  C "C1'" . A   A 1 7  ? 2.338   2.735   12.926  1.00 61.17 ? 6   A   A "C1'" 1 
ATOM   119  N N9    . A   A 1 7  ? 1.392   3.588   12.204  1.00 60.66 ? 6   A   A N9    1 
ATOM   120  C C8    . A   A 1 7  ? 1.613   4.323   11.065  1.00 61.25 ? 6   A   A C8    1 
ATOM   121  N N7    . A   A 1 7  ? 0.573   5.016   10.670  1.00 60.47 ? 6   A   A N7    1 
ATOM   122  C C5    . A   A 1 7  ? -0.404  4.711   11.608  1.00 59.77 ? 6   A   A C5    1 
ATOM   123  C C6    . A   A 1 7  ? -1.744  5.137   11.763  1.00 57.91 ? 6   A   A C6    1 
ATOM   124  N N6    . A   A 1 7  ? -2.354  5.993   10.942  1.00 54.21 ? 6   A   A N6    1 
ATOM   125  N N1    . A   A 1 7  ? -2.436  4.644   12.810  1.00 59.08 ? 6   A   A N1    1 
ATOM   126  C C2    . A   A 1 7  ? -1.824  3.790   13.643  1.00 60.15 ? 6   A   A C2    1 
ATOM   127  N N3    . A   A 1 7  ? -0.580  3.321   13.609  1.00 60.22 ? 6   A   A N3    1 
ATOM   128  C C4    . A   A 1 7  ? 0.087   3.825   12.555  1.00 60.53 ? 6   A   A C4    1 
ATOM   129  P P     . C   A 1 8  ? 2.951   -1.003  9.967   1.00 62.37 ? 7   C   A P     1 
ATOM   130  O OP1   . C   A 1 8  ? 3.624   -2.322  9.957   1.00 62.15 ? 7   C   A OP1   1 
ATOM   131  O OP2   . C   A 1 8  ? 3.001   -0.139  8.761   1.00 60.56 ? 7   C   A OP2   1 
ATOM   132  O "O5'" . C   A 1 8  ? 1.435   -1.229  10.391  1.00 62.91 ? 7   C   A "O5'" 1 
ATOM   133  C "C5'" . C   A 1 8  ? 1.126   -1.850  11.639  1.00 62.71 ? 7   C   A "C5'" 1 
ATOM   134  C "C4'" . C   A 1 8  ? -0.353  -1.742  11.929  1.00 63.68 ? 7   C   A "C4'" 1 
ATOM   135  O "O4'" . C   A 1 8  ? -0.703  -0.374  12.282  1.00 63.14 ? 7   C   A "O4'" 1 
ATOM   136  C "C3'" . C   A 1 8  ? -1.267  -2.062  10.760  1.00 63.93 ? 7   C   A "C3'" 1 
ATOM   137  O "O3'" . C   A 1 8  ? -1.411  -3.465  10.585  1.00 64.91 ? 7   C   A "O3'" 1 
ATOM   138  C "C2'" . C   A 1 8  ? -2.557  -1.380  11.198  1.00 62.95 ? 7   C   A "C2'" 1 
ATOM   139  O "O2'" . C   A 1 8  ? -3.249  -2.120  12.189  1.00 63.69 ? 7   C   A "O2'" 1 
ATOM   140  C "C1'" . C   A 1 8  ? -2.013  -0.087  11.817  1.00 61.94 ? 7   C   A "C1'" 1 
ATOM   141  N N1    . C   A 1 8  ? -1.932  1.022   10.851  1.00 61.18 ? 7   C   A N1    1 
ATOM   142  C C2    . C   A 1 8  ? -3.098  1.743   10.548  1.00 60.81 ? 7   C   A C2    1 
ATOM   143  O O2    . C   A 1 8  ? -4.155  1.445   11.120  1.00 61.97 ? 7   C   A O2    1 
ATOM   144  N N3    . C   A 1 8  ? -3.041  2.748   9.643   1.00 60.59 ? 7   C   A N3    1 
ATOM   145  C C4    . C   A 1 8  ? -1.882  3.043   9.052   1.00 59.40 ? 7   C   A C4    1 
ATOM   146  N N4    . C   A 1 8  ? -1.877  4.028   8.160   1.00 58.86 ? 7   C   A N4    1 
ATOM   147  C C5    . C   A 1 8  ? -0.679  2.334   9.349   1.00 58.18 ? 7   C   A C5    1 
ATOM   148  C C6    . C   A 1 8  ? -0.748  1.343   10.247  1.00 59.36 ? 7   C   A C6    1 
ATOM   149  P P     . A   A 1 9  ? -1.373  -4.091  9.103   1.00 66.29 ? 8   A   A P     1 
ATOM   150  O OP1   . A   A 1 9  ? -1.094  -5.541  9.237   1.00 65.07 ? 8   A   A OP1   1 
ATOM   151  O OP2   . A   A 1 9  ? -0.499  -3.256  8.253   1.00 66.87 ? 8   A   A OP2   1 
ATOM   152  O "O5'" . A   A 1 9  ? -2.863  -3.914  8.566   1.00 65.37 ? 8   A   A "O5'" 1 
ATOM   153  C "C5'" . A   A 1 9  ? -3.980  -4.395  9.315   1.00 63.00 ? 8   A   A "C5'" 1 
ATOM   154  C "C4'" . A   A 1 9  ? -5.244  -3.714  8.849   1.00 62.75 ? 8   A   A "C4'" 1 
ATOM   155  O "O4'" . A   A 1 9  ? -5.222  -2.309  9.218   1.00 62.38 ? 8   A   A "O4'" 1 
ATOM   156  C "C3'" . A   A 1 9  ? -5.442  -3.675  7.345   1.00 61.27 ? 8   A   A "C3'" 1 
ATOM   157  O "O3'" . A   A 1 9  ? -5.987  -4.892  6.867   1.00 60.44 ? 8   A   A "O3'" 1 
ATOM   158  C "C2'" . A   A 1 9  ? -6.438  -2.537  7.192   1.00 61.92 ? 8   A   A "C2'" 1 
ATOM   159  O "O2'" . A   A 1 9  ? -7.756  -2.948  7.480   1.00 62.43 ? 8   A   A "O2'" 1 
ATOM   160  C "C1'" . A   A 1 9  ? -5.964  -1.557  8.269   1.00 61.23 ? 8   A   A "C1'" 1 
ATOM   161  N N9    . A   A 1 9  ? -5.118  -0.485  7.732   1.00 60.23 ? 8   A   A N9    1 
ATOM   162  C C8    . A   A 1 9  ? -3.754  -0.344  7.830   1.00 59.22 ? 8   A   A C8    1 
ATOM   163  N N7    . A   A 1 9  ? -3.290  0.717   7.213   1.00 58.06 ? 8   A   A N7    1 
ATOM   164  C C5    . A   A 1 9  ? -4.421  1.318   6.677   1.00 57.41 ? 8   A   A C5    1 
ATOM   165  C C6    . A   A 1 9  ? -4.605  2.481   5.900   1.00 57.86 ? 8   A   A C6    1 
ATOM   166  N N6    . A   A 1 9  ? -3.610  3.263   5.481   1.00 57.84 ? 8   A   A N6    1 
ATOM   167  N N1    . A   A 1 9  ? -5.866  2.812   5.552   1.00 58.13 ? 8   A   A N1    1 
ATOM   168  C C2    . A   A 1 9  ? -6.859  2.019   5.944   1.00 57.60 ? 8   A   A C2    1 
ATOM   169  N N3    . A   A 1 9  ? -6.814  0.898   6.659   1.00 57.84 ? 8   A   A N3    1 
ATOM   170  C C4    . A   A 1 9  ? -5.553  0.598   6.999   1.00 58.25 ? 8   A   A C4    1 
ATOM   171  P P     . C   A 1 10 ? -5.665  -5.368  5.371   1.00 61.78 ? 9   C   A P     1 
ATOM   172  O OP1   . C   A 1 10 ? -5.964  -6.815  5.262   1.00 59.49 ? 9   C   A OP1   1 
ATOM   173  O OP2   . C   A 1 10 ? -4.309  -4.881  5.028   1.00 61.47 ? 9   C   A OP2   1 
ATOM   174  O "O5'" . C   A 1 10 ? -6.682  -4.541  4.461   1.00 60.12 ? 9   C   A "O5'" 1 
ATOM   175  C "C5'" . C   A 1 10 ? -8.086  -4.628  4.653   1.00 54.18 ? 9   C   A "C5'" 1 
ATOM   176  C "C4'" . C   A 1 10 ? -8.774  -3.542  3.873   1.00 51.79 ? 9   C   A "C4'" 1 
ATOM   177  O "O4'" . C   A 1 10 ? -8.435  -2.254  4.441   1.00 52.83 ? 9   C   A "O4'" 1 
ATOM   178  C "C3'" . C   A 1 10 ? -8.319  -3.433  2.435   1.00 49.98 ? 9   C   A "C3'" 1 
ATOM   179  O "O3'" . C   A 1 10 ? -9.029  -4.326  1.607   1.00 49.69 ? 9   C   A "O3'" 1 
ATOM   180  C "C2'" . C   A 1 10 ? -8.652  -1.995  2.088   1.00 52.26 ? 9   C   A "C2'" 1 
ATOM   181  O "O2'" . C   A 1 10 ? -9.991  -1.801  1.707   1.00 52.61 ? 9   C   A "O2'" 1 
ATOM   182  C "C1'" . C   A 1 10 ? -8.361  -1.283  3.408   1.00 52.37 ? 9   C   A "C1'" 1 
ATOM   183  N N1    . C   A 1 10 ? -7.013  -0.681  3.408   1.00 52.40 ? 9   C   A N1    1 
ATOM   184  C C2    . C   A 1 10 ? -6.841  0.559   2.788   1.00 51.02 ? 9   C   A C2    1 
ATOM   185  O O2    . C   A 1 10 ? -7.821  1.110   2.278   1.00 49.53 ? 9   C   A O2    1 
ATOM   186  N N3    . C   A 1 10 ? -5.616  1.120   2.757   1.00 52.14 ? 9   C   A N3    1 
ATOM   187  C C4    . C   A 1 10 ? -4.584  0.491   3.317   1.00 52.06 ? 9   C   A C4    1 
ATOM   188  N N4    . C   A 1 10 ? -3.397  1.087   3.269   1.00 53.60 ? 9   C   A N4    1 
ATOM   189  C C5    . C   A 1 10 ? -4.728  -0.774  3.956   1.00 51.65 ? 9   C   A C5    1 
ATOM   190  C C6    . C   A 1 10 ? -5.948  -1.319  3.981   1.00 51.65 ? 9   C   A C6    1 
ATOM   191  P P     . C   A 1 11 ? -8.421  -4.719  0.186   1.00 48.00 ? 10  C   A P     1 
ATOM   192  O OP1   . C   A 1 11 ? -9.273  -5.733  -0.449  1.00 48.82 ? 10  C   A OP1   1 
ATOM   193  O OP2   . C   A 1 11 ? -6.994  -5.027  0.424   1.00 51.41 ? 10  C   A OP2   1 
ATOM   194  O "O5'" . C   A 1 11 ? -8.588  -3.388  -0.665  1.00 46.58 ? 10  C   A "O5'" 1 
ATOM   195  C "C5'" . C   A 1 11 ? -9.834  -3.077  -1.255  1.00 47.39 ? 10  C   A "C5'" 1 
ATOM   196  C "C4'" . C   A 1 11 ? -9.746  -1.792  -2.046  1.00 49.07 ? 10  C   A "C4'" 1 
ATOM   197  O "O4'" . C   A 1 11 ? -9.348  -0.702  -1.174  1.00 53.08 ? 10  C   A "O4'" 1 
ATOM   198  C "C3'" . C   A 1 11 ? -8.729  -1.733  -3.164  1.00 48.20 ? 10  C   A "C3'" 1 
ATOM   199  O "O3'" . C   A 1 11 ? -9.253  -2.338  -4.323  1.00 51.27 ? 10  C   A "O3'" 1 
ATOM   200  C "C2'" . C   A 1 11 ? -8.578  -0.235  -3.342  1.00 48.46 ? 10  C   A "C2'" 1 
ATOM   201  O "O2'" . C   A 1 11 ? -9.705  0.366   -3.935  1.00 50.21 ? 10  C   A "O2'" 1 
ATOM   202  C "C1'" . C   A 1 11 ? -8.543  0.214   -1.892  1.00 49.35 ? 10  C   A "C1'" 1 
ATOM   203  N N1    . C   A 1 11 ? -7.191  0.155   -1.333  1.00 48.78 ? 10  C   A N1    1 
ATOM   204  C C2    . C   A 1 11 ? -6.324  1.211   -1.575  1.00 48.40 ? 10  C   A C2    1 
ATOM   205  O O2    . C   A 1 11 ? -6.726  2.162   -2.252  1.00 47.33 ? 10  C   A O2    1 
ATOM   206  N N3    . C   A 1 11 ? -5.075  1.174   -1.064  1.00 48.54 ? 10  C   A N3    1 
ATOM   207  C C4    . C   A 1 11 ? -4.690  0.133   -0.325  1.00 49.46 ? 10  C   A C4    1 
ATOM   208  N N4    . C   A 1 11 ? -3.451  0.146   0.185   1.00 50.06 ? 10  C   A N4    1 
ATOM   209  C C5    . C   A 1 11 ? -5.557  -0.965  -0.066  1.00 48.33 ? 10  C   A C5    1 
ATOM   210  C C6    . C   A 1 11 ? -6.788  -0.912  -0.584  1.00 47.38 ? 10  C   A C6    1 
ATOM   211  P P     . G   A 1 12 ? -8.256  -2.994  -5.386  1.00 53.51 ? 11  G   A P     1 
ATOM   212  O OP1   . G   A 1 12 ? -9.088  -3.618  -6.451  1.00 51.56 ? 11  G   A OP1   1 
ATOM   213  O OP2   . G   A 1 12 ? -7.254  -3.815  -4.652  1.00 51.11 ? 11  G   A OP2   1 
ATOM   214  O "O5'" . G   A 1 12 ? -7.574  -1.717  -6.039  1.00 53.22 ? 11  G   A "O5'" 1 
ATOM   215  C "C5'" . G   A 1 12 ? -8.370  -0.811  -6.781  1.00 54.64 ? 11  G   A "C5'" 1 
ATOM   216  C "C4'" . G   A 1 12 ? -7.589  0.435   -7.119  1.00 54.64 ? 11  G   A "C4'" 1 
ATOM   217  O "O4'" . G   A 1 12 ? -7.130  1.067   -5.892  1.00 53.74 ? 11  G   A "O4'" 1 
ATOM   218  C "C3'" . G   A 1 12 ? -6.301  0.282   -7.905  1.00 52.88 ? 11  G   A "C3'" 1 
ATOM   219  O "O3'" . G   A 1 12 ? -6.512  0.076   -9.295  1.00 53.49 ? 11  G   A "O3'" 1 
ATOM   220  C "C2'" . G   A 1 12 ? -5.678  1.639   -7.649  1.00 53.79 ? 11  G   A "C2'" 1 
ATOM   221  O "O2'" . G   A 1 12 ? -6.409  2.634   -8.335  1.00 51.23 ? 11  G   A "O2'" 1 
ATOM   222  C "C1'" . G   A 1 12 ? -5.940  1.789   -6.152  1.00 53.89 ? 11  G   A "C1'" 1 
ATOM   223  N N9    . G   A 1 12 ? -4.879  1.248   -5.305  1.00 53.53 ? 11  G   A N9    1 
ATOM   224  C C8    . G   A 1 12 ? -4.908  0.083   -4.580  1.00 53.40 ? 11  G   A C8    1 
ATOM   225  N N7    . G   A 1 12 ? -3.821  -0.118  -3.884  1.00 53.84 ? 11  G   A N7    1 
ATOM   226  C C5    . G   A 1 12 ? -3.020  0.977   -4.177  1.00 54.27 ? 11  G   A C5    1 
ATOM   227  C C6    . G   A 1 12 ? -1.706  1.326   -3.716  1.00 53.59 ? 11  G   A C6    1 
ATOM   228  O O6    . G   A 1 12 ? -0.969  0.720   -2.922  1.00 49.45 ? 11  G   A O6    1 
ATOM   229  N N1    . G   A 1 12 ? -1.278  2.521   -4.279  1.00 53.58 ? 11  G   A N1    1 
ATOM   230  C C2    . G   A 1 12 ? -2.002  3.284   -5.153  1.00 54.78 ? 11  G   A C2    1 
ATOM   231  N N2    . G   A 1 12 ? -1.426  4.400   -5.569  1.00 58.05 ? 11  G   A N2    1 
ATOM   232  N N3    . G   A 1 12 ? -3.208  2.979   -5.585  1.00 55.33 ? 11  G   A N3    1 
ATOM   233  C C4    . G   A 1 12 ? -3.655  1.823   -5.061  1.00 54.10 ? 11  G   A C4    1 
ATOM   234  P P     . G   A 1 13 ? -5.461  -0.824  -10.124 1.00 55.22 ? 12  G   A P     1 
ATOM   235  O OP1   . G   A 1 13 ? -6.083  -1.139  -11.430 1.00 53.77 ? 12  G   A OP1   1 
ATOM   236  O OP2   . G   A 1 13 ? -4.945  -1.923  -9.259  1.00 51.74 ? 12  G   A OP2   1 
ATOM   237  O "O5'" . G   A 1 13 ? -4.248  0.165   -10.429 1.00 54.55 ? 12  G   A "O5'" 1 
ATOM   238  C "C5'" . G   A 1 13 ? -4.465  1.347   -11.179 1.00 52.31 ? 12  G   A "C5'" 1 
ATOM   239  C "C4'" . G   A 1 13 ? -3.335  2.316   -10.963 1.00 52.08 ? 12  G   A "C4'" 1 
ATOM   240  O "O4'" . G   A 1 13 ? -3.192  2.590   -9.544  1.00 51.36 ? 12  G   A "O4'" 1 
ATOM   241  C "C3'" . G   A 1 13 ? -1.956  1.820   -11.358 1.00 50.08 ? 12  G   A "C3'" 1 
ATOM   242  O "O3'" . G   A 1 13 ? -1.767  1.937   -12.757 1.00 46.61 ? 12  G   A "O3'" 1 
ATOM   243  C "C2'" . G   A 1 13 ? -1.078  2.781   -10.580 1.00 51.30 ? 12  G   A "C2'" 1 
ATOM   244  O "O2'" . G   A 1 13 ? -1.112  4.068   -11.154 1.00 51.19 ? 12  G   A "O2'" 1 
ATOM   245  C "C1'" . G   A 1 13 ? -1.820  2.828   -9.245  1.00 52.13 ? 12  G   A "C1'" 1 
ATOM   246  N N9    . G   A 1 13 ? -1.359  1.802   -8.311  1.00 50.77 ? 12  G   A N9    1 
ATOM   247  C C8    . G   A 1 13 ? -2.031  0.669   -7.930  1.00 50.21 ? 12  G   A C8    1 
ATOM   248  N N7    . G   A 1 13 ? -1.363  -0.063  -7.079  1.00 49.78 ? 12  G   A N7    1 
ATOM   249  C C5    . G   A 1 13 ? -0.176  0.626   -6.882  1.00 49.50 ? 12  G   A C5    1 
ATOM   250  C C6    . G   A 1 13 ? 0.970   0.309   -6.063  1.00 48.61 ? 12  G   A C6    1 
ATOM   251  O O6    . G   A 1 13 ? 1.164   -0.685  -5.341  1.00 45.74 ? 12  G   A O6    1 
ATOM   252  N N1    . G   A 1 13 ? 1.955   1.293   -6.166  1.00 48.62 ? 12  G   A N1    1 
ATOM   253  C C2    . G   A 1 13 ? 1.869   2.418   -6.958  1.00 49.32 ? 12  G   A C2    1 
ATOM   254  N N2    . G   A 1 13 ? 2.917   3.245   -6.923  1.00 50.25 ? 12  G   A N2    1 
ATOM   255  N N3    . G   A 1 13 ? 0.825   2.713   -7.728  1.00 49.27 ? 12  G   A N3    1 
ATOM   256  C C4    . G   A 1 13 ? -0.155  1.783   -7.636  1.00 49.91 ? 12  G   A C4    1 
ATOM   257  P P     . U   A 1 14 ? -0.870  0.856   -13.533 1.00 49.26 ? 13  U   A P     1 
ATOM   258  O OP1   . U   A 1 14 ? -0.957  1.240   -14.956 1.00 49.01 ? 13  U   A OP1   1 
ATOM   259  O OP2   . U   A 1 14 ? -1.177  -0.540  -13.142 1.00 49.39 ? 13  U   A OP2   1 
ATOM   260  O "O5'" . U   A 1 14 ? 0.598   1.151   -12.993 1.00 50.69 ? 13  U   A "O5'" 1 
ATOM   261  C "C5'" . U   A 1 14 ? 1.243   2.379   -13.283 1.00 49.65 ? 13  U   A "C5'" 1 
ATOM   262  C "C4'" . U   A 1 14 ? 2.580   2.431   -12.597 1.00 51.09 ? 13  U   A "C4'" 1 
ATOM   263  O "O4'" . U   A 1 14 ? 2.378   2.460   -11.162 1.00 49.59 ? 13  U   A "O4'" 1 
ATOM   264  C "C3'" . U   A 1 14 ? 3.507   1.241   -12.795 1.00 51.08 ? 13  U   A "C3'" 1 
ATOM   265  O "O3'" . U   A 1 14 ? 4.194   1.320   -14.035 1.00 50.55 ? 13  U   A "O3'" 1 
ATOM   266  C "C2'" . U   A 1 14 ? 4.460   1.437   -11.633 1.00 52.11 ? 13  U   A "C2'" 1 
ATOM   267  O "O2'" . U   A 1 14 ? 5.342   2.503   -11.901 1.00 52.02 ? 13  U   A "O2'" 1 
ATOM   268  C "C1'" . U   A 1 14 ? 3.488   1.852   -10.524 1.00 51.89 ? 13  U   A "C1'" 1 
ATOM   269  N N1    . U   A 1 14 ? 2.998   0.701   -9.754  1.00 52.52 ? 13  U   A N1    1 
ATOM   270  C C2    . U   A 1 14 ? 3.839   0.160   -8.797  1.00 52.94 ? 13  U   A C2    1 
ATOM   271  O O2    . U   A 1 14 ? 4.941   0.595   -8.573  1.00 55.34 ? 13  U   A O2    1 
ATOM   272  N N3    . U   A 1 14 ? 3.336   -0.916  -8.117  1.00 53.42 ? 13  U   A N3    1 
ATOM   273  C C4    . U   A 1 14 ? 2.091   -1.495  -8.290  1.00 52.82 ? 13  U   A C4    1 
ATOM   274  O O4    . U   A 1 14 ? 1.724   -2.373  -7.510  1.00 52.93 ? 13  U   A O4    1 
ATOM   275  C C5    . U   A 1 14 ? 1.283   -0.880  -9.307  1.00 52.67 ? 13  U   A C5    1 
ATOM   276  C C6    . U   A 1 14 ? 1.754   0.174   -9.983  1.00 52.24 ? 13  U   A C6    1 
ATOM   277  P P     . G   A 1 15 ? 4.861   0.001   -14.680 1.00 53.31 ? 14  G   A P     1 
ATOM   278  O OP1   . G   A 1 15 ? 5.443   0.454   -15.963 1.00 54.59 ? 14  G   A OP1   1 
ATOM   279  O OP2   . G   A 1 15 ? 3.984   -1.183  -14.670 1.00 53.90 ? 14  G   A OP2   1 
ATOM   280  O "O5'" . G   A 1 15 ? 6.063   -0.323  -13.700 1.00 53.49 ? 14  G   A "O5'" 1 
ATOM   281  C "C5'" . G   A 1 15 ? 7.189   0.524   -13.662 1.00 51.52 ? 14  G   A "C5'" 1 
ATOM   282  C "C4'" . G   A 1 15 ? 8.194   -0.022  -12.705 1.00 51.15 ? 14  G   A "C4'" 1 
ATOM   283  O "O4'" . G   A 1 15 ? 7.627   -0.031  -11.370 1.00 50.92 ? 14  G   A "O4'" 1 
ATOM   284  C "C3'" . G   A 1 15 ? 8.543   -1.472  -12.949 1.00 50.85 ? 14  G   A "C3'" 1 
ATOM   285  O "O3'" . G   A 1 15 ? 9.489   -1.601  -13.994 1.00 52.35 ? 14  G   A "O3'" 1 
ATOM   286  C "C2'" . G   A 1 15 ? 9.087   -1.894  -11.594 1.00 52.14 ? 14  G   A "C2'" 1 
ATOM   287  O "O2'" . G   A 1 15 ? 10.405  -1.469  -11.372 1.00 53.06 ? 14  G   A "O2'" 1 
ATOM   288  C "C1'" . G   A 1 15 ? 8.159   -1.130  -10.647 1.00 52.86 ? 14  G   A "C1'" 1 
ATOM   289  N N9    . G   A 1 15 ? 7.067   -1.973  -10.176 1.00 53.01 ? 14  G   A N9    1 
ATOM   290  C C8    . G   A 1 15 ? 5.785   -2.068  -10.679 1.00 53.37 ? 14  G   A C8    1 
ATOM   291  N N7    . G   A 1 15 ? 5.047   -2.934  -10.034 1.00 51.98 ? 14  G   A N7    1 
ATOM   292  C C5    . G   A 1 15 ? 5.890   -3.434  -9.050  1.00 51.95 ? 14  G   A C5    1 
ATOM   293  C C6    . G   A 1 15 ? 5.653   -4.393  -8.038  1.00 51.28 ? 14  G   A C6    1 
ATOM   294  O O6    . G   A 1 15 ? 4.623   -5.009  -7.794  1.00 55.01 ? 14  G   A O6    1 
ATOM   295  N N1    . G   A 1 15 ? 6.782   -4.607  -7.259  1.00 51.66 ? 14  G   A N1    1 
ATOM   296  C C2    . G   A 1 15 ? 7.990   -3.974  -7.429  1.00 51.33 ? 14  G   A C2    1 
ATOM   297  N N2    . G   A 1 15 ? 8.971   -4.323  -6.582  1.00 50.25 ? 14  G   A N2    1 
ATOM   298  N N3    . G   A 1 15 ? 8.223   -3.068  -8.362  1.00 51.56 ? 14  G   A N3    1 
ATOM   299  C C4    . G   A 1 15 ? 7.139   -2.850  -9.130  1.00 52.39 ? 14  G   A C4    1 
ATOM   300  P P     . A   A 1 16 ? 9.670   -3.014  -14.719 1.00 55.48 ? 15  A   A P     1 
ATOM   301  O OP1   . A   A 1 16 ? 10.741  -2.857  -15.721 1.00 59.15 ? 15  A   A OP1   1 
ATOM   302  O OP2   . A   A 1 16 ? 8.359   -3.547  -15.155 1.00 56.82 ? 15  A   A OP2   1 
ATOM   303  O "O5'" . A   A 1 16 ? 10.205  -3.928  -13.535 1.00 57.59 ? 15  A   A "O5'" 1 
ATOM   304  C "C5'" . A   A 1 16 ? 11.587  -4.047  -13.293 1.00 59.98 ? 15  A   A "C5'" 1 
ATOM   305  C "C4'" . A   A 1 16 ? 12.114  -5.221  -14.063 1.00 62.70 ? 15  A   A "C4'" 1 
ATOM   306  O "O4'" . A   A 1 16 ? 13.529  -5.082  -14.314 1.00 63.52 ? 15  A   A "O4'" 1 
ATOM   307  C "C3'" . A   A 1 16 ? 11.947  -6.579  -13.413 1.00 62.79 ? 15  A   A "C3'" 1 
ATOM   308  O "O3'" . A   A 1 16 ? 10.637  -7.049  -13.694 1.00 62.96 ? 15  A   A "O3'" 1 
ATOM   309  C "C2'" . A   A 1 16 ? 13.016  -7.389  -14.135 1.00 63.08 ? 15  A   A "C2'" 1 
ATOM   310  O "O2'" . A   A 1 16 ? 12.586  -7.746  -15.436 1.00 61.93 ? 15  A   A "O2'" 1 
ATOM   311  C "C1'" . A   A 1 16 ? 14.136  -6.355  -14.284 1.00 64.14 ? 15  A   A "C1'" 1 
ATOM   312  N N9    . A   A 1 16 ? 15.136  -6.335  -13.220 1.00 64.08 ? 15  A   A N9    1 
ATOM   313  C C8    . A   A 1 16 ? 15.007  -5.834  -11.949 1.00 64.45 ? 15  A   A C8    1 
ATOM   314  N N7    . A   A 1 16 ? 16.104  -5.903  -11.238 1.00 64.55 ? 15  A   A N7    1 
ATOM   315  C C5    . A   A 1 16 ? 17.018  -6.495  -12.098 1.00 64.44 ? 15  A   A C5    1 
ATOM   316  C C6    . A   A 1 16 ? 18.371  -6.838  -11.946 1.00 64.21 ? 15  A   A C6    1 
ATOM   317  N N6    . A   A 1 16 ? 19.071  -6.613  -10.833 1.00 63.33 ? 15  A   A N6    1 
ATOM   318  N N1    . A   A 1 16 ? 18.989  -7.426  -12.992 1.00 64.54 ? 15  A   A N1    1 
ATOM   319  C C2    . A   A 1 16 ? 18.281  -7.651  -14.110 1.00 63.90 ? 15  A   A C2    1 
ATOM   320  N N3    . A   A 1 16 ? 17.005  -7.372  -14.373 1.00 63.78 ? 15  A   A N3    1 
ATOM   321  C C4    . A   A 1 16 ? 16.426  -6.787  -13.314 1.00 64.40 ? 15  A   A C4    1 
ATOM   322  P P     . A   A 1 17 ? 10.195  -8.519  -13.232 1.00 62.77 ? 16  A   A P     1 
ATOM   323  O OP1   . A   A 1 17 ? 8.725   -8.602  -13.405 1.00 63.71 ? 16  A   A OP1   1 
ATOM   324  O OP2   . A   A 1 17 ? 10.803  -8.784  -11.902 1.00 64.07 ? 16  A   A OP2   1 
ATOM   325  O "O5'" . A   A 1 17 ? 10.834  -9.498  -14.316 1.00 61.06 ? 16  A   A "O5'" 1 
ATOM   326  C "C5'" . A   A 1 17 ? 10.625  -10.894 -14.217 1.00 62.07 ? 16  A   A "C5'" 1 
ATOM   327  C "C4'" . A   A 1 17 ? 11.938  -11.642 -14.246 1.00 62.08 ? 16  A   A "C4'" 1 
ATOM   328  O "O4'" . A   A 1 17 ? 13.047  -10.764 -13.965 1.00 62.61 ? 16  A   A "O4'" 1 
ATOM   329  C "C3'" . A   A 1 17 ? 12.049  -12.720 -13.185 1.00 62.85 ? 16  A   A "C3'" 1 
ATOM   330  O "O3'" . A   A 1 17 ? 11.396  -13.909 -13.626 1.00 62.40 ? 16  A   A "O3'" 1 
ATOM   331  C "C2'" . A   A 1 17 ? 13.562  -12.902 -13.041 1.00 62.48 ? 16  A   A "C2'" 1 
ATOM   332  O "O2'" . A   A 1 17 ? 14.126  -13.818 -13.955 1.00 65.91 ? 16  A   A "O2'" 1 
ATOM   333  C "C1'" . A   A 1 17 ? 14.092  -11.509 -13.372 1.00 62.14 ? 16  A   A "C1'" 1 
ATOM   334  N N9    . A   A 1 17 ? 14.607  -10.763 -12.230 1.00 63.17 ? 16  A   A N9    1 
ATOM   335  C C8    . A   A 1 17 ? 13.893  -10.068 -11.296 1.00 63.97 ? 16  A   A C8    1 
ATOM   336  N N7    . A   A 1 17 ? 14.638  -9.467  -10.404 1.00 65.07 ? 16  A   A N7    1 
ATOM   337  C C5    . A   A 1 17 ? 15.934  -9.792  -10.773 1.00 62.94 ? 16  A   A C5    1 
ATOM   338  C C6    . A   A 1 17 ? 17.182  -9.445  -10.240 1.00 62.27 ? 16  A   A C6    1 
ATOM   339  N N6    . A   A 1 17 ? 17.339  -8.651  -9.179  1.00 60.81 ? 16  A   A N6    1 
ATOM   340  N N1    . A   A 1 17 ? 18.282  -9.940  -10.844 1.00 62.20 ? 16  A   A N1    1 
ATOM   341  C C2    . A   A 1 17 ? 18.125  -10.719 -11.917 1.00 62.11 ? 16  A   A C2    1 
ATOM   342  N N3    . A   A 1 17 ? 17.008  -11.107 -12.519 1.00 62.14 ? 16  A   A N3    1 
ATOM   343  C C4    . A   A 1 17 ? 15.931  -10.601 -11.889 1.00 62.79 ? 16  A   A C4    1 
ATOM   344  P P     . G   A 1 18 ? 9.918   -14.258 -13.097 1.00 61.82 ? 17  G   A P     1 
ATOM   345  O OP1   . G   A 1 18 ? 9.528   -15.519 -13.774 1.00 61.17 ? 17  G   A OP1   1 
ATOM   346  O OP2   . G   A 1 18 ? 9.053   -13.063 -13.224 1.00 57.32 ? 17  G   A OP2   1 
ATOM   347  O "O5'" . G   A 1 18 ? 10.114  -14.529 -11.543 1.00 61.93 ? 17  G   A "O5'" 1 
ATOM   348  C "C5'" . G   A 1 18 ? 11.064  -15.475 -11.076 1.00 63.48 ? 17  G   A "C5'" 1 
ATOM   349  C "C4'" . G   A 1 18 ? 10.891  -15.690 -9.593  1.00 64.55 ? 17  G   A "C4'" 1 
ATOM   350  O "O4'" . G   A 1 18 ? 10.953  -14.398 -8.922  1.00 64.41 ? 17  G   A "O4'" 1 
ATOM   351  C "C3'" . G   A 1 18 ? 9.551   -16.257 -9.145  1.00 65.45 ? 17  G   A "C3'" 1 
ATOM   352  O "O3'" . G   A 1 18 ? 9.530   -17.673 -9.205  1.00 66.66 ? 17  G   A "O3'" 1 
ATOM   353  C "C2'" . G   A 1 18 ? 9.511   -15.783 -7.708  1.00 65.59 ? 17  G   A "C2'" 1 
ATOM   354  O "O2'" . G   A 1 18 ? 10.463  -16.478 -6.934  1.00 66.97 ? 17  G   A "O2'" 1 
ATOM   355  C "C1'" . G   A 1 18 ? 9.990   -14.348 -7.884  1.00 64.46 ? 17  G   A "C1'" 1 
ATOM   356  N N9    . G   A 1 18 ? 8.901   -13.498 -8.346  1.00 64.33 ? 17  G   A N9    1 
ATOM   357  C C8    . G   A 1 18 ? 8.903   -12.701 -9.464  1.00 64.86 ? 17  G   A C8    1 
ATOM   358  N N7    . G   A 1 18 ? 7.775   -12.075 -9.648  1.00 63.39 ? 17  G   A N7    1 
ATOM   359  C C5    . G   A 1 18 ? 6.981   -12.474 -8.582  1.00 62.97 ? 17  G   A C5    1 
ATOM   360  C C6    . G   A 1 18 ? 5.651   -12.118 -8.246  1.00 62.48 ? 17  G   A C6    1 
ATOM   361  O O6    . G   A 1 18 ? 4.883   -11.349 -8.845  1.00 61.22 ? 17  G   A O6    1 
ATOM   362  N N1    . G   A 1 18 ? 5.232   -12.752 -7.081  1.00 61.97 ? 17  G   A N1    1 
ATOM   363  C C2    . G   A 1 18 ? 5.996   -13.609 -6.331  1.00 62.83 ? 17  G   A C2    1 
ATOM   364  N N2    . G   A 1 18 ? 5.418   -14.106 -5.231  1.00 62.44 ? 17  G   A N2    1 
ATOM   365  N N3    . G   A 1 18 ? 7.237   -13.951 -6.636  1.00 63.76 ? 17  G   A N3    1 
ATOM   366  C C4    . G   A 1 18 ? 7.663   -13.350 -7.765  1.00 63.54 ? 17  G   A C4    1 
ATOM   367  P P     . U   A 1 19 ? 8.233   -18.417 -9.778  1.00 68.29 ? 18  U   A P     1 
ATOM   368  O OP1   . U   A 1 19 ? 8.558   -19.857 -9.939  1.00 69.21 ? 18  U   A OP1   1 
ATOM   369  O OP2   . U   A 1 19 ? 7.760   -17.638 -10.946 1.00 67.37 ? 18  U   A OP2   1 
ATOM   370  O "O5'" . U   A 1 19 ? 7.159   -18.273 -8.607  1.00 69.33 ? 18  U   A "O5'" 1 
ATOM   371  C "C5'" . U   A 1 19 ? 7.435   -18.747 -7.291  1.00 68.17 ? 18  U   A "C5'" 1 
ATOM   372  C "C4'" . U   A 1 19 ? 6.172   -18.756 -6.467  1.00 67.87 ? 18  U   A "C4'" 1 
ATOM   373  O "O4'" . U   A 1 19 ? 5.673   -17.402 -6.335  1.00 67.94 ? 18  U   A "O4'" 1 
ATOM   374  C "C3'" . U   A 1 19 ? 5.007   -19.503 -7.090  1.00 67.98 ? 18  U   A "C3'" 1 
ATOM   375  O "O3'" . U   A 1 19 ? 5.105   -20.885 -6.796  1.00 67.46 ? 18  U   A "O3'" 1 
ATOM   376  C "C2'" . U   A 1 19 ? 3.803   -18.873 -6.401  1.00 67.64 ? 18  U   A "C2'" 1 
ATOM   377  O "O2'" . U   A 1 19 ? 3.548   -19.422 -5.125  1.00 68.48 ? 18  U   A "O2'" 1 
ATOM   378  C "C1'" . U   A 1 19 ? 4.258   -17.419 -6.258  1.00 66.16 ? 18  U   A "C1'" 1 
ATOM   379  N N1    . U   A 1 19 ? 3.723   -16.524 -7.290  1.00 64.59 ? 18  U   A N1    1 
ATOM   380  C C2    . U   A 1 19 ? 2.379   -16.250 -7.247  1.00 64.41 ? 18  U   A C2    1 
ATOM   381  O O2    . U   A 1 19 ? 1.642   -16.754 -6.438  1.00 65.92 ? 18  U   A O2    1 
ATOM   382  N N3    . U   A 1 19 ? 1.929   -15.371 -8.196  1.00 63.01 ? 18  U   A N3    1 
ATOM   383  C C4    . U   A 1 19 ? 2.673   -14.760 -9.178  1.00 61.92 ? 18  U   A C4    1 
ATOM   384  O O4    . U   A 1 19 ? 2.134   -13.940 -9.923  1.00 60.90 ? 18  U   A O4    1 
ATOM   385  C C5    . U   A 1 19 ? 4.061   -15.118 -9.183  1.00 61.87 ? 18  U   A C5    1 
ATOM   386  C C6    . U   A 1 19 ? 4.527   -15.968 -8.257  1.00 62.72 ? 18  U   A C6    1 
ATOM   387  P P     . C   A 1 20 ? 4.660   -21.963 -7.898  1.00 67.69 ? 19  C   A P     1 
ATOM   388  O OP1   . C   A 1 20 ? 5.198   -23.270 -7.444  1.00 66.71 ? 19  C   A OP1   1 
ATOM   389  O OP2   . C   A 1 20 ? 5.031   -21.438 -9.234  1.00 68.12 ? 19  C   A OP2   1 
ATOM   390  O "O5'" . C   A 1 20 ? 3.069   -21.990 -7.787  1.00 68.07 ? 19  C   A "O5'" 1 
ATOM   391  C "C5'" . C   A 1 20 ? 2.440   -22.319 -6.556  1.00 66.36 ? 19  C   A "C5'" 1 
ATOM   392  C "C4'" . C   A 1 20 ? 1.049   -21.738 -6.499  1.00 65.18 ? 19  C   A "C4'" 1 
ATOM   393  O "O4'" . C   A 1 20 ? 1.119   -20.290 -6.538  1.00 64.94 ? 19  C   A "O4'" 1 
ATOM   394  C "C3'" . C   A 1 20 ? 0.129   -22.072 -7.660  1.00 65.26 ? 19  C   A "C3'" 1 
ATOM   395  O "O3'" . C   A 1 20 ? -0.446  -23.361 -7.518  1.00 66.10 ? 19  C   A "O3'" 1 
ATOM   396  C "C2'" . C   A 1 20 ? -0.922  -20.974 -7.547  1.00 64.70 ? 19  C   A "C2'" 1 
ATOM   397  O "O2'" . C   A 1 20 ? -1.882  -21.211 -6.537  1.00 63.81 ? 19  C   A "O2'" 1 
ATOM   398  C "C1'" . C   A 1 20 ? -0.052  -19.780 -7.158  1.00 64.58 ? 19  C   A "C1'" 1 
ATOM   399  N N1    . C   A 1 20 ? 0.338   -19.003 -8.338  1.00 63.98 ? 19  C   A N1    1 
ATOM   400  C C2    . C   A 1 20 ? -0.609  -18.167 -8.920  1.00 62.53 ? 19  C   A C2    1 
ATOM   401  O O2    . C   A 1 20 ? -1.735  -18.105 -8.417  1.00 61.63 ? 19  C   A O2    1 
ATOM   402  N N3    . C   A 1 20 ? -0.279  -17.450 -10.013 1.00 62.61 ? 19  C   A N3    1 
ATOM   403  C C4    . C   A 1 20 ? 0.945   -17.548 -10.525 1.00 62.13 ? 19  C   A C4    1 
ATOM   404  N N4    . C   A 1 20 ? 1.222   -16.822 -11.602 1.00 61.89 ? 19  C   A N4    1 
ATOM   405  C C5    . C   A 1 20 ? 1.935   -18.394 -9.952  1.00 61.55 ? 19  C   A C5    1 
ATOM   406  C C6    . C   A 1 20 ? 1.593   -19.098 -8.867  1.00 62.41 ? 19  C   A C6    1 
ATOM   407  P P     . G   A 1 21 ? -1.000  -24.130 -8.816  1.00 68.02 ? 20  G   A P     1 
ATOM   408  O OP1   . G   A 1 21 ? -1.497  -25.436 -8.317  1.00 66.55 ? 20  G   A OP1   1 
ATOM   409  O OP2   . G   A 1 21 ? 0.013   -24.096 -9.901  1.00 67.30 ? 20  G   A OP2   1 
ATOM   410  O "O5'" . G   A 1 21 ? -2.245  -23.252 -9.270  1.00 67.03 ? 20  G   A "O5'" 1 
ATOM   411  C "C5'" . G   A 1 21 ? -3.375  -23.136 -8.424  1.00 66.82 ? 20  G   A "C5'" 1 
ATOM   412  C "C4'" . G   A 1 21 ? -4.498  -22.470 -9.160  1.00 67.16 ? 20  G   A "C4'" 1 
ATOM   413  O "O4'" . G   A 1 21 ? -4.228  -21.054 -9.308  1.00 66.17 ? 20  G   A "O4'" 1 
ATOM   414  C "C3'" . G   A 1 21 ? -4.681  -22.950 -10.584 1.00 67.43 ? 20  G   A "C3'" 1 
ATOM   415  O "O3'" . G   A 1 21 ? -5.398  -24.172 -10.611 1.00 69.74 ? 20  G   A "O3'" 1 
ATOM   416  C "C2'" . G   A 1 21 ? -5.459  -21.796 -11.200 1.00 66.43 ? 20  G   A "C2'" 1 
ATOM   417  O "O2'" . G   A 1 21 ? -6.826  -21.810 -10.848 1.00 67.50 ? 20  G   A "O2'" 1 
ATOM   418  C "C1'" . G   A 1 21 ? -4.788  -20.597 -10.529 1.00 65.25 ? 20  G   A "C1'" 1 
ATOM   419  N N9    . G   A 1 21 ? -3.716  -20.023 -11.329 1.00 63.27 ? 20  G   A N9    1 
ATOM   420  C C8    . G   A 1 21 ? -2.373  -20.288 -11.230 1.00 63.37 ? 20  G   A C8    1 
ATOM   421  N N7    . G   A 1 21 ? -1.652  -19.598 -12.070 1.00 62.09 ? 20  G   A N7    1 
ATOM   422  C C5    . G   A 1 21 ? -2.578  -18.838 -12.767 1.00 61.32 ? 20  G   A C5    1 
ATOM   423  C C6    . G   A 1 21 ? -2.389  -17.890 -13.791 1.00 61.20 ? 20  G   A C6    1 
ATOM   424  O O6    . G   A 1 21 ? -1.331  -17.524 -14.310 1.00 61.07 ? 20  G   A O6    1 
ATOM   425  N N1    . G   A 1 21 ? -3.599  -17.347 -14.216 1.00 61.14 ? 20  G   A N1    1 
ATOM   426  C C2    . G   A 1 21 ? -4.833  -17.683 -13.714 1.00 61.85 ? 20  G   A C2    1 
ATOM   427  N N2    . G   A 1 21 ? -5.888  -17.059 -14.256 1.00 62.36 ? 20  G   A N2    1 
ATOM   428  N N3    . G   A 1 21 ? -5.018  -18.565 -12.751 1.00 61.83 ? 20  G   A N3    1 
ATOM   429  C C4    . G   A 1 21 ? -3.856  -19.098 -12.327 1.00 61.83 ? 20  G   A C4    1 
ATOM   430  P P     . C   A 1 22 ? -5.634  -24.918 -12.011 1.00 71.82 ? 21  C   A P     1 
ATOM   431  O OP1   . C   A 1 22 ? -6.175  -26.258 -11.680 1.00 70.18 ? 21  C   A OP1   1 
ATOM   432  O OP2   . C   A 1 22 ? -4.395  -24.806 -12.820 1.00 71.83 ? 21  C   A OP2   1 
ATOM   433  O "O5'" . C   A 1 22 ? -6.776  -24.047 -12.704 1.00 70.42 ? 21  C   A "O5'" 1 
ATOM   434  C "C5'" . C   A 1 22 ? -7.028  -24.144 -14.095 1.00 69.96 ? 21  C   A "C5'" 1 
ATOM   435  C "C4'" . C   A 1 22 ? -7.580  -22.841 -14.610 1.00 70.24 ? 21  C   A "C4'" 1 
ATOM   436  O "O4'" . C   A 1 22 ? -6.749  -21.756 -14.131 1.00 69.78 ? 21  C   A "O4'" 1 
ATOM   437  C "C3'" . C   A 1 22 ? -7.551  -22.702 -16.123 1.00 70.85 ? 21  C   A "C3'" 1 
ATOM   438  O "O3'" . C   A 1 22 ? -8.656  -23.333 -16.767 1.00 71.83 ? 21  C   A "O3'" 1 
ATOM   439  C "C2'" . C   A 1 22 ? -7.517  -21.194 -16.311 1.00 70.10 ? 21  C   A "C2'" 1 
ATOM   440  O "O2'" . C   A 1 22 ? -8.787  -20.599 -16.171 1.00 71.54 ? 21  C   A "O2'" 1 
ATOM   441  C "C1'" . C   A 1 22 ? -6.637  -20.766 -15.137 1.00 69.05 ? 21  C   A "C1'" 1 
ATOM   442  N N1    . C   A 1 22 ? -5.217  -20.618 -15.492 1.00 68.27 ? 21  C   A N1    1 
ATOM   443  C C2    . C   A 1 22 ? -4.869  -19.703 -16.486 1.00 67.07 ? 21  C   A C2    1 
ATOM   444  O O2    . C   A 1 22 ? -5.772  -19.078 -17.067 1.00 67.86 ? 21  C   A O2    1 
ATOM   445  N N3    . C   A 1 22 ? -3.565  -19.525 -16.794 1.00 65.99 ? 21  C   A N3    1 
ATOM   446  C C4    . C   A 1 22 ? -2.630  -20.227 -16.156 1.00 66.90 ? 21  C   A C4    1 
ATOM   447  N N4    . C   A 1 22 ? -1.356  -20.004 -16.481 1.00 65.64 ? 21  C   A N4    1 
ATOM   448  C C5    . C   A 1 22 ? -2.957  -21.184 -15.152 1.00 66.41 ? 21  C   A C5    1 
ATOM   449  C C6    . C   A 1 22 ? -4.250  -21.349 -14.856 1.00 68.02 ? 21  C   A C6    1 
ATOM   450  P P     . G   B 1 2  ? 2.232   -12.142 -23.236 1.00 81.68 ? 22  G   B P     1 
ATOM   451  O OP1   . G   B 1 2  ? 2.646   -12.503 -24.669 1.00 81.67 ? 22  G   B OP1   1 
ATOM   452  O OP2   . G   B 1 2  ? 2.206   -10.635 -22.969 1.00 81.68 ? 22  G   B OP2   1 
ATOM   453  O "O5'" . G   B 1 2  ? 0.681   -12.636 -23.087 1.00 81.21 ? 22  G   B "O5'" 1 
ATOM   454  C "C5'" . G   B 1 2  ? -0.305  -12.268 -24.073 1.00 80.30 ? 22  G   B "C5'" 1 
ATOM   455  C "C4'" . G   B 1 2  ? -1.698  -12.572 -23.571 1.00 78.13 ? 22  G   B "C4'" 1 
ATOM   456  O "O4'" . G   B 1 2  ? -1.921  -14.008 -23.510 1.00 75.75 ? 22  G   B "O4'" 1 
ATOM   457  C "C3'" . G   B 1 2  ? -2.007  -12.092 -22.167 1.00 77.53 ? 22  G   B "C3'" 1 
ATOM   458  O "O3'" . G   B 1 2  ? -2.348  -10.711 -22.183 1.00 77.57 ? 22  G   B "O3'" 1 
ATOM   459  C "C2'" . G   B 1 2  ? -3.189  -12.978 -21.791 1.00 76.44 ? 22  G   B "C2'" 1 
ATOM   460  O "O2'" . G   B 1 2  ? -4.393  -12.524 -22.369 1.00 77.38 ? 22  G   B "O2'" 1 
ATOM   461  C "C1'" . G   B 1 2  ? -2.787  -14.311 -22.430 1.00 73.90 ? 22  G   B "C1'" 1 
ATOM   462  N N9    . G   B 1 2  ? -2.075  -15.195 -21.512 1.00 70.86 ? 22  G   B N9    1 
ATOM   463  C C8    . G   B 1 2  ? -0.714  -15.357 -21.413 1.00 70.93 ? 22  G   B C8    1 
ATOM   464  N N7    . G   B 1 2  ? -0.365  -16.212 -20.488 1.00 69.92 ? 22  G   B N7    1 
ATOM   465  C C5    . G   B 1 2  ? -1.567  -16.641 -19.942 1.00 67.65 ? 22  G   B C5    1 
ATOM   466  C C6    . G   B 1 2  ? -1.824  -17.559 -18.888 1.00 66.88 ? 22  G   B C6    1 
ATOM   467  O O6    . G   B 1 2  ? -1.013  -18.197 -18.203 1.00 65.52 ? 22  G   B O6    1 
ATOM   468  N N1    . G   B 1 2  ? -3.188  -17.701 -18.655 1.00 65.82 ? 22  G   B N1    1 
ATOM   469  C C2    . G   B 1 2  ? -4.178  -17.051 -19.348 1.00 65.93 ? 22  G   B C2    1 
ATOM   470  N N2    . G   B 1 2  ? -5.436  -17.338 -18.985 1.00 64.82 ? 22  G   B N2    1 
ATOM   471  N N3    . G   B 1 2  ? -3.953  -16.187 -20.326 1.00 68.18 ? 22  G   B N3    1 
ATOM   472  C C4    . G   B 1 2  ? -2.634  -16.029 -20.567 1.00 69.24 ? 22  G   B C4    1 
ATOM   473  P P     . C   B 1 3  ? -2.636  -9.949  -20.801 1.00 77.74 ? 23  C   B P     1 
ATOM   474  O OP1   . C   B 1 3  ? -2.723  -8.488  -21.068 1.00 79.40 ? 23  C   B OP1   1 
ATOM   475  O OP2   . C   B 1 3  ? -1.698  -10.457 -19.760 1.00 77.37 ? 23  C   B OP2   1 
ATOM   476  O "O5'" . C   B 1 3  ? -4.104  -10.418 -20.432 1.00 77.51 ? 23  C   B "O5'" 1 
ATOM   477  C "C5'" . C   B 1 3  ? -4.604  -10.213 -19.135 1.00 74.88 ? 23  C   B "C5'" 1 
ATOM   478  C "C4'" . C   B 1 3  ? -5.795  -11.092 -18.900 1.00 72.38 ? 23  C   B "C4'" 1 
ATOM   479  O "O4'" . C   B 1 3  ? -5.527  -12.445 -19.357 1.00 70.70 ? 23  C   B "O4'" 1 
ATOM   480  C "C3'" . C   B 1 3  ? -6.098  -11.241 -17.431 1.00 71.83 ? 23  C   B "C3'" 1 
ATOM   481  O "O3'" . C   B 1 3  ? -6.846  -10.132 -16.998 1.00 70.99 ? 23  C   B "O3'" 1 
ATOM   482  C "C2'" . C   B 1 3  ? -6.818  -12.572 -17.390 1.00 71.17 ? 23  C   B "C2'" 1 
ATOM   483  O "O2'" . C   B 1 3  ? -8.136  -12.454 -17.884 1.00 73.20 ? 23  C   B "O2'" 1 
ATOM   484  C "C1'" . C   B 1 3  ? -5.962  -13.370 -18.374 1.00 70.55 ? 23  C   B "C1'" 1 
ATOM   485  N N1    . C   B 1 3  ? -4.756  -13.958 -17.767 1.00 69.01 ? 23  C   B N1    1 
ATOM   486  C C2    . C   B 1 3  ? -4.890  -14.916 -16.753 1.00 68.40 ? 23  C   B C2    1 
ATOM   487  O O2    . C   B 1 3  ? -6.027  -15.216 -16.351 1.00 70.74 ? 23  C   B O2    1 
ATOM   488  N N3    . C   B 1 3  ? -3.777  -15.481 -16.230 1.00 66.93 ? 23  C   B N3    1 
ATOM   489  C C4    . C   B 1 3  ? -2.573  -15.110 -16.667 1.00 65.07 ? 23  C   B C4    1 
ATOM   490  N N4    . C   B 1 3  ? -1.504  -15.696 -16.128 1.00 63.91 ? 23  C   B N4    1 
ATOM   491  C C5    . C   B 1 3  ? -2.411  -14.121 -17.679 1.00 65.91 ? 23  C   B C5    1 
ATOM   492  C C6    . C   B 1 3  ? -3.515  -13.580 -18.197 1.00 68.05 ? 23  C   B C6    1 
ATOM   493  P P     . G   B 1 4  ? -6.194  -9.148  -15.926 1.00 70.88 ? 24  G   B P     1 
ATOM   494  O OP1   . G   B 1 4  ? -6.910  -7.849  -15.986 1.00 71.61 ? 24  G   B OP1   1 
ATOM   495  O OP2   . G   B 1 4  ? -4.729  -9.188  -16.162 1.00 70.94 ? 24  G   B OP2   1 
ATOM   496  O "O5'" . G   B 1 4  ? -6.490  -9.892  -14.547 1.00 69.59 ? 24  G   B "O5'" 1 
ATOM   497  C "C5'" . G   B 1 4  ? -7.746  -10.523 -14.328 1.00 64.80 ? 24  G   B "C5'" 1 
ATOM   498  C "C4'" . G   B 1 4  ? -7.621  -11.617 -13.297 1.00 61.68 ? 24  G   B "C4'" 1 
ATOM   499  O "O4'" . G   B 1 4  ? -6.975  -12.791 -13.855 1.00 60.87 ? 24  G   B "O4'" 1 
ATOM   500  C "C3'" . G   B 1 4  ? -6.760  -11.315 -12.095 1.00 61.96 ? 24  G   B "C3'" 1 
ATOM   501  O "O3'" . G   B 1 4  ? -7.406  -10.443 -11.184 1.00 63.07 ? 24  G   B "O3'" 1 
ATOM   502  C "C2'" . G   B 1 4  ? -6.550  -12.711 -11.527 1.00 60.91 ? 24  G   B "C2'" 1 
ATOM   503  O "O2'" . G   B 1 4  ? -7.682  -13.205 -10.849 1.00 63.41 ? 24  G   B "O2'" 1 
ATOM   504  C "C1'" . G   B 1 4  ? -6.353  -13.523 -12.805 1.00 58.64 ? 24  G   B "C1'" 1 
ATOM   505  N N9    . G   B 1 4  ? -4.933  -13.668 -13.100 1.00 55.35 ? 24  G   B N9    1 
ATOM   506  C C8    . G   B 1 4  ? -4.221  -13.032 -14.087 1.00 54.41 ? 24  G   B C8    1 
ATOM   507  N N7    . G   B 1 4  ? -2.948  -13.323 -14.064 1.00 54.57 ? 24  G   B N7    1 
ATOM   508  C C5    . G   B 1 4  ? -2.815  -14.210 -13.003 1.00 54.10 ? 24  G   B C5    1 
ATOM   509  C C6    . G   B 1 4  ? -1.660  -14.851 -12.478 1.00 53.89 ? 24  G   B C6    1 
ATOM   510  O O6    . G   B 1 4  ? -0.473  -14.754 -12.857 1.00 53.66 ? 24  G   B O6    1 
ATOM   511  N N1    . G   B 1 4  ? -1.980  -15.672 -11.404 1.00 52.82 ? 24  G   B N1    1 
ATOM   512  C C2    . G   B 1 4  ? -3.238  -15.851 -10.897 1.00 51.68 ? 24  G   B C2    1 
ATOM   513  N N2    . G   B 1 4  ? -3.334  -16.703 -9.876  1.00 50.92 ? 24  G   B N2    1 
ATOM   514  N N3    . G   B 1 4  ? -4.316  -15.248 -11.362 1.00 50.99 ? 24  G   B N3    1 
ATOM   515  C C4    . G   B 1 4  ? -4.032  -14.448 -12.410 1.00 53.28 ? 24  G   B C4    1 
ATOM   516  P P     . U   B 1 5  ? -6.519  -9.495  -10.240 1.00 63.49 ? 25  U   B P     1 
ATOM   517  O OP1   . U   B 1 5  ? -7.442  -8.653  -9.452  1.00 64.50 ? 25  U   B OP1   1 
ATOM   518  O OP2   . U   B 1 5  ? -5.504  -8.837  -11.095 1.00 63.28 ? 25  U   B OP2   1 
ATOM   519  O "O5'" . U   B 1 5  ? -5.793  -10.533 -9.273  1.00 58.83 ? 25  U   B "O5'" 1 
ATOM   520  C "C5'" . U   B 1 5  ? -6.547  -11.446 -8.494  1.00 57.94 ? 25  U   B "C5'" 1 
ATOM   521  C "C4'" . U   B 1 5  ? -5.631  -12.388 -7.749  1.00 58.76 ? 25  U   B "C4'" 1 
ATOM   522  O "O4'" . U   B 1 5  ? -4.933  -13.247 -8.689  1.00 59.72 ? 25  U   B "O4'" 1 
ATOM   523  C "C3'" . U   B 1 5  ? -4.523  -11.733 -6.942  1.00 59.42 ? 25  U   B "C3'" 1 
ATOM   524  O "O3'" . U   B 1 5  ? -5.007  -11.323 -5.672  1.00 60.65 ? 25  U   B "O3'" 1 
ATOM   525  C "C2'" . U   B 1 5  ? -3.496  -12.855 -6.833  1.00 59.46 ? 25  U   B "C2'" 1 
ATOM   526  O "O2'" . U   B 1 5  ? -3.733  -13.771 -5.785  1.00 59.43 ? 25  U   B "O2'" 1 
ATOM   527  C "C1'" . U   B 1 5  ? -3.635  -13.544 -8.194  1.00 59.20 ? 25  U   B "C1'" 1 
ATOM   528  N N1    . U   B 1 5  ? -2.651  -13.025 -9.153  1.00 57.96 ? 25  U   B N1    1 
ATOM   529  C C2    . U   B 1 5  ? -1.365  -13.518 -9.083  1.00 57.43 ? 25  U   B C2    1 
ATOM   530  O O2    . U   B 1 5  ? -1.037  -14.392 -8.302  1.00 56.65 ? 25  U   B O2    1 
ATOM   531  N N3    . U   B 1 5  ? -0.478  -12.951 -9.962  1.00 58.69 ? 25  U   B N3    1 
ATOM   532  C C4    . U   B 1 5  ? -0.748  -11.966 -10.890 1.00 60.53 ? 25  U   B C4    1 
ATOM   533  O O4    . U   B 1 5  ? 0.168   -11.504 -11.566 1.00 63.25 ? 25  U   B O4    1 
ATOM   534  C C5    . U   B 1 5  ? -2.113  -11.531 -10.922 1.00 59.09 ? 25  U   B C5    1 
ATOM   535  C C6    . U   B 1 5  ? -2.994  -12.064 -10.073 1.00 58.03 ? 25  U   B C6    1 
ATOM   536  P P     . C   B 1 6  ? -4.127  -10.337 -4.756  1.00 62.10 ? 26  C   B P     1 
ATOM   537  O OP1   . C   B 1 6  ? -4.921  -9.999  -3.554  1.00 63.12 ? 26  C   B OP1   1 
ATOM   538  O OP2   . C   B 1 6  ? -3.601  -9.245  -5.598  1.00 64.76 ? 26  C   B OP2   1 
ATOM   539  O "O5'" . C   B 1 6  ? -2.952  -11.265 -4.235  1.00 59.43 ? 26  C   B "O5'" 1 
ATOM   540  C "C5'" . C   B 1 6  ? -3.223  -12.202 -3.220  1.00 57.56 ? 26  C   B "C5'" 1 
ATOM   541  C "C4'" . C   B 1 6  ? -1.999  -12.994 -2.889  1.00 57.46 ? 26  C   B "C4'" 1 
ATOM   542  O "O4'" . C   B 1 6  ? -1.543  -13.701 -4.070  1.00 57.82 ? 26  C   B "O4'" 1 
ATOM   543  C "C3'" . C   B 1 6  ? -0.794  -12.189 -2.474  1.00 57.94 ? 26  C   B "C3'" 1 
ATOM   544  O "O3'" . C   B 1 6  ? -0.876  -11.818 -1.116  1.00 59.07 ? 26  C   B "O3'" 1 
ATOM   545  C "C2'" . C   B 1 6  ? 0.306   -13.203 -2.707  1.00 57.78 ? 26  C   B "C2'" 1 
ATOM   546  O "O2'" . C   B 1 6  ? 0.273   -14.214 -1.731  1.00 57.43 ? 26  C   B "O2'" 1 
ATOM   547  C "C1'" . C   B 1 6  ? -0.129  -13.785 -4.051  1.00 56.75 ? 26  C   B "C1'" 1 
ATOM   548  N N1    . C   B 1 6  ? 0.395   -12.985 -5.176  1.00 54.81 ? 26  C   B N1    1 
ATOM   549  C C2    . C   B 1 6  ? 1.719   -13.186 -5.589  1.00 53.35 ? 26  C   B C2    1 
ATOM   550  O O2    . C   B 1 6  ? 2.413   -14.026 -4.990  1.00 52.79 ? 26  C   B O2    1 
ATOM   551  N N3    . C   B 1 6  ? 2.204   -12.455 -6.620  1.00 51.89 ? 26  C   B N3    1 
ATOM   552  C C4    . C   B 1 6  ? 1.423   -11.557 -7.225  1.00 53.34 ? 26  C   B C4    1 
ATOM   553  N N4    . C   B 1 6  ? 1.931   -10.871 -8.238  1.00 52.32 ? 26  C   B N4    1 
ATOM   554  C C5    . C   B 1 6  ? 0.078   -11.326 -6.818  1.00 54.05 ? 26  C   B C5    1 
ATOM   555  C C6    . C   B 1 6  ? -0.392  -12.055 -5.803  1.00 53.27 ? 26  C   B C6    1 
ATOM   556  P P     . A   B 1 7  ? -0.103  -10.508 -0.613  1.00 62.68 ? 27  A   B P     1 
ATOM   557  O OP1   . A   B 1 7  ? -0.314  -10.399 0.847   1.00 63.52 ? 27  A   B OP1   1 
ATOM   558  O OP2   . A   B 1 7  ? -0.511  -9.390  -1.505  1.00 60.01 ? 27  A   B OP2   1 
ATOM   559  O "O5'" . A   B 1 7  ? 1.437   -10.866 -0.818  1.00 60.95 ? 27  A   B "O5'" 1 
ATOM   560  C "C5'" . A   B 1 7  ? 2.026   -11.927 -0.073  1.00 60.85 ? 27  A   B "C5'" 1 
ATOM   561  C "C4'" . A   B 1 7  ? 3.496   -12.042 -0.382  1.00 60.59 ? 27  A   B "C4'" 1 
ATOM   562  O "O4'" . A   B 1 7  ? 3.683   -12.476 -1.754  1.00 60.66 ? 27  A   B "O4'" 1 
ATOM   563  C "C3'" . A   B 1 7  ? 4.287   -10.751 -0.300  1.00 59.91 ? 27  A   B "C3'" 1 
ATOM   564  O "O3'" . A   B 1 7  ? 4.681   -10.473 1.025   1.00 60.03 ? 27  A   B "O3'" 1 
ATOM   565  C "C2'" . A   B 1 7  ? 5.503   -11.079 -1.144  1.00 59.04 ? 27  A   B "C2'" 1 
ATOM   566  O "O2'" . A   B 1 7  ? 6.431   -11.866 -0.424  1.00 58.89 ? 27  A   B "O2'" 1 
ATOM   567  C "C1'" . A   B 1 7  ? 4.861   -11.877 -2.281  1.00 59.36 ? 27  A   B "C1'" 1 
ATOM   568  N N9    . A   B 1 7  ? 4.475   -11.029 -3.410  1.00 59.20 ? 27  A   B N9    1 
ATOM   569  C C8    . A   B 1 7  ? 3.240   -10.503 -3.697  1.00 58.94 ? 27  A   B C8    1 
ATOM   570  N N7    . A   B 1 7  ? 3.205   -9.805  -4.804  1.00 58.57 ? 27  A   B N7    1 
ATOM   571  C C5    . A   B 1 7  ? 4.509   -9.868  -5.276  1.00 58.05 ? 27  A   B C5    1 
ATOM   572  C C6    . A   B 1 7  ? 5.133   -9.335  -6.423  1.00 55.22 ? 27  A   B C6    1 
ATOM   573  N N6    . A   B 1 7  ? 4.505   -8.603  -7.343  1.00 51.04 ? 27  A   B N6    1 
ATOM   574  N N1    . A   B 1 7  ? 6.445   -9.588  -6.591  1.00 56.15 ? 27  A   B N1    1 
ATOM   575  C C2    . A   B 1 7  ? 7.084   -10.326 -5.674  1.00 57.64 ? 27  A   B C2    1 
ATOM   576  N N3    . A   B 1 7  ? 6.614   -10.880 -4.564  1.00 58.14 ? 27  A   B N3    1 
ATOM   577  C C4    . A   B 1 7  ? 5.303   -10.612 -4.422  1.00 59.01 ? 27  A   B C4    1 
ATOM   578  P P     . C   B 1 8  ? 4.794   -8.953  1.506   1.00 61.10 ? 28  C   B P     1 
ATOM   579  O OP1   . C   B 1 8  ? 5.165   -9.007  2.940   1.00 60.67 ? 28  C   B OP1   1 
ATOM   580  O OP2   . C   B 1 8  ? 3.565   -8.230  1.085   1.00 58.04 ? 28  C   B OP2   1 
ATOM   581  O "O5'" . C   B 1 8  ? 6.041   -8.398  0.687   1.00 61.53 ? 28  C   B "O5'" 1 
ATOM   582  C "C5'" . C   B 1 8  ? 7.328   -8.992  0.842   1.00 62.03 ? 28  C   B "C5'" 1 
ATOM   583  C "C4'" . C   B 1 8  ? 8.295   -8.427  -0.174  1.00 62.44 ? 28  C   B "C4'" 1 
ATOM   584  O "O4'" . C   B 1 8  ? 7.968   -8.919  -1.506  1.00 61.78 ? 28  C   B "O4'" 1 
ATOM   585  C "C3'" . C   B 1 8  ? 8.259   -6.916  -0.332  1.00 62.94 ? 28  C   B "C3'" 1 
ATOM   586  O "O3'" . C   B 1 8  ? 8.961   -6.242  0.705   1.00 64.38 ? 28  C   B "O3'" 1 
ATOM   587  C "C2'" . C   B 1 8  ? 8.888   -6.745  -1.707  1.00 61.47 ? 28  C   B "C2'" 1 
ATOM   588  O "O2'" . C   B 1 8  ? 10.293  -6.920  -1.692  1.00 61.82 ? 28  C   B "O2'" 1 
ATOM   589  C "C1'" . C   B 1 8  ? 8.248   -7.912  -2.467  1.00 59.73 ? 28  C   B "C1'" 1 
ATOM   590  N N1    . C   B 1 8  ? 6.990   -7.517  -3.120  1.00 59.38 ? 28  C   B N1    1 
ATOM   591  C C2    . C   B 1 8  ? 7.054   -6.775  -4.309  1.00 59.41 ? 28  C   B C2    1 
ATOM   592  O O2    . C   B 1 8  ? 8.160   -6.514  -4.792  1.00 62.22 ? 28  C   B O2    1 
ATOM   593  N N3    . C   B 1 8  ? 5.909   -6.366  -4.899  1.00 58.15 ? 28  C   B N3    1 
ATOM   594  C C4    . C   B 1 8  ? 4.732   -6.676  -4.354  1.00 56.57 ? 28  C   B C4    1 
ATOM   595  N N4    . C   B 1 8  ? 3.634   -6.241  -4.968  1.00 54.28 ? 28  C   B N4    1 
ATOM   596  C C5    . C   B 1 8  ? 4.633   -7.444  -3.153  1.00 55.37 ? 28  C   B C5    1 
ATOM   597  C C6    . C   B 1 8  ? 5.777   -7.844  -2.577  1.00 57.08 ? 28  C   B C6    1 
ATOM   598  P P     . A   B 1 9  ? 8.362   -4.871  1.301   1.00 66.11 ? 29  A   B P     1 
ATOM   599  O OP1   . A   B 1 9  ? 9.023   -4.571  2.592   1.00 65.00 ? 29  A   B OP1   1 
ATOM   600  O OP2   . A   B 1 9  ? 6.882   -4.958  1.244   1.00 66.82 ? 29  A   B OP2   1 
ATOM   601  O "O5'" . A   B 1 9  ? 8.819   -3.765  0.248   1.00 65.97 ? 29  A   B "O5'" 1 
ATOM   602  C "C5'" . A   B 1 9  ? 10.196  -3.601  -0.099  1.00 64.78 ? 29  A   B "C5'" 1 
ATOM   603  C "C4'" . A   B 1 9  ? 10.322  -2.726  -1.327  1.00 64.72 ? 29  A   B "C4'" 1 
ATOM   604  O "O4'" . A   B 1 9  ? 9.784   -3.421  -2.485  1.00 64.78 ? 29  A   B "O4'" 1 
ATOM   605  C "C3'" . A   B 1 9  ? 9.508   -1.450  -1.272  1.00 63.41 ? 29  A   B "C3'" 1 
ATOM   606  O "O3'" . A   B 1 9  ? 10.188  -0.427  -0.574  1.00 62.21 ? 29  A   B "O3'" 1 
ATOM   607  C "C2'" . A   B 1 9  ? 9.345   -1.104  -2.740  1.00 64.26 ? 29  A   B "C2'" 1 
ATOM   608  O "O2'" . A   B 1 9  ? 10.482  -0.471  -3.278  1.00 64.76 ? 29  A   B "O2'" 1 
ATOM   609  C "C1'" . A   B 1 9  ? 9.177   -2.490  -3.362  1.00 63.68 ? 29  A   B "C1'" 1 
ATOM   610  N N9    . A   B 1 9  ? 7.770   -2.853  -3.540  1.00 62.74 ? 29  A   B N9    1 
ATOM   611  C C8    . A   B 1 9  ? 7.007   -3.718  -2.797  1.00 61.99 ? 29  A   B C8    1 
ATOM   612  N N7    . A   B 1 9  ? 5.769   -3.819  -3.217  1.00 61.20 ? 29  A   B N7    1 
ATOM   613  C C5    . A   B 1 9  ? 5.714   -2.965  -4.308  1.00 61.40 ? 29  A   B C5    1 
ATOM   614  C C6    . A   B 1 9  ? 4.676   -2.622  -5.198  1.00 61.89 ? 29  A   B C6    1 
ATOM   615  N N6    . A   B 1 9  ? 3.435   -3.102  -5.114  1.00 60.47 ? 29  A   B N6    1 
ATOM   616  N N1    . A   B 1 9  ? 4.960   -1.750  -6.189  1.00 61.89 ? 29  A   B N1    1 
ATOM   617  C C2    . A   B 1 9  ? 6.190   -1.255  -6.263  1.00 61.01 ? 29  A   B C2    1 
ATOM   618  N N3    . A   B 1 9  ? 7.243   -1.489  -5.485  1.00 61.96 ? 29  A   B N3    1 
ATOM   619  C C4    . A   B 1 9  ? 6.937   -2.366  -4.520  1.00 61.99 ? 29  A   B C4    1 
ATOM   620  P P     . C   B 1 10 ? 9.341   0.646   0.262   1.00 63.35 ? 30  C   B P     1 
ATOM   621  O OP1   . C   B 1 10 ? 10.236  1.254   1.272   1.00 62.31 ? 30  C   B OP1   1 
ATOM   622  O OP2   . C   B 1 10 ? 8.090   -0.010  0.705   1.00 63.04 ? 30  C   B OP2   1 
ATOM   623  O "O5'" . C   B 1 10 ? 8.926   1.741   -0.818  1.00 61.42 ? 30  C   B "O5'" 1 
ATOM   624  C "C5'" . C   B 1 10 ? 9.905   2.434   -1.576  1.00 55.95 ? 30  C   B "C5'" 1 
ATOM   625  C "C4'" . C   B 1 10 ? 9.255   3.111   -2.747  1.00 53.46 ? 30  C   B "C4'" 1 
ATOM   626  O "O4'" . C   B 1 10 ? 8.686   2.097   -3.608  1.00 53.10 ? 30  C   B "O4'" 1 
ATOM   627  C "C3'" . C   B 1 10 ? 8.061   3.962   -2.386  1.00 51.73 ? 30  C   B "C3'" 1 
ATOM   628  O "O3'" . C   B 1 10 ? 8.432   5.258   -1.991  1.00 50.64 ? 30  C   B "O3'" 1 
ATOM   629  C "C2'" . C   B 1 10 ? 7.292   4.010   -3.686  1.00 52.97 ? 30  C   B "C2'" 1 
ATOM   630  O "O2'" . C   B 1 10 ? 7.822   4.942   -4.594  1.00 53.85 ? 30  C   B "O2'" 1 
ATOM   631  C "C1'" . C   B 1 10 ? 7.491   2.586   -4.198  1.00 53.69 ? 30  C   B "C1'" 1 
ATOM   632  N N1    . C   B 1 10 ? 6.376   1.700   -3.812  1.00 54.60 ? 30  C   B N1    1 
ATOM   633  C C2    . C   B 1 10 ? 5.210   1.727   -4.573  1.00 53.74 ? 30  C   B C2    1 
ATOM   634  O O2    . C   B 1 10 ? 5.136   2.515   -5.518  1.00 53.28 ? 30  C   B O2    1 
ATOM   635  N N3    . C   B 1 10 ? 4.191   0.899   -4.253  1.00 55.34 ? 30  C   B N3    1 
ATOM   636  C C4    . C   B 1 10 ? 4.307   0.074   -3.212  1.00 55.16 ? 30  C   B C4    1 
ATOM   637  N N4    . C   B 1 10 ? 3.296   -0.746  -2.955  1.00 55.79 ? 30  C   B N4    1 
ATOM   638  C C5    . C   B 1 10 ? 5.471   0.047   -2.401  1.00 54.38 ? 30  C   B C5    1 
ATOM   639  C C6    . C   B 1 10 ? 6.476   0.866   -2.733  1.00 54.68 ? 30  C   B C6    1 
ATOM   640  P P     . C   B 1 11 ? 7.419   6.104   -1.100  1.00 50.32 ? 31  C   B P     1 
ATOM   641  O OP1   . C   B 1 11 ? 8.077   7.342   -0.653  1.00 52.38 ? 31  C   B OP1   1 
ATOM   642  O OP2   . C   B 1 11 ? 6.899   5.159   -0.089  1.00 51.87 ? 31  C   B OP2   1 
ATOM   643  O "O5'" . C   B 1 11 ? 6.267   6.504   -2.120  1.00 47.35 ? 31  C   B "O5'" 1 
ATOM   644  C "C5'" . C   B 1 11 ? 6.478   7.511   -3.089  1.00 46.76 ? 31  C   B "C5'" 1 
ATOM   645  C "C4'" . C   B 1 11 ? 5.209   7.782   -3.870  1.00 47.40 ? 31  C   B "C4'" 1 
ATOM   646  O "O4'" . C   B 1 11 ? 4.834   6.616   -4.650  1.00 49.65 ? 31  C   B "O4'" 1 
ATOM   647  C "C3'" . C   B 1 11 ? 3.960   8.092   -3.072  1.00 46.60 ? 31  C   B "C3'" 1 
ATOM   648  O "O3'" . C   B 1 11 ? 3.943   9.452   -2.708  1.00 49.03 ? 31  C   B "O3'" 1 
ATOM   649  C "C2'" . C   B 1 11 ? 2.873   7.790   -4.089  1.00 46.76 ? 31  C   B "C2'" 1 
ATOM   650  O "O2'" . C   B 1 11 ? 2.761   8.765   -5.103  1.00 46.50 ? 31  C   B "O2'" 1 
ATOM   651  C "C1'" . C   B 1 11 ? 3.421   6.519   -4.717  1.00 47.69 ? 31  C   B "C1'" 1 
ATOM   652  N N1    . C   B 1 11 ? 3.008   5.340   -3.951  1.00 48.43 ? 31  C   B N1    1 
ATOM   653  C C2    . C   B 1 11 ? 1.794   4.741   -4.261  1.00 46.94 ? 31  C   B C2    1 
ATOM   654  O O2    . C   B 1 11 ? 1.109   5.225   -5.170  1.00 43.35 ? 31  C   B O2    1 
ATOM   655  N N3    . C   B 1 11 ? 1.396   3.655   -3.566  1.00 48.15 ? 31  C   B N3    1 
ATOM   656  C C4    . C   B 1 11 ? 2.168   3.166   -2.596  1.00 49.53 ? 31  C   B C4    1 
ATOM   657  N N4    . C   B 1 11 ? 1.746   2.077   -1.944  1.00 51.35 ? 31  C   B N4    1 
ATOM   658  C C5    . C   B 1 11 ? 3.415   3.765   -2.255  1.00 48.63 ? 31  C   B C5    1 
ATOM   659  C C6    . C   B 1 11 ? 3.793   4.838   -2.953  1.00 47.64 ? 31  C   B C6    1 
ATOM   660  P P     . G   B 1 12 ? 3.055   9.924   -1.468  1.00 51.54 ? 32  G   B P     1 
ATOM   661  O OP1   . G   B 1 12 ? 3.223   11.390  -1.321  1.00 49.93 ? 32  G   B OP1   1 
ATOM   662  O OP2   . G   B 1 12 ? 3.376   9.023   -0.325  1.00 49.76 ? 32  G   B OP2   1 
ATOM   663  O "O5'" . G   B 1 12 ? 1.571   9.694   -1.990  1.00 50.15 ? 32  G   B "O5'" 1 
ATOM   664  C "C5'" . G   B 1 12 ? 1.058   10.517  -3.022  1.00 51.23 ? 32  G   B "C5'" 1 
ATOM   665  C "C4'" . G   B 1 12 ? -0.283  10.004  -3.501  1.00 51.23 ? 32  G   B "C4'" 1 
ATOM   666  O "O4'" . G   B 1 12 ? -0.151  8.616   -3.918  1.00 51.65 ? 32  G   B "O4'" 1 
ATOM   667  C "C3'" . G   B 1 12 ? -1.423  9.929   -2.503  1.00 49.53 ? 32  G   B "C3'" 1 
ATOM   668  O "O3'" . G   B 1 12 ? -2.032  11.183  -2.228  1.00 50.12 ? 32  G   B "O3'" 1 
ATOM   669  C "C2'" . G   B 1 12 ? -2.370  9.013   -3.251  1.00 49.99 ? 32  G   B "C2'" 1 
ATOM   670  O "O2'" . G   B 1 12 ? -2.906  9.691   -4.368  1.00 49.33 ? 32  G   B "O2'" 1 
ATOM   671  C "C1'" . G   B 1 12 ? -1.392  7.948   -3.748  1.00 50.46 ? 32  G   B "C1'" 1 
ATOM   672  N N9    . G   B 1 12 ? -1.197  6.841   -2.809  1.00 50.43 ? 32  G   B N9    1 
ATOM   673  C C8    . G   B 1 12 ? -0.111  6.629   -1.999  1.00 49.73 ? 32  G   B C8    1 
ATOM   674  N N7    . G   B 1 12 ? -0.204  5.536   -1.288  1.00 49.85 ? 32  G   B N7    1 
ATOM   675  C C5    . G   B 1 12 ? -1.434  4.996   -1.644  1.00 50.38 ? 32  G   B C5    1 
ATOM   676  C C6    . G   B 1 12 ? -2.099  3.800   -1.195  1.00 49.11 ? 32  G   B C6    1 
ATOM   677  O O6    . G   B 1 12 ? -1.704  2.941   -0.388  1.00 44.28 ? 32  G   B O6    1 
ATOM   678  N N1    . G   B 1 12 ? -3.338  3.653   -1.802  1.00 48.19 ? 32  G   B N1    1 
ATOM   679  C C2    . G   B 1 12 ? -3.871  4.516   -2.726  1.00 49.64 ? 32  G   B C2    1 
ATOM   680  N N2    . G   B 1 12 ? -5.071  4.192   -3.207  1.00 51.52 ? 32  G   B N2    1 
ATOM   681  N N3    . G   B 1 12 ? -3.269  5.617   -3.154  1.00 51.49 ? 32  G   B N3    1 
ATOM   682  C C4    . G   B 1 12 ? -2.063  5.795   -2.575  1.00 50.43 ? 32  G   B C4    1 
ATOM   683  P P     . G   B 1 13 ? -2.602  11.463  -0.747  1.00 54.22 ? 33  G   B P     1 
ATOM   684  O OP1   . G   B 1 13 ? -2.820  12.914  -0.609  1.00 52.02 ? 33  G   B OP1   1 
ATOM   685  O OP2   . G   B 1 13 ? -1.762  10.739  0.251   1.00 50.88 ? 33  G   B OP2   1 
ATOM   686  O "O5'" . G   B 1 13 ? -4.035  10.762  -0.738  1.00 52.24 ? 33  G   B "O5'" 1 
ATOM   687  C "C5'" . G   B 1 13 ? -5.030  11.139  -1.674  1.00 50.39 ? 33  G   B "C5'" 1 
ATOM   688  C "C4'" . G   B 1 13 ? -6.066  10.055  -1.788  1.00 50.75 ? 33  G   B "C4'" 1 
ATOM   689  O "O4'" . G   B 1 13 ? -5.404  8.805   -2.122  1.00 49.41 ? 33  G   B "O4'" 1 
ATOM   690  C "C3'" . G   B 1 13 ? -6.823  9.718   -0.510  1.00 49.49 ? 33  G   B "C3'" 1 
ATOM   691  O "O3'" . G   B 1 13 ? -7.897  10.630  -0.299  1.00 47.69 ? 33  G   B "O3'" 1 
ATOM   692  C "C2'" . G   B 1 13 ? -7.349  8.336   -0.852  1.00 49.03 ? 33  G   B "C2'" 1 
ATOM   693  O "O2'" . G   B 1 13 ? -8.422  8.444   -1.757  1.00 49.87 ? 33  G   B "O2'" 1 
ATOM   694  C "C1'" . G   B 1 13 ? -6.139  7.723   -1.563  1.00 50.70 ? 33  G   B "C1'" 1 
ATOM   695  N N9    . G   B 1 13 ? -5.263  6.982   -0.655  1.00 49.76 ? 33  G   B N9    1 
ATOM   696  C C8    . G   B 1 13 ? -4.003  7.339   -0.246  1.00 48.90 ? 33  G   B C8    1 
ATOM   697  N N7    . G   B 1 13 ? -3.474  6.485   0.591   1.00 48.23 ? 33  G   B N7    1 
ATOM   698  C C5    . G   B 1 13 ? -4.440  5.503   0.741   1.00 48.34 ? 33  G   B C5    1 
ATOM   699  C C6    . G   B 1 13 ? -4.448  4.320   1.556   1.00 48.14 ? 33  G   B C6    1 
ATOM   700  O O6    . G   B 1 13 ? -3.577  3.908   2.339   1.00 46.33 ? 33  G   B O6    1 
ATOM   701  N N1    . G   B 1 13 ? -5.639  3.606   1.408   1.00 46.82 ? 33  G   B N1    1 
ATOM   702  C C2    . G   B 1 13 ? -6.690  3.985   0.603   1.00 47.21 ? 33  G   B C2    1 
ATOM   703  N N2    . G   B 1 13 ? -7.746  3.173   0.596   1.00 48.03 ? 33  G   B N2    1 
ATOM   704  N N3    . G   B 1 13 ? -6.699  5.085   -0.144  1.00 47.32 ? 33  G   B N3    1 
ATOM   705  C C4    . G   B 1 13 ? -5.550  5.789   -0.027  1.00 48.50 ? 33  G   B C4    1 
ATOM   706  P P     . U   B 1 14 ? -8.224  11.155  1.184   1.00 50.04 ? 34  U   B P     1 
ATOM   707  O OP1   . U   B 1 14 ? -9.109  12.325  1.019   1.00 50.01 ? 34  U   B OP1   1 
ATOM   708  O OP2   . U   B 1 14 ? -7.003  11.281  2.016   1.00 49.99 ? 34  U   B OP2   1 
ATOM   709  O "O5'" . U   B 1 14 ? -9.056  9.962   1.826   1.00 50.57 ? 34  U   B "O5'" 1 
ATOM   710  C "C5'" . U   B 1 14 ? -10.237 9.479   1.208   1.00 49.66 ? 34  U   B "C5'" 1 
ATOM   711  C "C4'" . U   B 1 14 ? -10.625 8.159   1.810   1.00 51.83 ? 34  U   B "C4'" 1 
ATOM   712  O "O4'" . U   B 1 14 ? -9.655  7.150   1.427   1.00 51.05 ? 34  U   B "O4'" 1 
ATOM   713  C "C3'" . U   B 1 14 ? -10.615 8.088   3.329   1.00 52.57 ? 34  U   B "C3'" 1 
ATOM   714  O "O3'" . U   B 1 14 ? -11.779 8.666   3.909   1.00 52.82 ? 34  U   B "O3'" 1 
ATOM   715  C "C2'" . U   B 1 14 ? -10.563 6.585   3.545   1.00 52.72 ? 34  U   B "C2'" 1 
ATOM   716  O "O2'" . U   B 1 14 ? -11.814 5.985   3.310   1.00 52.69 ? 34  U   B "O2'" 1 
ATOM   717  C "C1'" . U   B 1 14 ? -9.591  6.162   2.440   1.00 52.36 ? 34  U   B "C1'" 1 
ATOM   718  N N1    . U   B 1 14 ? -8.212  6.076   2.935   1.00 53.05 ? 34  U   B N1    1 
ATOM   719  C C2    . U   B 1 14 ? -7.887  4.981   3.712   1.00 53.62 ? 34  U   B C2    1 
ATOM   720  O O2    . U   B 1 14 ? -8.682  4.110   3.978   1.00 56.35 ? 34  U   B O2    1 
ATOM   721  N N3    . U   B 1 14 ? -6.599  4.947   4.170   1.00 53.30 ? 34  U   B N3    1 
ATOM   722  C C4    . U   B 1 14 ? -5.616  5.887   3.937   1.00 53.27 ? 34  U   B C4    1 
ATOM   723  O O4    . U   B 1 14 ? -4.481  5.693   4.375   1.00 52.65 ? 34  U   B O4    1 
ATOM   724  C C5    . U   B 1 14 ? -6.032  6.995   3.122   1.00 52.29 ? 34  U   B C5    1 
ATOM   725  C C6    . U   B 1 14 ? -7.285  7.045   2.657   1.00 52.43 ? 34  U   B C6    1 
ATOM   726  P P     . G   B 1 15 ? -11.771 9.097   5.464   1.00 54.48 ? 35  G   B P     1 
ATOM   727  O OP1   . G   B 1 15 ? -13.101 9.684   5.751   1.00 57.05 ? 35  G   B OP1   1 
ATOM   728  O OP2   . G   B 1 15 ? -10.559 9.854   5.830   1.00 55.52 ? 35  G   B OP2   1 
ATOM   729  O "O5'" . G   B 1 15 ? -11.670 7.710   6.228   1.00 56.37 ? 35  G   B "O5'" 1 
ATOM   730  C "C5'" . G   B 1 15 ? -12.747 6.794   6.198   1.00 54.21 ? 35  G   B "C5'" 1 
ATOM   731  C "C4'" . G   B 1 15 ? -12.474 5.662   7.139   1.00 53.57 ? 35  G   B "C4'" 1 
ATOM   732  O "O4'" . G   B 1 15 ? -11.361 4.882   6.634   1.00 53.47 ? 35  G   B "O4'" 1 
ATOM   733  C "C3'" . G   B 1 15 ? -12.029 6.093   8.522   1.00 53.75 ? 35  G   B "C3'" 1 
ATOM   734  O "O3'" . G   B 1 15 ? -13.131 6.416   9.353   1.00 54.58 ? 35  G   B "O3'" 1 
ATOM   735  C "C2'" . G   B 1 15 ? -11.282 4.863   9.011   1.00 54.97 ? 35  G   B "C2'" 1 
ATOM   736  O "O2'" . G   B 1 15 ? -12.131 3.859   9.495   1.00 55.95 ? 35  G   B "O2'" 1 
ATOM   737  C "C1'" . G   B 1 15 ? -10.600 4.392   7.724   1.00 54.97 ? 35  G   B "C1'" 1 
ATOM   738  N N9    . G   B 1 15 ? -9.239  4.906   7.622   1.00 55.16 ? 35  G   B N9    1 
ATOM   739  C C8    . G   B 1 15 ? -8.808  6.045   6.976   1.00 56.15 ? 35  G   B C8    1 
ATOM   740  N N7    . G   B 1 15 ? -7.521  6.235   7.079   1.00 54.81 ? 35  G   B N7    1 
ATOM   741  C C5    . G   B 1 15 ? -7.077  5.158   7.832   1.00 55.12 ? 35  G   B C5    1 
ATOM   742  C C6    . G   B 1 15 ? -5.778  4.814   8.258   1.00 54.23 ? 35  G   B C6    1 
ATOM   743  O O6    . G   B 1 15 ? -4.726  5.405   8.047   1.00 56.25 ? 35  G   B O6    1 
ATOM   744  N N1    . G   B 1 15 ? -5.773  3.639   8.999   1.00 54.97 ? 35  G   B N1    1 
ATOM   745  C C2    . G   B 1 15 ? -6.887  2.886   9.291   1.00 55.26 ? 35  G   B C2    1 
ATOM   746  N N2    . G   B 1 15 ? -6.690  1.781   10.017  1.00 56.75 ? 35  G   B N2    1 
ATOM   747  N N3    . G   B 1 15 ? -8.106  3.193   8.895   1.00 55.51 ? 35  G   B N3    1 
ATOM   748  C C4    . G   B 1 15 ? -8.128  4.333   8.175   1.00 55.33 ? 35  G   B C4    1 
ATOM   749  P P     . A   B 1 16 ? -12.900 7.310   10.663  1.00 57.39 ? 36  A   B P     1 
ATOM   750  O OP1   . A   B 1 16 ? -14.198 7.480   11.336  1.00 59.58 ? 36  A   B OP1   1 
ATOM   751  O OP2   . A   B 1 16 ? -12.122 8.518   10.308  1.00 59.83 ? 36  A   B OP2   1 
ATOM   752  O "O5'" . A   B 1 16 ? -11.984 6.374   11.570  1.00 58.52 ? 36  A   B "O5'" 1 
ATOM   753  C "C5'" . A   B 1 16 ? -12.558 5.448   12.468  1.00 61.41 ? 36  A   B "C5'" 1 
ATOM   754  C "C4'" . A   B 1 16 ? -12.630 6.062   13.840  1.00 62.87 ? 36  A   B "C4'" 1 
ATOM   755  O "O4'" . A   B 1 16 ? -13.642 5.403   14.634  1.00 63.57 ? 36  A   B "O4'" 1 
ATOM   756  C "C3'" . A   B 1 16 ? -11.369 6.008   14.683  1.00 62.98 ? 36  A   B "C3'" 1 
ATOM   757  O "O3'" . A   B 1 16 ? -10.515 7.086   14.330  1.00 63.18 ? 36  A   B "O3'" 1 
ATOM   758  C "C2'" . A   B 1 16 ? -11.933 6.184   16.086  1.00 63.88 ? 36  A   B "C2'" 1 
ATOM   759  O "O2'" . A   B 1 16 ? -12.252 7.539   16.326  1.00 63.73 ? 36  A   B "O2'" 1 
ATOM   760  C "C1'" . A   B 1 16 ? -13.245 5.398   15.989  1.00 64.23 ? 36  A   B "C1'" 1 
ATOM   761  N N9    . A   B 1 16 ? -13.177 4.005   16.417  1.00 64.33 ? 36  A   B N9    1 
ATOM   762  C C8    . A   B 1 16 ? -12.572 2.953   15.775  1.00 65.07 ? 36  A   B C8    1 
ATOM   763  N N7    . A   B 1 16 ? -12.743 1.801   16.376  1.00 65.21 ? 36  A   B N7    1 
ATOM   764  C C5    . A   B 1 16 ? -13.507 2.117   17.491  1.00 63.77 ? 36  A   B C5    1 
ATOM   765  C C6    . A   B 1 16 ? -14.037 1.333   18.524  1.00 62.92 ? 36  A   B C6    1 
ATOM   766  N N6    . A   B 1 16 ? -13.893 0.009   18.598  1.00 60.63 ? 36  A   B N6    1 
ATOM   767  N N1    . A   B 1 16 ? -14.730 1.963   19.494  1.00 63.34 ? 36  A   B N1    1 
ATOM   768  C C2    . A   B 1 16 ? -14.879 3.292   19.416  1.00 64.03 ? 36  A   B C2    1 
ATOM   769  N N3    . A   B 1 16 ? -14.437 4.136   18.490  1.00 63.50 ? 36  A   B N3    1 
ATOM   770  C C4    . A   B 1 16 ? -13.755 3.476   17.543  1.00 63.74 ? 36  A   B C4    1 
ATOM   771  P P     . A   B 1 17 ? -9.181  7.362   15.175  1.00 63.74 ? 37  A   B P     1 
ATOM   772  O OP1   . A   B 1 17 ? -8.346  8.269   14.359  1.00 63.33 ? 37  A   B OP1   1 
ATOM   773  O OP2   . A   B 1 17 ? -8.629  6.064   15.634  1.00 63.18 ? 37  A   B OP2   1 
ATOM   774  O "O5'" . A   B 1 17 ? -9.680  8.199   16.437  1.00 62.51 ? 37  A   B "O5'" 1 
ATOM   775  C "C5'" . A   B 1 17 ? -8.753  8.668   17.396  1.00 63.84 ? 37  A   B "C5'" 1 
ATOM   776  C "C4'" . A   B 1 17 ? -9.097  8.153   18.773  1.00 64.59 ? 37  A   B "C4'" 1 
ATOM   777  O "O4'" . A   B 1 17 ? -10.126 7.141   18.711  1.00 65.88 ? 37  A   B "O4'" 1 
ATOM   778  C "C3'" . A   B 1 17 ? -7.946  7.459   19.473  1.00 65.45 ? 37  A   B "C3'" 1 
ATOM   779  O "O3'" . A   B 1 17 ? -7.118  8.432   20.098  1.00 64.03 ? 37  A   B "O3'" 1 
ATOM   780  C "C2'" . A   B 1 17 ? -8.659  6.587   20.504  1.00 65.72 ? 37  A   B "C2'" 1 
ATOM   781  O "O2'" . A   B 1 17 ? -8.975  7.290   21.677  1.00 69.35 ? 37  A   B "O2'" 1 
ATOM   782  C "C1'" . A   B 1 17 ? -9.963  6.239   19.788  1.00 66.28 ? 37  A   B "C1'" 1 
ATOM   783  N N9    . A   B 1 17 ? -10.006 4.874   19.269  1.00 67.99 ? 37  A   B N9    1 
ATOM   784  C C8    . A   B 1 17 ? -9.523  4.413   18.076  1.00 68.85 ? 37  A   B C8    1 
ATOM   785  N N7    . A   B 1 17 ? -9.712  3.131   17.893  1.00 70.39 ? 37  A   B N7    1 
ATOM   786  C C5    . A   B 1 17 ? -10.367 2.720   19.043  1.00 68.38 ? 37  A   B C5    1 
ATOM   787  C C6    . A   B 1 17 ? -10.850 1.472   19.458  1.00 67.91 ? 37  A   B C6    1 
ATOM   788  N N6    . A   B 1 17 ? -10.738 0.358   18.738  1.00 67.71 ? 37  A   B N6    1 
ATOM   789  N N1    . A   B 1 17 ? -11.463 1.404   20.657  1.00 67.79 ? 37  A   B N1    1 
ATOM   790  C C2    . A   B 1 17 ? -11.574 2.522   21.382  1.00 67.71 ? 37  A   B C2    1 
ATOM   791  N N3    . A   B 1 17 ? -11.158 3.751   21.100  1.00 67.79 ? 37  A   B N3    1 
ATOM   792  C C4    . A   B 1 17 ? -10.555 3.783   19.900  1.00 68.19 ? 37  A   B C4    1 
ATOM   793  P P     . G   B 1 18 ? -5.763  8.914   19.382  1.00 61.89 ? 38  G   B P     1 
ATOM   794  O OP1   . G   B 1 18 ? -5.223  9.988   20.248  1.00 61.59 ? 38  G   B OP1   1 
ATOM   795  O OP2   . G   B 1 18 ? -6.029  9.190   17.955  1.00 58.22 ? 38  G   B OP2   1 
ATOM   796  O "O5'" . G   B 1 18 ? -4.817  7.637   19.454  1.00 60.76 ? 38  G   B "O5'" 1 
ATOM   797  C "C5'" . G   B 1 18 ? -4.540  6.996   20.694  1.00 60.96 ? 38  G   B "C5'" 1 
ATOM   798  C "C4'" . G   B 1 18 ? -3.353  6.071   20.547  1.00 61.68 ? 38  G   B "C4'" 1 
ATOM   799  O "O4'" . G   B 1 18 ? -3.629  5.116   19.482  1.00 60.58 ? 38  G   B "O4'" 1 
ATOM   800  C "C3'" . G   B 1 18 ? -2.049  6.734   20.121  1.00 62.79 ? 38  G   B "C3'" 1 
ATOM   801  O "O3'" . G   B 1 18 ? -1.313  7.223   21.233  1.00 64.64 ? 38  G   B "O3'" 1 
ATOM   802  C "C2'" . G   B 1 18 ? -1.326  5.575   19.464  1.00 61.65 ? 38  G   B "C2'" 1 
ATOM   803  O "O2'" . G   B 1 18 ? -0.847  4.660   20.422  1.00 63.99 ? 38  G   B "O2'" 1 
ATOM   804  C "C1'" . G   B 1 18 ? -2.473  4.942   18.682  1.00 59.94 ? 38  G   B "C1'" 1 
ATOM   805  N N9    . G   B 1 18 ? -2.684  5.679   17.446  1.00 58.54 ? 38  G   B N9    1 
ATOM   806  C C8    . G   B 1 18 ? -3.835  6.314   17.047  1.00 58.06 ? 38  G   B C8    1 
ATOM   807  N N7    . G   B 1 18 ? -3.702  6.946   15.916  1.00 56.64 ? 38  G   B N7    1 
ATOM   808  C C5    . G   B 1 18 ? -2.388  6.705   15.540  1.00 57.06 ? 38  G   B C5    1 
ATOM   809  C C6    . G   B 1 18 ? -1.660  7.146   14.406  1.00 55.70 ? 38  G   B C6    1 
ATOM   810  O O6    . G   B 1 18 ? -2.043  7.877   13.478  1.00 54.52 ? 38  G   B O6    1 
ATOM   811  N N1    . G   B 1 18 ? -0.359  6.656   14.416  1.00 54.62 ? 38  G   B N1    1 
ATOM   812  C C2    . G   B 1 18 ? 0.172   5.851   15.386  1.00 56.19 ? 38  G   B C2    1 
ATOM   813  N N2    . G   B 1 18 ? 1.436   5.462   15.206  1.00 57.70 ? 38  G   B N2    1 
ATOM   814  N N3    . G   B 1 18 ? -0.487  5.451   16.455  1.00 57.40 ? 38  G   B N3    1 
ATOM   815  C C4    . G   B 1 18 ? -1.753  5.910   16.467  1.00 57.81 ? 38  G   B C4    1 
ATOM   816  P P     . U   B 1 19 ? -0.458  8.572   21.081  1.00 66.19 ? 39  U   B P     1 
ATOM   817  O OP1   . U   B 1 19 ? 0.094   8.916   22.414  1.00 66.25 ? 39  U   B OP1   1 
ATOM   818  O OP2   . U   B 1 19 ? -1.283  9.565   20.349  1.00 64.83 ? 39  U   B OP2   1 
ATOM   819  O "O5'" . U   B 1 19 ? 0.755   8.155   20.133  1.00 67.31 ? 39  U   B "O5'" 1 
ATOM   820  C "C5'" . U   B 1 19 ? 1.654   7.110   20.502  1.00 66.79 ? 39  U   B "C5'" 1 
ATOM   821  C "C4'" . U   B 1 19 ? 2.892   7.166   19.644  1.00 66.37 ? 39  U   B "C4'" 1 
ATOM   822  O "O4'" . U   B 1 19 ? 2.537   6.911   18.261  1.00 66.62 ? 39  U   B "O4'" 1 
ATOM   823  C "C3'" . U   B 1 19 ? 3.566   8.526   19.604  1.00 66.41 ? 39  U   B "C3'" 1 
ATOM   824  O "O3'" . U   B 1 19 ? 4.439   8.672   20.711  1.00 65.89 ? 39  U   B "O3'" 1 
ATOM   825  C "C2'" . U   B 1 19 ? 4.329   8.473   18.289  1.00 66.16 ? 39  U   B "C2'" 1 
ATOM   826  O "O2'" . U   B 1 19 ? 5.543   7.757   18.402  1.00 68.06 ? 39  U   B "O2'" 1 
ATOM   827  C "C1'" . U   B 1 19 ? 3.354   7.692   17.407  1.00 64.89 ? 39  U   B "C1'" 1 
ATOM   828  N N1    . U   B 1 19 ? 2.491   8.544   16.578  1.00 63.83 ? 39  U   B N1    1 
ATOM   829  C C2    . U   B 1 19 ? 3.089   9.201   15.535  1.00 63.87 ? 39  U   B C2    1 
ATOM   830  O O2    . U   B 1 19 ? 4.272   9.125   15.319  1.00 64.38 ? 39  U   B O2    1 
ATOM   831  N N3    . U   B 1 19 ? 2.251   9.955   14.755  1.00 63.35 ? 39  U   B N3    1 
ATOM   832  C C4    . U   B 1 19 ? 0.895   10.122  14.920  1.00 62.55 ? 39  U   B C4    1 
ATOM   833  O O4    . U   B 1 19 ? 0.267   10.802  14.106  1.00 61.28 ? 39  U   B O4    1 
ATOM   834  C C5    . U   B 1 19 ? 0.343   9.423   16.044  1.00 61.55 ? 39  U   B C5    1 
ATOM   835  C C6    . U   B 1 19 ? 1.143   8.676   16.817  1.00 61.98 ? 39  U   B C6    1 
ATOM   836  P P     . C   B 1 20 ? 4.571   10.096  21.433  1.00 68.12 ? 40  C   B P     1 
ATOM   837  O OP1   . C   B 1 20 ? 5.178   9.841   22.763  1.00 67.08 ? 40  C   B OP1   1 
ATOM   838  O OP2   . C   B 1 20 ? 3.258   10.782  21.340  1.00 67.76 ? 40  C   B OP2   1 
ATOM   839  O "O5'" . C   B 1 20 ? 5.614   10.892  20.525  1.00 67.98 ? 40  C   B "O5'" 1 
ATOM   840  C "C5'" . C   B 1 20 ? 6.926   10.381  20.304  1.00 67.82 ? 40  C   B "C5'" 1 
ATOM   841  C "C4'" . C   B 1 20 ? 7.494   10.928  19.018  1.00 67.64 ? 40  C   B "C4'" 1 
ATOM   842  O "O4'" . C   B 1 20 ? 6.666   10.489  17.911  1.00 66.97 ? 40  C   B "O4'" 1 
ATOM   843  C "C3'" . C   B 1 20 ? 7.504   12.441  18.874  1.00 68.12 ? 40  C   B "C3'" 1 
ATOM   844  O "O3'" . C   B 1 20 ? 8.629   13.031  19.507  1.00 69.71 ? 40  C   B "O3'" 1 
ATOM   845  C "C2'" . C   B 1 20 ? 7.576   12.610  17.365  1.00 67.60 ? 40  C   B "C2'" 1 
ATOM   846  O "O2'" . C   B 1 20 ? 8.871   12.407  16.842  1.00 66.82 ? 40  C   B "O2'" 1 
ATOM   847  C "C1'" . C   B 1 20 ? 6.656   11.483  16.901  1.00 66.81 ? 40  C   B "C1'" 1 
ATOM   848  N N1    . C   B 1 20 ? 5.277   11.957  16.721  1.00 65.57 ? 40  C   B N1    1 
ATOM   849  C C2    . C   B 1 20 ? 4.949   12.610  15.535  1.00 64.28 ? 40  C   B C2    1 
ATOM   850  O O2    . C   B 1 20 ? 5.828   12.774  14.683  1.00 63.95 ? 40  C   B O2    1 
ATOM   851  N N3    . C   B 1 20 ? 3.687   13.049  15.348  1.00 64.24 ? 40  C   B N3    1 
ATOM   852  C C4    . C   B 1 20 ? 2.770   12.864  16.297  1.00 63.70 ? 40  C   B C4    1 
ATOM   853  N N4    . C   B 1 20 ? 1.537   13.316  16.066  1.00 63.64 ? 40  C   B N4    1 
ATOM   854  C C5    . C   B 1 20 ? 3.077   12.208  17.522  1.00 63.40 ? 40  C   B C5    1 
ATOM   855  C C6    . C   B 1 20 ? 4.332   11.771  17.691  1.00 64.47 ? 40  C   B C6    1 
ATOM   856  P P     . G   B 1 21 ? 8.616   14.604  19.849  1.00 72.43 ? 41  G   B P     1 
ATOM   857  O OP1   . G   B 1 21 ? 9.935   14.889  20.468  1.00 72.86 ? 41  G   B OP1   1 
ATOM   858  O OP2   . G   B 1 21 ? 7.369   14.942  20.585  1.00 72.37 ? 41  G   B OP2   1 
ATOM   859  O "O5'" . G   B 1 21 ? 8.563   15.313  18.423  1.00 71.81 ? 41  G   B "O5'" 1 
ATOM   860  C "C5'" . G   B 1 21 ? 9.676   15.233  17.540  1.00 70.57 ? 41  G   B "C5'" 1 
ATOM   861  C "C4'" . G   B 1 21 ? 9.554   16.269  16.456  1.00 69.83 ? 41  G   B "C4'" 1 
ATOM   862  O "O4'" . G   B 1 21 ? 8.561   15.866  15.477  1.00 69.73 ? 41  G   B "O4'" 1 
ATOM   863  C "C3'" . G   B 1 21 ? 9.072   17.625  16.930  1.00 69.60 ? 41  G   B "C3'" 1 
ATOM   864  O "O3'" . G   B 1 21 ? 10.141  18.383  17.471  1.00 71.57 ? 41  G   B "O3'" 1 
ATOM   865  C "C2'" . G   B 1 21 ? 8.525   18.236  15.649  1.00 68.68 ? 41  G   B "C2'" 1 
ATOM   866  O "O2'" . G   B 1 21 ? 9.532   18.760  14.808  1.00 68.43 ? 41  G   B "O2'" 1 
ATOM   867  C "C1'" . G   B 1 21 ? 7.882   17.015  14.992  1.00 68.36 ? 41  G   B "C1'" 1 
ATOM   868  N N9    . G   B 1 21 ? 6.471   16.882  15.332  1.00 65.89 ? 41  G   B N9    1 
ATOM   869  C C8    . G   B 1 21 ? 5.937   16.139  16.356  1.00 65.75 ? 41  G   B C8    1 
ATOM   870  N N7    . G   B 1 21 ? 4.634   16.197  16.402  1.00 64.83 ? 41  G   B N7    1 
ATOM   871  C C5    . G   B 1 21 ? 4.290   17.030  15.347  1.00 64.18 ? 41  G   B C5    1 
ATOM   872  C C6    . G   B 1 21 ? 3.023   17.446  14.893  1.00 63.96 ? 41  G   B C6    1 
ATOM   873  O O6    . G   B 1 21 ? 1.916   17.151  15.342  1.00 64.30 ? 41  G   B O6    1 
ATOM   874  N N1    . G   B 1 21 ? 3.124   18.287  13.791  1.00 63.74 ? 41  G   B N1    1 
ATOM   875  C C2    . G   B 1 21 ? 4.300   18.677  13.201  1.00 64.32 ? 41  G   B C2    1 
ATOM   876  N N2    . G   B 1 21 ? 4.189   19.503  12.146  1.00 64.23 ? 41  G   B N2    1 
ATOM   877  N N3    . G   B 1 21 ? 5.494   18.286  13.612  1.00 63.51 ? 41  G   B N3    1 
ATOM   878  C C4    . G   B 1 21 ? 5.414   17.469  14.681  1.00 64.17 ? 41  G   B C4    1 
ATOM   879  P P     . C   B 1 22 ? 9.828   19.783  18.191  1.00 71.81 ? 42  C   B P     1 
ATOM   880  O OP1   . C   B 1 22 ? 11.099  20.214  18.828  1.00 70.26 ? 42  C   B OP1   1 
ATOM   881  O OP2   . C   B 1 22 ? 8.604   19.625  19.019  1.00 72.01 ? 42  C   B OP2   1 
ATOM   882  O "O5'" . C   B 1 22 ? 9.487   20.752  16.974  1.00 70.55 ? 42  C   B "O5'" 1 
ATOM   883  C "C5'" . C   B 1 22 ? 8.865   22.000  17.196  1.00 71.01 ? 42  C   B "C5'" 1 
ATOM   884  C "C4'" . C   B 1 22 ? 8.268   22.508  15.916  1.00 71.82 ? 42  C   B "C4'" 1 
ATOM   885  O "O4'" . C   B 1 22 ? 7.507   21.442  15.301  1.00 72.31 ? 42  C   B "O4'" 1 
ATOM   886  C "C3'" . C   B 1 22 ? 7.265   23.632  16.102  1.00 72.76 ? 42  C   B "C3'" 1 
ATOM   887  O "O3'" . C   B 1 22 ? 7.871   24.910  16.304  1.00 73.08 ? 42  C   B "O3'" 1 
ATOM   888  C "C2'" . C   B 1 22 ? 6.402   23.496  14.861  1.00 72.26 ? 42  C   B "C2'" 1 
ATOM   889  O "O2'" . C   B 1 22 ? 7.017   24.035  13.713  1.00 73.59 ? 42  C   B "O2'" 1 
ATOM   890  C "C1'" . C   B 1 22 ? 6.328   21.975  14.722  1.00 71.80 ? 42  C   B "C1'" 1 
ATOM   891  N N1    . C   B 1 22 ? 5.172   21.397  15.420  1.00 70.90 ? 42  C   B N1    1 
ATOM   892  C C2    . C   B 1 22 ? 3.891   21.699  14.955  1.00 70.10 ? 42  C   B C2    1 
ATOM   893  O O2    . C   B 1 22 ? 3.773   22.457  13.976  1.00 71.17 ? 42  C   B O2    1 
ATOM   894  N N3    . C   B 1 22 ? 2.816   21.166  15.581  1.00 68.40 ? 42  C   B N3    1 
ATOM   895  C C4    . C   B 1 22 ? 2.989   20.364  16.638  1.00 68.90 ? 42  C   B C4    1 
ATOM   896  N N4    . C   B 1 22 ? 1.901   19.867  17.232  1.00 68.64 ? 42  C   B N4    1 
ATOM   897  C C5    . C   B 1 22 ? 4.286   20.040  17.135  1.00 68.57 ? 42  C   B C5    1 
ATOM   898  C C6    . C   B 1 22 ? 5.338   20.575  16.502  1.00 70.32 ? 42  C   B C6    1 
HETATM 899  C C11   . JS4 C 2 .  ? 5.587   -7.537  -11.015 1.00 38.80 ? 50  JS4 A C11   1 
HETATM 900  O O11   . JS4 C 2 .  ? 5.805   -8.484  -12.051 1.00 42.19 ? 50  JS4 A O11   1 
HETATM 901  C C21   . JS4 C 2 .  ? 5.858   -6.062  -11.500 1.00 37.86 ? 50  JS4 A C21   1 
HETATM 902  N N21   . JS4 C 2 .  ? 5.076   -5.784  -12.705 1.00 35.00 ? 50  JS4 A N21   1 
HETATM 903  C C31   . JS4 C 2 .  ? 7.428   -5.862  -11.739 1.00 37.51 ? 50  JS4 A C31   1 
HETATM 904  O O31   . JS4 C 2 .  ? 7.668   -4.523  -12.165 1.00 37.34 ? 50  JS4 A O31   1 
HETATM 905  C C41   . JS4 C 2 .  ? 8.175   -6.171  -10.420 1.00 39.05 ? 50  JS4 A C41   1 
HETATM 906  O O41   . JS4 C 2 .  ? 9.636   -6.013  -10.588 1.00 41.50 ? 50  JS4 A O41   1 
HETATM 907  C C51   . JS4 C 2 .  ? 7.896   -7.636  -9.951  1.00 38.89 ? 50  JS4 A C51   1 
HETATM 908  O O51   . JS4 C 2 .  ? 6.457   -7.722  -9.811  1.00 38.91 ? 50  JS4 A O51   1 
HETATM 909  C C61   . JS4 C 2 .  ? 8.626   -7.830  -8.684  1.00 39.01 ? 50  JS4 A C61   1 
HETATM 910  O O61   . JS4 C 2 .  ? 8.454   -9.074  -8.227  1.00 39.31 ? 50  JS4 A O61   1 
HETATM 911  C C12   . JS4 C 2 .  ? 4.255   -12.474 -13.128 1.00 46.00 ? 50  JS4 A C12   1 
HETATM 912  N N12   . JS4 C 2 .  ? 3.702   -13.849 -12.963 1.00 46.47 ? 50  JS4 A N12   1 
HETATM 913  C C22   . JS4 C 2 .  ? 5.615   -12.345 -12.296 1.00 45.58 ? 50  JS4 A C22   1 
HETATM 914  C C32   . JS4 C 2 .  ? 6.252   -10.839 -12.440 1.00 44.24 ? 50  JS4 A C32   1 
HETATM 915  N N32   . JS4 C 2 .  ? 7.468   -10.706 -11.703 1.00 44.76 ? 50  JS4 A N32   1 
HETATM 916  C C42   . JS4 C 2 .  ? 5.215   -9.772  -11.927 1.00 44.62 ? 50  JS4 A C42   1 
HETATM 917  C C52   . JS4 C 2 .  ? 3.893   -9.944  -12.771 1.00 45.88 ? 50  JS4 A C52   1 
HETATM 918  O O52   . JS4 C 2 .  ? 3.047   -8.942  -12.247 1.00 47.12 ? 50  JS4 A O52   1 
HETATM 919  C C62   . JS4 C 2 .  ? 3.287   -11.400 -12.582 1.00 46.15 ? 50  JS4 A C62   1 
HETATM 920  O O62   . JS4 C 2 .  ? 2.125   -11.540 -13.337 1.00 47.04 ? 50  JS4 A O62   1 
HETATM 921  C C13   . JS4 C 2 .  ? 1.882   -8.410  -12.664 1.00 47.28 ? 50  JS4 A C13   1 
HETATM 922  C C23   . JS4 C 2 .  ? 0.383   -8.386  -12.782 1.00 48.22 ? 50  JS4 A C23   1 
HETATM 923  O O23   . JS4 C 2 .  ? -0.073  -8.362  -14.182 1.00 51.30 ? 50  JS4 A O23   1 
HETATM 924  C C33   . JS4 C 2 .  ? 0.158   -7.216  -11.876 1.00 46.97 ? 50  JS4 A C33   1 
HETATM 925  C C43   . JS4 C 2 .  ? 1.439   -6.283  -12.144 1.00 43.52 ? 50  JS4 A C43   1 
HETATM 926  O O43   . JS4 C 2 .  ? 2.426   -7.181  -12.301 1.00 44.17 ? 50  JS4 A O43   1 
HETATM 927  C C53   . JS4 C 2 .  ? 1.904   -5.327  -10.996 1.00 40.73 ? 50  JS4 A C53   1 
HETATM 928  O O33   . JS4 C 2 .  ? -0.777  -6.677  -11.030 1.00 49.16 ? 50  JS4 A O33   1 
HETATM 929  O O53   . JS4 C 2 .  ? 2.374   -6.127  -9.880  1.00 41.56 ? 50  JS4 A O53   1 
HETATM 930  C C63   . JS4 C 2 .  ? -0.765  -7.244  -14.848 1.00 55.61 ? 50  JS4 A C63   1 
HETATM 931  C C73   . JS4 C 2 .  ? -0.605  -7.433  -16.358 1.00 60.71 ? 50  JS4 A C73   1 
HETATM 932  N N73   . JS4 C 2 .  ? -0.607  -6.104  -17.017 1.00 65.11 ? 50  JS4 A N73   1 
HETATM 933  C C83   . JS4 C 2 .  ? -0.465  -6.101  -18.549 1.00 68.10 ? 50  JS4 A C83   1 
HETATM 934  C C15   . JS4 C 2 .  ? -0.497  -4.604  -19.118 1.00 69.37 ? 50  JS4 A C15   1 
HETATM 935  C C25   . JS4 C 2 .  ? -0.730  -4.434  -20.508 1.00 70.51 ? 50  JS4 A C25   1 
HETATM 936  N N25   . JS4 C 2 .  ? -0.771  -3.155  -21.067 1.00 69.64 ? 50  JS4 A N25   1 
HETATM 937  C C14   . JS4 C 2 .  ? -1.062  -6.998  -9.671  1.00 49.10 ? 50  JS4 A C14   1 
HETATM 938  C C24   . JS4 C 2 .  ? -2.644  -7.327  -9.640  1.00 50.66 ? 50  JS4 A C24   1 
HETATM 939  N N24   . JS4 C 2 .  ? -3.382  -6.127  -10.146 1.00 50.19 ? 50  JS4 A N24   1 
HETATM 940  C C34   . JS4 C 2 .  ? -3.037  -7.647  -8.164  1.00 51.11 ? 50  JS4 A C34   1 
HETATM 941  O O34   . JS4 C 2 .  ? -2.270  -8.838  -7.776  1.00 53.12 ? 50  JS4 A O34   1 
HETATM 942  C C44   . JS4 C 2 .  ? -2.682  -6.367  -7.215  1.00 51.52 ? 50  JS4 A C44   1 
HETATM 943  O O44   . JS4 C 2 .  ? -3.447  -5.166  -7.610  1.00 52.36 ? 50  JS4 A O44   1 
HETATM 944  C C54   . JS4 C 2 .  ? -1.131  -6.038  -7.314  1.00 51.84 ? 50  JS4 A C54   1 
HETATM 945  O O54   . JS4 C 2 .  ? -0.816  -5.788  -8.774  1.00 51.51 ? 50  JS4 A O54   1 
HETATM 946  C C64   . JS4 C 2 .  ? -0.898  -4.798  -6.399  1.00 52.36 ? 50  JS4 A C64   1 
HETATM 947  N N64   . JS4 C 2 .  ? 0.477   -4.384  -6.399  1.00 57.75 ? 50  JS4 A N64   1 
HETATM 948  C C11   . JS4 D 2 .  ? -5.705  7.920   11.277  1.00 35.63 ? 51  JS4 B C11   1 
HETATM 949  O O11   . JS4 D 2 .  ? -5.918  8.874   12.309  1.00 39.28 ? 51  JS4 B O11   1 
HETATM 950  C C21   . JS4 D 2 .  ? -6.999  7.776   10.387  1.00 35.17 ? 51  JS4 B C21   1 
HETATM 951  N N21   . JS4 D 2 .  ? -7.404  9.082   9.878   1.00 31.39 ? 51  JS4 B N21   1 
HETATM 952  C C31   . JS4 D 2 .  ? -8.155  7.097   11.245  1.00 35.13 ? 51  JS4 B C31   1 
HETATM 953  O O31   . JS4 D 2 .  ? -9.313  6.968   10.434  1.00 35.81 ? 51  JS4 B O31   1 
HETATM 954  C C41   . JS4 D 2 .  ? -7.667  5.719   11.749  1.00 36.51 ? 51  JS4 B C41   1 
HETATM 955  O O41   . JS4 D 2 .  ? -8.712  5.056   12.569  1.00 38.91 ? 51  JS4 B O41   1 
HETATM 956  C C51   . JS4 D 2 .  ? -6.380  5.874   12.625  1.00 36.62 ? 51  JS4 B C51   1 
HETATM 957  O O51   . JS4 D 2 .  ? -5.413  6.533   11.768  1.00 36.01 ? 51  JS4 B O51   1 
HETATM 958  C C61   . JS4 D 2 .  ? -5.976  4.517   13.039  1.00 37.71 ? 51  JS4 B C61   1 
HETATM 959  O O61   . JS4 D 2 .  ? -4.883  4.569   13.812  1.00 40.57 ? 51  JS4 B O61   1 
HETATM 960  C C12   . JS4 D 2 .  ? -3.583  11.723  14.718  1.00 46.29 ? 51  JS4 B C12   1 
HETATM 961  N N12   . JS4 D 2 .  ? -2.432  12.309  15.458  1.00 47.12 ? 51  JS4 B N12   1 
HETATM 962  C C22   . JS4 D 2 .  ? -3.904  10.273  15.303  1.00 44.91 ? 51  JS4 B C22   1 
HETATM 963  C C32   . JS4 D 2 .  ? -5.157  9.589   14.507  1.00 41.12 ? 51  JS4 B C32   1 
HETATM 964  N N32   . JS4 D 2 .  ? -5.458  8.299   15.027  1.00 41.31 ? 51  JS4 B N32   1 
HETATM 965  C C42   . JS4 D 2 .  ? -4.817  9.475   12.970  1.00 42.08 ? 51  JS4 B C42   1 
HETATM 966  C C52   . JS4 D 2 .  ? -4.507  10.919  12.449  1.00 44.82 ? 51  JS4 B C52   1 
HETATM 967  O O52   . JS4 D 2 .  ? -4.244  10.705  11.083  1.00 46.56 ? 51  JS4 B O52   1 
HETATM 968  C C62   . JS4 D 2 .  ? -3.267  11.546  13.217  1.00 46.30 ? 51  JS4 B C62   1 
HETATM 969  O O62   . JS4 D 2 .  ? -3.007  12.835  12.750  1.00 50.06 ? 51  JS4 B O62   1 
HETATM 970  C C13   . JS4 D 2 .  ? -4.199  11.525  10.015  1.00 47.12 ? 51  JS4 B C13   1 
HETATM 971  C C23   . JS4 D 2 .  ? -3.475  12.448  9.089   1.00 48.38 ? 51  JS4 B C23   1 
HETATM 972  O O23   . JS4 D 2 .  ? -4.105  13.776  8.994   1.00 51.69 ? 51  JS4 B O23   1 
HETATM 973  C C33   . JS4 D 2 .  ? -3.425  11.506  7.910   1.00 47.24 ? 51  JS4 B C33   1 
HETATM 974  C C43   . JS4 D 2 .  ? -4.835  10.738  8.008   1.00 43.77 ? 51  JS4 B C43   1 
HETATM 975  O O43   . JS4 D 2 .  ? -4.970  10.569  9.345   1.00 45.41 ? 51  JS4 B O43   1 
HETATM 976  C C53   . JS4 D 2 .  ? -4.939  9.303   7.370   1.00 40.09 ? 51  JS4 B C53   1 
HETATM 977  O O33   . JS4 D 2 .  ? -2.664  11.179  6.810   1.00 50.03 ? 51  JS4 B O33   1 
HETATM 978  O O53   . JS4 D 2 .  ? -4.145  8.362   8.159   1.00 37.71 ? 51  JS4 B O53   1 
HETATM 979  C C63   . JS4 D 2 .  ? -4.735  14.332  7.785   1.00 55.97 ? 51  JS4 B C63   1 
HETATM 980  C C73   . JS4 D 2 .  ? -5.973  15.135  8.186   1.00 60.07 ? 51  JS4 B C73   1 
HETATM 981  N N73   . JS4 D 2 .  ? -6.748  15.366  6.951   1.00 65.51 ? 51  JS4 B N73   1 
HETATM 982  C C83   . JS4 D 2 .  ? -8.049  16.164  7.054   1.00 68.50 ? 51  JS4 B C83   1 
HETATM 983  C C15   . JS4 D 2 .  ? -8.701  16.286  5.599   1.00 69.81 ? 51  JS4 B C15   1 
HETATM 984  C C25   . JS4 D 2 .  ? -7.976  16.964  4.591   1.00 71.15 ? 51  JS4 B C25   1 
HETATM 985  N N25   . JS4 D 2 .  ? -8.513  17.086  3.312   1.00 71.79 ? 51  JS4 B N25   1 
HETATM 986  C C14   . JS4 D 2 .  ? -1.508  10.320  6.663   1.00 50.03 ? 51  JS4 B C14   1 
HETATM 987  C C24   . JS4 D 2 .  ? -0.337  11.284  6.088   1.00 52.48 ? 51  JS4 B C24   1 
HETATM 988  N N24   . JS4 D 2 .  ? -0.820  11.890  4.803   1.00 51.10 ? 51  JS4 B N24   1 
HETATM 989  C C34   . JS4 D 2 .  ? 0.947   10.413  5.845   1.00 52.80 ? 51  JS4 B C34   1 
HETATM 990  O O34   . JS4 D 2 .  ? 1.363   9.871   7.147   1.00 56.71 ? 51  JS4 B O34   1 
HETATM 991  C C44   . JS4 D 2 .  ? 0.595   9.224   4.784   1.00 52.95 ? 51  JS4 B C44   1 
HETATM 992  O O44   . JS4 D 2 .  ? 0.175   9.782   3.478   1.00 55.07 ? 51  JS4 B O44   1 
HETATM 993  C C54   . JS4 D 2 .  ? -0.588  8.319   5.349   1.00 52.11 ? 51  JS4 B C54   1 
HETATM 994  O O54   . JS4 D 2 .  ? -1.764  9.238   5.604   1.00 52.28 ? 51  JS4 B O54   1 
HETATM 995  C C64   . JS4 D 2 .  ? -0.851  7.237   4.248   1.00 52.97 ? 51  JS4 B C64   1 
HETATM 996  N N64   . JS4 D 2 .  ? -1.906  6.329   4.596   1.00 57.04 ? 51  JS4 B N64   1 
HETATM 997  O O     . HOH E 3 .  ? -2.715  -5.504  -12.846 1.00 48.34 ? 100 HOH A O     1 
HETATM 998  O O     . HOH E 3 .  ? -0.707  -2.614  -3.966  1.00 51.02 ? 102 HOH A O     1 
HETATM 999  O O     . HOH E 3 .  ? 0.169   0.730   15.228  1.00 44.46 ? 103 HOH A O     1 
HETATM 1000 O O     . HOH E 3 .  ? -0.570  7.076   8.575   1.00 58.24 ? 106 HOH A O     1 
HETATM 1001 O O     . HOH E 3 .  ? 0.887   -3.710  -16.228 1.00 69.09 ? 109 HOH A O     1 
HETATM 1002 O O     . HOH E 3 .  ? -11.795 -19.090 -16.521 1.00 50.33 ? 112 HOH A O     1 
HETATM 1003 O O     . HOH E 3 .  ? -2.746  -2.189  -2.221  1.00 62.69 ? 113 HOH A O     1 
HETATM 1004 O O     . HOH E 3 .  ? -1.603  3.983   -16.087 1.00 56.07 ? 117 HOH A O     1 
HETATM 1005 O O     . HOH E 3 .  ? -12.268 -6.396  -1.211  1.00 57.29 ? 119 HOH A O     1 
HETATM 1006 O O     . HOH E 3 .  ? -1.450  16.077  3.788   1.00 50.75 ? 122 HOH A O     1 
HETATM 1007 O O     . HOH E 3 .  ? 5.652   6.033   14.653  1.00 65.42 ? 123 HOH A O     1 
HETATM 1008 O O     . HOH E 3 .  ? -8.609  -18.045 -17.359 1.00 56.03 ? 125 HOH A O     1 
HETATM 1009 O O     . HOH E 3 .  ? -2.353  -3.408  -9.559  1.00 63.84 ? 127 HOH A O     1 
HETATM 1010 O O     . HOH E 3 .  ? 3.932   -17.432 -12.744 1.00 55.97 ? 128 HOH A O     1 
HETATM 1011 O O     . HOH E 3 .  ? 6.546   -7.638  -14.738 1.00 55.94 ? 129 HOH A O     1 
HETATM 1012 O O     . HOH E 3 .  ? 19.987  -8.499  -8.218  1.00 42.83 ? 131 HOH A O     1 
HETATM 1013 O O     . HOH E 3 .  ? -11.325 -23.297 -17.462 1.00 62.70 ? 132 HOH A O     1 
HETATM 1014 O O     . HOH E 3 .  ? 0.256   -0.490  -21.472 1.00 54.05 ? 133 HOH A O     1 
HETATM 1015 O O     . HOH E 3 .  ? 2.891   -4.575  8.292   1.00 59.48 ? 134 HOH A O     1 
HETATM 1016 O O     . HOH E 3 .  ? -0.281  -4.131  -13.839 1.00 80.00 ? 136 HOH A O     1 
HETATM 1017 O O     . HOH E 3 .  ? 0.832   -18.400 -3.574  1.00 54.22 ? 137 HOH A O     1 
HETATM 1018 O O     . HOH E 3 .  ? -3.475  -4.498  -3.977  1.00 67.76 ? 140 HOH A O     1 
HETATM 1019 O O     . HOH E 3 .  ? 21.021  -9.932  -5.976  1.00 49.30 ? 144 HOH A O     1 
HETATM 1020 O O     . HOH E 3 .  ? -3.734  5.403   -11.720 1.00 66.59 ? 145 HOH A O     1 
HETATM 1021 O O     . HOH E 3 .  ? -12.959 -16.823 -18.024 1.00 66.23 ? 146 HOH A O     1 
HETATM 1022 O O     . HOH E 3 .  ? -3.499  5.814   -17.206 1.00 53.87 ? 147 HOH A O     1 
HETATM 1023 O O     . HOH E 3 .  ? 5.558   -3.398  -14.151 1.00 65.73 ? 148 HOH A O     1 
HETATM 1024 O O     . HOH E 3 .  ? 22.135  -6.978  -10.089 1.00 58.47 ? 150 HOH A O     1 
HETATM 1025 O O     . HOH E 3 .  ? -1.081  -4.653  -2.239  1.00 70.05 ? 151 HOH A O     1 
HETATM 1026 O O     . HOH E 3 .  ? -8.894  18.413  10.631  1.00 68.83 ? 154 HOH A O     1 
HETATM 1027 O O     . HOH E 3 .  ? -9.536  -0.168  7.426   1.00 53.07 ? 157 HOH A O     1 
HETATM 1028 O O     . HOH E 3 .  ? -12.356 -5.043  1.061   1.00 59.15 ? 158 HOH A O     1 
HETATM 1029 O O     . HOH E 3 .  ? 2.526   6.399   6.838   1.00 51.41 ? 160 HOH A O     1 
HETATM 1030 O O     . HOH F 3 .  ? 1.592   -7.967  -6.843  1.00 57.57 ? 101 HOH B O     1 
HETATM 1031 O O     . HOH F 3 .  ? 7.381   7.785   16.075  1.00 49.39 ? 104 HOH B O     1 
HETATM 1032 O O     . HOH F 3 .  ? 1.731   4.446   0.391   1.00 46.86 ? 105 HOH B O     1 
HETATM 1033 O O     . HOH F 3 .  ? -3.014  13.760  4.978   1.00 58.47 ? 107 HOH B O     1 
HETATM 1034 O O     . HOH F 3 .  ? -0.369  4.363   2.728   1.00 46.57 ? 108 HOH B O     1 
HETATM 1035 O O     . HOH F 3 .  ? 8.453   -12.058 -2.305  1.00 55.10 ? 110 HOH B O     1 
HETATM 1036 O O     . HOH F 3 .  ? -16.970 1.047   21.719  1.00 46.45 ? 111 HOH B O     1 
HETATM 1037 O O     . HOH F 3 .  ? -5.933  -6.517  -13.547 1.00 49.48 ? 114 HOH B O     1 
HETATM 1038 O O     . HOH F 3 .  ? 6.621   24.886  11.119  1.00 60.73 ? 115 HOH B O     1 
HETATM 1039 O O     . HOH F 3 .  ? -9.283  13.014  5.729   1.00 51.54 ? 116 HOH B O     1 
HETATM 1040 O O     . HOH F 3 .  ? 2.349   -15.882 -2.666  1.00 46.01 ? 118 HOH B O     1 
HETATM 1041 O O     . HOH F 3 .  ? -8.345  10.397  12.498  1.00 53.37 ? 120 HOH B O     1 
HETATM 1042 O O     . HOH F 3 .  ? 3.548   23.729  11.593  1.00 45.87 ? 121 HOH B O     1 
HETATM 1043 O O     . HOH F 3 .  ? 9.614   9.674   -1.828  1.00 47.22 ? 124 HOH B O     1 
HETATM 1044 O O     . HOH F 3 .  ? -8.027  -16.074 -20.169 1.00 50.40 ? 126 HOH B O     1 
HETATM 1045 O O     . HOH F 3 .  ? 4.018   -14.618 -25.592 1.00 69.79 ? 130 HOH B O     1 
HETATM 1046 O O     . HOH F 3 .  ? 5.689   -11.940 -21.086 1.00 60.27 ? 135 HOH B O     1 
HETATM 1047 O O     . HOH F 3 .  ? 1.979   6.324   2.581   1.00 60.57 ? 138 HOH B O     1 
HETATM 1048 O O     . HOH F 3 .  ? -3.387  -7.570  -18.435 1.00 75.44 ? 139 HOH B O     1 
HETATM 1049 O O     . HOH F 3 .  ? 1.365   25.297  10.935  1.00 46.50 ? 141 HOH B O     1 
HETATM 1050 O O     . HOH F 3 .  ? 1.832   13.918  0.155   1.00 54.65 ? 142 HOH B O     1 
HETATM 1051 O O     . HOH F 3 .  ? 1.949   3.120   3.284   1.00 58.87 ? 143 HOH B O     1 
HETATM 1052 O O     . HOH F 3 .  ? 12.412  11.170  -1.547  1.00 55.34 ? 149 HOH B O     1 
HETATM 1053 O O     . HOH F 3 .  ? -9.987  9.317   8.610   1.00 55.89 ? 152 HOH B O     1 
HETATM 1054 O O     . HOH F 3 .  ? -9.215  -10.191 -19.389 1.00 58.01 ? 153 HOH B O     1 
HETATM 1055 O O     . HOH F 3 .  ? 9.899   -0.591  -5.988  1.00 51.65 ? 155 HOH B O     1 
HETATM 1056 O O     . HOH F 3 .  ? 1.125   -8.536  -21.356 1.00 62.28 ? 156 HOH B O     1 
HETATM 1057 O O     . HOH F 3 .  ? -11.796 10.556  12.000  1.00 55.14 ? 159 HOH B O     1 
HETATM 1058 O O     . HOH F 3 .  ? 0.558   2.024   1.174   1.00 54.61 ? 161 HOH B O     1 
HETATM 1059 O O     . HOH F 3 .  ? 3.710   -15.465 -22.640 1.00 80.00 ? 162 HOH B O     1 
# 
